data_8R7P
#
_entry.id   8R7P
#
_cell.length_a   1.00
_cell.length_b   1.00
_cell.length_c   1.00
_cell.angle_alpha   90.00
_cell.angle_beta   90.00
_cell.angle_gamma   90.00
#
_symmetry.space_group_name_H-M   'P 1'
#
loop_
_entity.id
_entity.type
_entity.pdbx_description
1 polymer 'Gap junction delta-2 protein'
2 water water
#
_entity_poly.entity_id   1
_entity_poly.type   'polypeptide(L)'
_entity_poly.pdbx_seq_one_letter_code
;MGEWTILERLLEAAVQQHSTMIGRILLTVVVIFRILIVAIVGETVYDDEQTMFVCNTLQPGCNQACYDRAFPISHIRYWV
FQIIMVCTPSLCFITYSVHQSAKQRERRYSTVFLALDRDPPESIGGPGGTGGGGSGGGKREDKKLQNAIVNGVLQNTENT
SKETEPDCLEVKELTPHPSGLRTASKSKLRRQEGISRFYIIQVVFRNALEIGFLVGQYFLYGFSVPGLYECNRYPCIKEV
ECYVSRPTEKTVFLVFMFAVSGICVVLNLAELNHLGWRKIKLAVRGAQAKRKSIYEIRNKDLPRVSVPNFGRTQSSDSAY
VAAALEVLFQ
;
_entity_poly.pdbx_strand_id   L,A,B,C,D,E,F,G,H,I,J,K
#
# COMPACT_ATOMS: atom_id res chain seq x y z
N SER A 19 -6.06 -57.07 -36.52
CA SER A 19 -5.59 -56.17 -35.47
C SER A 19 -6.58 -55.05 -35.22
N THR A 20 -7.76 -55.13 -35.86
CA THR A 20 -8.77 -54.11 -35.67
C THR A 20 -9.33 -54.13 -34.25
N MET A 21 -9.40 -55.30 -33.62
CA MET A 21 -9.94 -55.36 -32.27
C MET A 21 -9.00 -54.69 -31.28
N ILE A 22 -7.69 -55.00 -31.37
CA ILE A 22 -6.73 -54.35 -30.49
C ILE A 22 -6.66 -52.86 -30.79
N GLY A 23 -6.81 -52.50 -32.06
CA GLY A 23 -6.86 -51.08 -32.40
C GLY A 23 -8.03 -50.36 -31.75
N ARG A 24 -9.21 -50.97 -31.81
CA ARG A 24 -10.37 -50.37 -31.16
C ARG A 24 -10.18 -50.28 -29.65
N ILE A 25 -9.63 -51.32 -29.04
CA ILE A 25 -9.39 -51.29 -27.60
C ILE A 25 -8.44 -50.18 -27.24
N LEU A 26 -7.35 -50.04 -28.01
CA LEU A 26 -6.38 -48.98 -27.74
C LEU A 26 -7.00 -47.61 -27.93
N LEU A 27 -7.83 -47.45 -28.96
CA LEU A 27 -8.46 -46.15 -29.20
C LEU A 27 -9.37 -45.78 -28.03
N THR A 28 -10.19 -46.73 -27.58
CA THR A 28 -11.08 -46.46 -26.46
C THR A 28 -10.27 -46.13 -25.20
N VAL A 29 -9.21 -46.87 -24.94
CA VAL A 29 -8.39 -46.63 -23.75
C VAL A 29 -7.77 -45.25 -23.82
N VAL A 30 -7.25 -44.87 -24.99
CA VAL A 30 -6.60 -43.57 -25.12
C VAL A 30 -7.62 -42.44 -24.95
N VAL A 31 -8.81 -42.61 -25.51
CA VAL A 31 -9.84 -41.59 -25.37
C VAL A 31 -10.20 -41.41 -23.89
N ILE A 32 -10.41 -42.52 -23.19
CA ILE A 32 -10.74 -42.44 -21.77
C ILE A 32 -9.59 -41.80 -20.99
N PHE A 33 -8.36 -42.16 -21.34
CA PHE A 33 -7.20 -41.60 -20.65
C PHE A 33 -7.12 -40.09 -20.83
N ARG A 34 -7.33 -39.62 -22.07
CA ARG A 34 -7.31 -38.18 -22.32
C ARG A 34 -8.40 -37.48 -21.55
N ILE A 35 -9.62 -38.04 -21.56
CA ILE A 35 -10.73 -37.42 -20.83
C ILE A 35 -10.39 -37.31 -19.35
N LEU A 36 -9.88 -38.40 -18.78
CA LEU A 36 -9.55 -38.39 -17.36
C LEU A 36 -8.47 -37.36 -17.04
N ILE A 37 -7.40 -37.35 -17.83
CA ILE A 37 -6.31 -36.42 -17.56
C ILE A 37 -6.81 -34.98 -17.61
N VAL A 38 -7.52 -34.63 -18.68
CA VAL A 38 -8.06 -33.27 -18.78
C VAL A 38 -8.92 -32.97 -17.56
N ALA A 39 -10.00 -33.73 -17.39
CA ALA A 39 -10.98 -33.42 -16.35
C ALA A 39 -10.35 -33.36 -14.97
N ILE A 40 -9.24 -34.07 -14.74
CA ILE A 40 -8.67 -34.14 -13.40
C ILE A 40 -7.66 -33.03 -13.16
N VAL A 41 -6.76 -32.75 -14.10
CA VAL A 41 -5.64 -31.86 -13.82
C VAL A 41 -5.69 -30.53 -14.59
N GLY A 42 -6.40 -30.45 -15.72
CA GLY A 42 -6.31 -29.26 -16.54
C GLY A 42 -6.82 -28.03 -15.82
N GLU A 43 -7.99 -28.14 -15.18
CA GLU A 43 -8.58 -26.98 -14.51
C GLU A 43 -7.65 -26.47 -13.42
N THR A 44 -7.07 -27.38 -12.63
CA THR A 44 -6.15 -26.95 -11.59
C THR A 44 -4.90 -26.30 -12.17
N VAL A 45 -4.39 -26.85 -13.27
CA VAL A 45 -3.17 -26.31 -13.86
C VAL A 45 -3.41 -24.88 -14.37
N TYR A 46 -4.57 -24.65 -15.00
CA TYR A 46 -4.86 -23.37 -15.61
C TYR A 46 -5.74 -22.48 -14.73
N ASP A 47 -5.78 -22.73 -13.42
CA ASP A 47 -6.65 -21.96 -12.54
C ASP A 47 -6.17 -20.52 -12.41
N ASP A 48 -4.89 -20.33 -12.14
CA ASP A 48 -4.32 -19.00 -11.89
C ASP A 48 -3.61 -18.44 -13.11
N GLU A 49 -4.10 -18.76 -14.31
CA GLU A 49 -3.43 -18.31 -15.53
C GLU A 49 -3.40 -16.78 -15.60
N GLN A 50 -4.49 -16.12 -15.23
CA GLN A 50 -4.56 -14.67 -15.33
C GLN A 50 -4.16 -13.97 -14.03
N THR A 51 -4.49 -14.56 -12.88
CA THR A 51 -4.14 -13.92 -11.61
C THR A 51 -2.64 -13.82 -11.45
N MET A 52 -1.90 -14.84 -11.87
CA MET A 52 -0.45 -14.85 -11.76
C MET A 52 0.23 -14.29 -13.00
N PHE A 53 -0.53 -13.82 -13.99
CA PHE A 53 0.04 -13.15 -15.14
C PHE A 53 0.31 -11.70 -14.79
N VAL A 54 1.56 -11.26 -14.91
CA VAL A 54 1.97 -9.94 -14.48
C VAL A 54 2.77 -9.28 -15.60
N CYS A 55 2.50 -8.00 -15.84
CA CYS A 55 3.22 -7.20 -16.81
C CYS A 55 3.99 -6.10 -16.09
N ASN A 56 5.19 -5.82 -16.59
CA ASN A 56 6.04 -4.79 -16.00
C ASN A 56 5.57 -3.43 -16.49
N THR A 57 4.60 -2.85 -15.79
CA THR A 57 4.02 -1.58 -16.18
C THR A 57 3.18 -1.06 -15.02
N LEU A 58 2.83 0.22 -15.11
CA LEU A 58 1.91 0.86 -14.18
C LEU A 58 0.59 1.22 -14.84
N GLN A 59 0.45 1.00 -16.13
CA GLN A 59 -0.75 1.40 -16.85
C GLN A 59 -1.93 0.50 -16.45
N PRO A 60 -3.02 1.05 -15.91
CA PRO A 60 -4.18 0.20 -15.63
C PRO A 60 -4.72 -0.41 -16.90
N GLY A 61 -5.14 -1.67 -16.79
CA GLY A 61 -5.73 -2.38 -17.91
C GLY A 61 -4.73 -2.99 -18.88
N CYS A 62 -3.43 -2.78 -18.67
CA CYS A 62 -2.44 -3.38 -19.55
C CYS A 62 -2.35 -4.88 -19.32
N ASN A 63 -2.50 -5.31 -18.07
CA ASN A 63 -2.46 -6.74 -17.77
C ASN A 63 -3.57 -7.48 -18.51
N GLN A 64 -4.78 -6.94 -18.47
CA GLN A 64 -5.91 -7.61 -19.12
C GLN A 64 -5.68 -7.73 -20.62
N ALA A 65 -5.31 -6.62 -21.26
CA ALA A 65 -5.10 -6.64 -22.71
C ALA A 65 -3.97 -7.58 -23.09
N CYS A 66 -2.87 -7.55 -22.35
CA CYS A 66 -1.73 -8.39 -22.69
C CYS A 66 -2.04 -9.87 -22.47
N TYR A 67 -2.73 -10.20 -21.39
CA TYR A 67 -3.12 -11.60 -21.20
C TYR A 67 -4.06 -12.05 -22.31
N ASP A 68 -5.02 -11.19 -22.69
CA ASP A 68 -5.95 -11.58 -23.74
C ASP A 68 -5.22 -11.81 -25.06
N ARG A 69 -4.25 -10.95 -25.38
CA ARG A 69 -3.49 -11.15 -26.61
C ARG A 69 -2.62 -12.39 -26.55
N ALA A 70 -1.99 -12.64 -25.40
CA ALA A 70 -1.08 -13.78 -25.29
C ALA A 70 -1.83 -15.11 -25.38
N PHE A 71 -2.99 -15.20 -24.73
CA PHE A 71 -3.77 -16.43 -24.65
C PHE A 71 -5.20 -16.14 -25.06
N PRO A 72 -5.46 -15.99 -26.37
CA PRO A 72 -6.83 -15.71 -26.80
C PRO A 72 -7.84 -16.74 -26.31
N ILE A 73 -7.45 -18.02 -26.33
CA ILE A 73 -8.27 -19.10 -25.80
C ILE A 73 -7.37 -19.96 -24.93
N SER A 74 -7.82 -20.22 -23.70
CA SER A 74 -7.05 -21.06 -22.80
C SER A 74 -6.94 -22.47 -23.38
N HIS A 75 -5.80 -23.11 -23.11
CA HIS A 75 -5.60 -24.47 -23.62
C HIS A 75 -6.67 -25.41 -23.12
N ILE A 76 -7.07 -25.28 -21.85
CA ILE A 76 -8.02 -26.21 -21.27
C ILE A 76 -9.37 -26.12 -21.98
N ARG A 77 -9.82 -24.91 -22.29
CA ARG A 77 -11.09 -24.75 -22.99
C ARG A 77 -11.01 -25.40 -24.37
N TYR A 78 -9.91 -25.18 -25.09
CA TYR A 78 -9.77 -25.77 -26.41
C TYR A 78 -9.77 -27.29 -26.33
N TRP A 79 -9.09 -27.86 -25.34
CA TRP A 79 -9.03 -29.31 -25.21
C TRP A 79 -10.40 -29.88 -24.84
N VAL A 80 -11.14 -29.20 -23.97
CA VAL A 80 -12.48 -29.67 -23.62
C VAL A 80 -13.37 -29.66 -24.84
N PHE A 81 -13.34 -28.57 -25.61
CA PHE A 81 -14.13 -28.50 -26.83
C PHE A 81 -13.74 -29.61 -27.80
N GLN A 82 -12.44 -29.86 -27.94
CA GLN A 82 -11.97 -30.91 -28.83
C GLN A 82 -12.50 -32.28 -28.37
N ILE A 83 -12.42 -32.55 -27.08
CA ILE A 83 -12.86 -33.85 -26.56
C ILE A 83 -14.34 -34.06 -26.84
N ILE A 84 -15.16 -33.04 -26.53
CA ILE A 84 -16.59 -33.19 -26.75
C ILE A 84 -16.88 -33.37 -28.24
N MET A 85 -16.22 -32.59 -29.10
CA MET A 85 -16.49 -32.69 -30.52
C MET A 85 -16.09 -34.05 -31.08
N VAL A 86 -14.94 -34.57 -30.66
CA VAL A 86 -14.52 -35.87 -31.19
C VAL A 86 -15.40 -36.98 -30.65
N CYS A 87 -15.97 -36.81 -29.44
CA CYS A 87 -16.91 -37.79 -28.94
C CYS A 87 -18.30 -37.66 -29.59
N THR A 88 -18.61 -36.51 -30.18
CA THR A 88 -19.94 -36.31 -30.75
C THR A 88 -20.35 -37.37 -31.76
N PRO A 89 -19.51 -37.78 -32.72
CA PRO A 89 -19.96 -38.85 -33.65
C PRO A 89 -20.37 -40.14 -32.95
N SER A 90 -19.67 -40.51 -31.88
CA SER A 90 -20.07 -41.69 -31.11
C SER A 90 -21.45 -41.49 -30.50
N LEU A 91 -21.72 -40.28 -29.98
CA LEU A 91 -23.05 -40.00 -29.44
C LEU A 91 -24.11 -40.09 -30.53
N CYS A 92 -23.80 -39.59 -31.73
CA CYS A 92 -24.74 -39.69 -32.84
C CYS A 92 -25.03 -41.15 -33.16
N PHE A 93 -23.98 -41.98 -33.22
CA PHE A 93 -24.18 -43.40 -33.53
C PHE A 93 -25.02 -44.08 -32.45
N ILE A 94 -24.74 -43.79 -31.18
CA ILE A 94 -25.49 -44.41 -30.09
C ILE A 94 -26.96 -43.99 -30.14
N THR A 95 -27.21 -42.70 -30.38
CA THR A 95 -28.59 -42.23 -30.48
C THR A 95 -29.30 -42.87 -31.65
N TYR A 96 -28.61 -43.01 -32.79
CA TYR A 96 -29.23 -43.67 -33.94
C TYR A 96 -29.56 -45.13 -33.62
N SER A 97 -28.65 -45.82 -32.95
CA SER A 97 -28.91 -47.21 -32.58
C SER A 97 -30.10 -47.31 -31.64
N VAL A 98 -30.19 -46.41 -30.65
CA VAL A 98 -31.31 -46.44 -29.73
C VAL A 98 -32.62 -46.17 -30.46
N HIS A 99 -32.63 -45.17 -31.34
CA HIS A 99 -33.85 -44.84 -32.06
C HIS A 99 -34.27 -45.99 -32.98
N GLN A 100 -33.31 -46.67 -33.60
CA GLN A 100 -33.64 -47.76 -34.50
C GLN A 100 -34.39 -48.86 -33.77
N SER A 101 -33.94 -49.21 -32.56
CA SER A 101 -34.59 -50.25 -31.76
C SER A 101 -35.82 -49.65 -31.09
N ALA A 102 -37.00 -49.98 -31.62
CA ALA A 102 -38.25 -49.47 -31.09
C ALA A 102 -38.25 -47.95 -31.08
N GLY A 194 -27.61 -52.00 -42.37
CA GLY A 194 -27.92 -50.59 -42.45
C GLY A 194 -27.07 -49.74 -41.52
N ILE A 195 -26.93 -50.19 -40.27
CA ILE A 195 -26.11 -49.46 -39.30
C ILE A 195 -24.64 -49.49 -39.66
N SER A 196 -24.22 -50.41 -40.54
CA SER A 196 -22.82 -50.46 -40.94
C SER A 196 -22.43 -49.18 -41.68
N ARG A 197 -23.30 -48.68 -42.54
CA ARG A 197 -23.01 -47.43 -43.24
C ARG A 197 -22.87 -46.27 -42.26
N PHE A 198 -23.74 -46.22 -41.24
CA PHE A 198 -23.62 -45.18 -40.22
C PHE A 198 -22.31 -45.32 -39.46
N TYR A 199 -21.91 -46.56 -39.16
CA TYR A 199 -20.64 -46.78 -38.47
C TYR A 199 -19.48 -46.25 -39.31
N ILE A 200 -19.48 -46.55 -40.61
CA ILE A 200 -18.40 -46.08 -41.48
C ILE A 200 -18.39 -44.56 -41.54
N ILE A 201 -19.57 -43.95 -41.67
CA ILE A 201 -19.65 -42.50 -41.76
C ILE A 201 -19.13 -41.85 -40.48
N GLN A 202 -19.52 -42.39 -39.32
CA GLN A 202 -19.04 -41.80 -38.07
C GLN A 202 -17.55 -42.02 -37.89
N VAL A 203 -17.01 -43.14 -38.37
CA VAL A 203 -15.56 -43.34 -38.30
C VAL A 203 -14.85 -42.27 -39.14
N VAL A 204 -15.36 -42.04 -40.35
CA VAL A 204 -14.74 -41.03 -41.22
C VAL A 204 -14.81 -39.66 -40.55
N PHE A 205 -15.97 -39.32 -39.99
CA PHE A 205 -16.14 -38.01 -39.37
C PHE A 205 -15.23 -37.85 -38.16
N ARG A 206 -15.12 -38.90 -37.34
CA ARG A 206 -14.23 -38.83 -36.18
C ARG A 206 -12.78 -38.65 -36.61
N ASN A 207 -12.36 -39.37 -37.65
CA ASN A 207 -11.00 -39.20 -38.16
C ASN A 207 -10.77 -37.76 -38.61
N ALA A 208 -11.71 -37.22 -39.39
CA ALA A 208 -11.56 -35.86 -39.88
C ALA A 208 -11.51 -34.86 -38.75
N LEU A 209 -12.39 -35.02 -37.75
CA LEU A 209 -12.42 -34.09 -36.62
C LEU A 209 -11.11 -34.15 -35.83
N GLU A 210 -10.60 -35.36 -35.59
CA GLU A 210 -9.35 -35.48 -34.84
C GLU A 210 -8.20 -34.82 -35.60
N ILE A 211 -8.11 -35.06 -36.91
CA ILE A 211 -7.03 -34.44 -37.69
C ILE A 211 -7.17 -32.92 -37.65
N GLY A 212 -8.38 -32.42 -37.84
CA GLY A 212 -8.58 -30.98 -37.83
C GLY A 212 -8.21 -30.36 -36.50
N PHE A 213 -8.60 -31.00 -35.40
CA PHE A 213 -8.27 -30.45 -34.09
C PHE A 213 -6.77 -30.49 -33.83
N LEU A 214 -6.09 -31.55 -34.25
CA LEU A 214 -4.65 -31.60 -34.10
C LEU A 214 -3.98 -30.47 -34.87
N VAL A 215 -4.39 -30.26 -36.12
CA VAL A 215 -3.80 -29.19 -36.93
C VAL A 215 -4.09 -27.83 -36.31
N GLY A 216 -5.32 -27.63 -35.84
CA GLY A 216 -5.68 -26.37 -35.22
C GLY A 216 -4.87 -26.10 -33.96
N GLN A 217 -4.67 -27.14 -33.13
CA GLN A 217 -3.86 -26.97 -31.93
C GLN A 217 -2.44 -26.58 -32.31
N TYR A 218 -1.86 -27.24 -33.31
CA TYR A 218 -0.50 -26.89 -33.72
C TYR A 218 -0.43 -25.44 -34.19
N PHE A 219 -1.40 -25.02 -35.01
CA PHE A 219 -1.34 -23.67 -35.56
C PHE A 219 -1.70 -22.60 -34.54
N LEU A 220 -2.42 -22.96 -33.49
CA LEU A 220 -2.89 -21.97 -32.52
C LEU A 220 -1.94 -21.82 -31.34
N TYR A 221 -1.32 -22.91 -30.88
CA TYR A 221 -0.48 -22.87 -29.70
C TYR A 221 0.97 -23.25 -29.94
N GLY A 222 1.30 -23.85 -31.08
CA GLY A 222 2.67 -24.29 -31.28
C GLY A 222 2.99 -25.48 -30.39
N PHE A 223 4.24 -25.54 -29.92
CA PHE A 223 4.71 -26.65 -29.12
C PHE A 223 5.26 -26.23 -27.76
N SER A 224 5.24 -24.94 -27.43
CA SER A 224 5.76 -24.49 -26.15
C SER A 224 5.05 -23.22 -25.73
N VAL A 225 5.08 -22.95 -24.42
CA VAL A 225 4.54 -21.73 -23.85
C VAL A 225 5.72 -20.91 -23.34
N PRO A 226 6.12 -19.84 -24.02
CA PRO A 226 7.26 -19.07 -23.55
C PRO A 226 6.99 -18.41 -22.21
N GLY A 227 8.05 -18.28 -21.42
CA GLY A 227 7.93 -17.63 -20.12
C GLY A 227 7.80 -16.13 -20.20
N LEU A 228 8.20 -15.53 -21.31
CA LEU A 228 8.11 -14.09 -21.52
C LEU A 228 7.21 -13.82 -22.71
N TYR A 229 6.44 -12.74 -22.62
CA TYR A 229 5.60 -12.28 -23.71
C TYR A 229 5.86 -10.80 -23.95
N GLU A 230 5.93 -10.41 -25.21
CA GLU A 230 6.16 -9.02 -25.60
C GLU A 230 4.84 -8.46 -26.12
N CYS A 231 4.27 -7.52 -25.38
CA CYS A 231 2.91 -7.05 -25.60
C CYS A 231 2.92 -5.59 -26.01
N ASN A 232 2.29 -5.27 -27.13
CA ASN A 232 2.23 -3.91 -27.65
C ASN A 232 0.81 -3.54 -28.03
N ARG A 233 -0.13 -3.82 -27.13
CA ARG A 233 -1.55 -3.55 -27.35
C ARG A 233 -2.02 -2.45 -26.41
N TYR A 234 -2.91 -1.60 -26.92
CA TYR A 234 -3.48 -0.54 -26.10
C TYR A 234 -4.16 -1.16 -24.87
N PRO A 235 -4.08 -0.52 -23.69
CA PRO A 235 -3.50 0.78 -23.37
C PRO A 235 -2.00 0.74 -23.03
N CYS A 236 -1.34 -0.40 -23.18
CA CYS A 236 0.08 -0.46 -22.87
C CYS A 236 0.86 0.52 -23.73
N ILE A 237 1.78 1.24 -23.10
CA ILE A 237 2.55 2.28 -23.79
C ILE A 237 3.60 1.60 -24.65
N LYS A 238 3.51 1.79 -25.96
CA LYS A 238 4.44 1.17 -26.89
C LYS A 238 4.51 -0.34 -26.68
N GLU A 239 5.55 -0.82 -26.02
CA GLU A 239 5.78 -2.26 -25.88
C GLU A 239 6.25 -2.56 -24.46
N VAL A 240 5.67 -3.60 -23.86
CA VAL A 240 5.95 -3.99 -22.49
C VAL A 240 6.24 -5.48 -22.45
N GLU A 241 6.79 -5.92 -21.32
CA GLU A 241 7.15 -7.31 -21.10
C GLU A 241 6.27 -7.90 -20.02
N CYS A 242 5.67 -9.05 -20.30
CA CYS A 242 4.79 -9.75 -19.37
C CYS A 242 5.32 -11.14 -19.11
N TYR A 243 5.00 -11.67 -17.94
CA TYR A 243 5.57 -12.92 -17.46
C TYR A 243 4.46 -13.93 -17.21
N VAL A 244 4.60 -15.10 -17.80
CA VAL A 244 3.57 -16.13 -17.79
C VAL A 244 3.71 -16.98 -16.54
N SER A 245 2.60 -17.56 -16.10
CA SER A 245 2.56 -18.39 -14.92
C SER A 245 2.81 -19.85 -15.28
N ARG A 246 3.75 -20.47 -14.58
CA ARG A 246 4.13 -21.88 -14.75
C ARG A 246 4.15 -22.28 -16.24
N PRO A 247 4.99 -21.64 -17.05
CA PRO A 247 5.04 -22.00 -18.47
C PRO A 247 5.52 -23.41 -18.74
N THR A 248 6.41 -23.96 -17.91
CA THR A 248 6.95 -25.29 -18.18
C THR A 248 5.86 -26.36 -18.05
N GLU A 249 5.03 -26.27 -17.01
CA GLU A 249 3.95 -27.24 -16.86
C GLU A 249 2.98 -27.17 -18.01
N LYS A 250 2.65 -25.96 -18.46
CA LYS A 250 1.74 -25.81 -19.59
C LYS A 250 2.37 -26.34 -20.87
N THR A 251 3.68 -26.15 -21.05
CA THR A 251 4.35 -26.72 -22.21
C THR A 251 4.30 -28.24 -22.19
N VAL A 252 4.54 -28.83 -21.02
CA VAL A 252 4.47 -30.29 -20.90
C VAL A 252 3.07 -30.77 -21.21
N PHE A 253 2.06 -30.09 -20.67
CA PHE A 253 0.68 -30.47 -20.94
C PHE A 253 0.36 -30.37 -22.43
N LEU A 254 0.82 -29.30 -23.07
CA LEU A 254 0.56 -29.12 -24.49
C LEU A 254 1.20 -30.24 -25.32
N VAL A 255 2.45 -30.56 -25.03
CA VAL A 255 3.13 -31.61 -25.78
C VAL A 255 2.45 -32.96 -25.55
N PHE A 256 2.07 -33.24 -24.29
CA PHE A 256 1.42 -34.50 -23.99
C PHE A 256 0.08 -34.63 -24.72
N MET A 257 -0.71 -33.55 -24.72
CA MET A 257 -1.99 -33.59 -25.41
C MET A 257 -1.79 -33.75 -26.92
N PHE A 258 -0.77 -33.09 -27.47
CA PHE A 258 -0.49 -33.27 -28.89
C PHE A 258 -0.13 -34.73 -29.19
N ALA A 259 0.69 -35.34 -28.33
CA ALA A 259 1.07 -36.73 -28.54
C ALA A 259 -0.15 -37.65 -28.47
N VAL A 260 -1.03 -37.43 -27.49
CA VAL A 260 -2.21 -38.27 -27.36
C VAL A 260 -3.12 -38.11 -28.58
N SER A 261 -3.30 -36.87 -29.04
CA SER A 261 -4.12 -36.64 -30.22
C SER A 261 -3.50 -37.30 -31.45
N GLY A 262 -2.18 -37.26 -31.56
CA GLY A 262 -1.52 -37.94 -32.67
C GLY A 262 -1.73 -39.44 -32.63
N ILE A 263 -1.67 -40.03 -31.43
CA ILE A 263 -1.94 -41.45 -31.30
C ILE A 263 -3.37 -41.75 -31.73
N CYS A 264 -4.33 -40.92 -31.31
CA CYS A 264 -5.71 -41.12 -31.71
C CYS A 264 -5.85 -41.03 -33.23
N VAL A 265 -5.17 -40.07 -33.85
CA VAL A 265 -5.24 -39.90 -35.30
C VAL A 265 -4.68 -41.14 -35.99
N VAL A 266 -3.56 -41.65 -35.50
CA VAL A 266 -2.96 -42.83 -36.10
C VAL A 266 -3.90 -44.03 -35.99
N LEU A 267 -4.51 -44.22 -34.82
CA LEU A 267 -5.43 -45.33 -34.65
C LEU A 267 -6.64 -45.19 -35.57
N ASN A 268 -7.18 -43.97 -35.69
CA ASN A 268 -8.31 -43.76 -36.59
C ASN A 268 -7.94 -44.05 -38.03
N LEU A 269 -6.74 -43.62 -38.45
CA LEU A 269 -6.29 -43.90 -39.81
C LEU A 269 -6.14 -45.40 -40.03
N ALA A 270 -5.62 -46.11 -39.03
CA ALA A 270 -5.50 -47.56 -39.15
C ALA A 270 -6.86 -48.21 -39.30
N GLU A 271 -7.84 -47.76 -38.51
CA GLU A 271 -9.19 -48.30 -38.64
C GLU A 271 -9.76 -48.01 -40.02
N LEU A 272 -9.55 -46.80 -40.53
CA LEU A 272 -10.03 -46.45 -41.86
C LEU A 272 -9.40 -47.34 -42.92
N ASN A 273 -8.09 -47.58 -42.81
CA ASN A 273 -7.43 -48.46 -43.77
C ASN A 273 -7.98 -49.87 -43.69
N HIS A 274 -8.26 -50.35 -42.47
CA HIS A 274 -8.86 -51.66 -42.32
C HIS A 274 -10.23 -51.72 -43.00
N LEU A 275 -11.03 -50.66 -42.85
CA LEU A 275 -12.33 -50.64 -43.50
C LEU A 275 -12.19 -50.71 -45.02
N GLY A 276 -11.23 -49.99 -45.57
CA GLY A 276 -10.99 -50.01 -47.00
C GLY A 276 -11.62 -48.83 -47.70
N TRP A 277 -10.96 -48.37 -48.78
CA TRP A 277 -11.45 -47.23 -49.53
C TRP A 277 -12.73 -47.58 -50.28
N ARG A 278 -12.83 -48.80 -50.80
CA ARG A 278 -13.98 -49.20 -51.58
C ARG A 278 -15.26 -49.28 -50.77
N LYS A 279 -15.16 -49.22 -49.44
CA LYS A 279 -16.35 -49.25 -48.58
C LYS A 279 -16.80 -47.84 -48.21
N ILE A 280 -15.84 -46.94 -47.91
CA ILE A 280 -16.20 -45.55 -47.67
C ILE A 280 -16.71 -44.91 -48.95
N LYS A 281 -16.14 -45.29 -50.09
CA LYS A 281 -16.64 -44.76 -51.36
C LYS A 281 -18.09 -45.14 -51.60
N LEU A 282 -18.44 -46.39 -51.31
CA LEU A 282 -19.81 -46.87 -51.50
C LEU A 282 -20.71 -46.46 -50.34
N SER B 19 -36.11 -38.30 -43.47
CA SER B 19 -34.93 -37.70 -42.85
C SER B 19 -35.27 -37.12 -41.48
N THR B 20 -36.51 -37.34 -41.03
CA THR B 20 -36.90 -36.84 -39.71
C THR B 20 -36.09 -37.50 -38.61
N MET B 21 -35.71 -38.77 -38.78
CA MET B 21 -34.98 -39.46 -37.72
C MET B 21 -33.58 -38.87 -37.56
N ILE B 22 -32.88 -38.64 -38.67
CA ILE B 22 -31.54 -38.05 -38.57
C ILE B 22 -31.65 -36.63 -38.03
N GLY B 23 -32.70 -35.91 -38.40
CA GLY B 23 -32.90 -34.58 -37.85
C GLY B 23 -33.09 -34.60 -36.34
N ARG B 24 -33.91 -35.52 -35.84
CA ARG B 24 -34.11 -35.63 -34.40
C ARG B 24 -32.82 -36.03 -33.70
N ILE B 25 -32.06 -36.95 -34.30
CA ILE B 25 -30.80 -37.37 -33.70
C ILE B 25 -29.84 -36.19 -33.61
N LEU B 26 -29.73 -35.42 -34.70
CA LEU B 26 -28.86 -34.26 -34.70
C LEU B 26 -29.31 -33.24 -33.67
N LEU B 27 -30.61 -33.01 -33.56
CA LEU B 27 -31.11 -32.05 -32.58
C LEU B 27 -30.75 -32.47 -31.17
N THR B 28 -30.97 -33.75 -30.84
CA THR B 28 -30.63 -34.24 -29.51
C THR B 28 -29.14 -34.12 -29.24
N VAL B 29 -28.32 -34.49 -30.24
CA VAL B 29 -26.87 -34.43 -30.06
C VAL B 29 -26.43 -32.99 -29.83
N VAL B 30 -26.98 -32.05 -30.60
CA VAL B 30 -26.59 -30.65 -30.46
C VAL B 30 -27.02 -30.11 -29.09
N VAL B 31 -28.21 -30.48 -28.64
CA VAL B 31 -28.67 -30.02 -27.33
C VAL B 31 -27.74 -30.53 -26.24
N ILE B 32 -27.39 -31.82 -26.29
CA ILE B 32 -26.49 -32.39 -25.30
C ILE B 32 -25.13 -31.72 -25.36
N PHE B 33 -24.65 -31.46 -26.58
CA PHE B 33 -23.36 -30.81 -26.75
C PHE B 33 -23.34 -29.42 -26.13
N ARG B 34 -24.39 -28.64 -26.37
CA ARG B 34 -24.48 -27.31 -25.80
C ARG B 34 -24.53 -27.38 -24.28
N ILE B 35 -25.32 -28.30 -23.73
CA ILE B 35 -25.41 -28.41 -22.28
C ILE B 35 -24.04 -28.75 -21.69
N LEU B 36 -23.35 -29.72 -22.30
CA LEU B 36 -22.04 -30.11 -21.80
C LEU B 36 -21.06 -28.95 -21.85
N ILE B 37 -21.00 -28.25 -22.99
CA ILE B 37 -20.04 -27.16 -23.14
C ILE B 37 -20.30 -26.09 -22.09
N VAL B 38 -21.55 -25.66 -21.97
CA VAL B 38 -21.89 -24.65 -20.96
C VAL B 38 -21.46 -25.14 -19.58
N ALA B 39 -22.06 -26.24 -19.13
CA ALA B 39 -21.84 -26.70 -17.77
C ALA B 39 -20.36 -26.95 -17.46
N ILE B 40 -19.54 -27.23 -18.47
CA ILE B 40 -18.15 -27.58 -18.20
C ILE B 40 -17.25 -26.34 -18.22
N VAL B 41 -17.42 -25.42 -19.16
CA VAL B 41 -16.44 -24.35 -19.33
C VAL B 41 -17.00 -22.95 -19.04
N GLY B 42 -18.31 -22.73 -19.06
CA GLY B 42 -18.81 -21.37 -18.93
C GLY B 42 -18.47 -20.75 -17.59
N GLU B 43 -18.71 -21.49 -16.51
CA GLU B 43 -18.45 -20.96 -15.18
C GLU B 43 -16.98 -20.60 -15.01
N THR B 44 -16.09 -21.46 -15.49
CA THR B 44 -14.66 -21.16 -15.39
C THR B 44 -14.30 -19.93 -16.22
N VAL B 45 -14.87 -19.81 -17.41
CA VAL B 45 -14.53 -18.68 -18.28
C VAL B 45 -14.98 -17.38 -17.63
N TYR B 46 -16.18 -17.35 -17.06
CA TYR B 46 -16.76 -16.13 -16.50
C TYR B 46 -16.55 -16.02 -14.99
N ASP B 47 -15.55 -16.71 -14.45
CA ASP B 47 -15.35 -16.71 -13.01
C ASP B 47 -14.88 -15.36 -12.51
N ASP B 48 -13.87 -14.78 -13.16
CA ASP B 48 -13.26 -13.53 -12.73
C ASP B 48 -13.73 -12.35 -13.58
N GLU B 49 -14.98 -12.37 -14.02
CA GLU B 49 -15.48 -11.29 -14.88
C GLU B 49 -15.40 -9.94 -14.18
N GLN B 50 -15.79 -9.89 -12.90
CA GLN B 50 -15.76 -8.64 -12.15
C GLN B 50 -14.46 -8.43 -11.40
N THR B 51 -13.81 -9.52 -10.96
CA THR B 51 -12.56 -9.36 -10.24
C THR B 51 -11.48 -8.73 -11.11
N MET B 52 -11.41 -9.14 -12.38
CA MET B 52 -10.42 -8.62 -13.30
C MET B 52 -10.92 -7.43 -14.11
N PHE B 53 -12.14 -6.96 -13.85
CA PHE B 53 -12.65 -5.76 -14.49
C PHE B 53 -12.10 -4.54 -13.75
N VAL B 54 -11.35 -3.70 -14.45
CA VAL B 54 -10.67 -2.56 -13.85
C VAL B 54 -10.99 -1.31 -14.63
N CYS B 55 -11.27 -0.22 -13.92
CA CYS B 55 -11.53 1.08 -14.51
C CYS B 55 -10.41 2.03 -14.13
N ASN B 56 -10.03 2.90 -15.06
CA ASN B 56 -8.95 3.87 -14.85
C ASN B 56 -9.53 5.07 -14.09
N THR B 57 -9.61 4.92 -12.78
CA THR B 57 -10.18 5.96 -11.92
C THR B 57 -9.77 5.69 -10.48
N LEU B 58 -9.97 6.71 -9.64
CA LEU B 58 -9.78 6.58 -8.21
C LEU B 58 -11.08 6.66 -7.43
N GLN B 59 -12.19 6.92 -8.11
CA GLN B 59 -13.46 7.10 -7.43
C GLN B 59 -13.94 5.77 -6.86
N PRO B 60 -14.17 5.65 -5.55
CA PRO B 60 -14.73 4.41 -5.01
C PRO B 60 -16.10 4.14 -5.60
N GLY B 61 -16.36 2.86 -5.90
CA GLY B 61 -17.64 2.43 -6.40
C GLY B 61 -17.83 2.63 -7.89
N CYS B 62 -16.87 3.20 -8.59
CA CYS B 62 -17.00 3.36 -10.03
C CYS B 62 -16.82 2.03 -10.76
N ASN B 63 -15.97 1.15 -10.22
CA ASN B 63 -15.79 -0.16 -10.82
C ASN B 63 -17.10 -0.94 -10.85
N GLN B 64 -17.81 -0.95 -9.71
CA GLN B 64 -19.06 -1.68 -9.64
C GLN B 64 -20.09 -1.15 -10.64
N ALA B 65 -20.26 0.17 -10.67
CA ALA B 65 -21.24 0.77 -11.56
C ALA B 65 -20.89 0.51 -13.02
N CYS B 66 -19.62 0.67 -13.38
CA CYS B 66 -19.22 0.47 -14.76
C CYS B 66 -19.37 -0.98 -15.18
N TYR B 67 -19.00 -1.92 -14.30
CA TYR B 67 -19.20 -3.33 -14.64
C TYR B 67 -20.66 -3.65 -14.80
N ASP B 68 -21.51 -3.12 -13.91
CA ASP B 68 -22.93 -3.39 -14.01
C ASP B 68 -23.49 -2.87 -15.33
N ARG B 69 -23.09 -1.66 -15.73
CA ARG B 69 -23.58 -1.11 -16.98
C ARG B 69 -23.07 -1.91 -18.17
N ALA B 70 -21.80 -2.32 -18.14
CA ALA B 70 -21.22 -3.02 -19.27
C ALA B 70 -21.86 -4.40 -19.47
N PHE B 71 -22.08 -5.13 -18.38
CA PHE B 71 -22.61 -6.49 -18.43
C PHE B 71 -23.79 -6.59 -17.49
N PRO B 72 -24.97 -6.11 -17.90
CA PRO B 72 -26.14 -6.20 -17.00
C PRO B 72 -26.44 -7.63 -16.59
N ILE B 73 -26.30 -8.58 -17.51
CA ILE B 73 -26.47 -10.00 -17.23
C ILE B 73 -25.29 -10.74 -17.83
N SER B 74 -24.64 -11.57 -17.02
CA SER B 74 -23.53 -12.36 -17.53
C SER B 74 -24.01 -13.30 -18.62
N HIS B 75 -23.14 -13.52 -19.63
CA HIS B 75 -23.52 -14.42 -20.71
C HIS B 75 -23.85 -15.81 -20.19
N ILE B 76 -23.11 -16.27 -19.19
CA ILE B 76 -23.30 -17.64 -18.70
C ILE B 76 -24.68 -17.80 -18.08
N ARG B 77 -25.12 -16.81 -17.30
CA ARG B 77 -26.46 -16.89 -16.70
C ARG B 77 -27.53 -16.91 -17.78
N TYR B 78 -27.39 -16.06 -18.79
CA TYR B 78 -28.36 -16.03 -19.88
C TYR B 78 -28.42 -17.36 -20.59
N TRP B 79 -27.25 -17.97 -20.86
CA TRP B 79 -27.23 -19.24 -21.57
C TRP B 79 -27.83 -20.35 -20.72
N VAL B 80 -27.56 -20.36 -19.41
CA VAL B 80 -28.15 -21.37 -18.54
C VAL B 80 -29.67 -21.24 -18.54
N PHE B 81 -30.17 -20.01 -18.41
CA PHE B 81 -31.60 -19.81 -18.43
C PHE B 81 -32.19 -20.25 -19.77
N GLN B 82 -31.51 -19.93 -20.87
CA GLN B 82 -31.99 -20.34 -22.19
C GLN B 82 -32.04 -21.86 -22.30
N ILE B 83 -31.03 -22.55 -21.80
CA ILE B 83 -30.99 -24.00 -21.90
C ILE B 83 -32.14 -24.62 -21.12
N ILE B 84 -32.36 -24.14 -19.89
CA ILE B 84 -33.46 -24.70 -19.09
C ILE B 84 -34.80 -24.42 -19.75
N MET B 85 -35.00 -23.20 -20.26
CA MET B 85 -36.26 -22.89 -20.92
C MET B 85 -36.47 -23.75 -22.15
N VAL B 86 -35.43 -23.95 -22.95
CA VAL B 86 -35.57 -24.77 -24.15
C VAL B 86 -35.87 -26.20 -23.80
N CYS B 87 -35.32 -26.70 -22.68
CA CYS B 87 -35.61 -28.06 -22.25
C CYS B 87 -37.00 -28.18 -21.63
N THR B 88 -37.57 -27.08 -21.14
CA THR B 88 -38.85 -27.14 -20.43
C THR B 88 -39.96 -27.84 -21.20
N PRO B 89 -40.20 -27.55 -22.49
CA PRO B 89 -41.25 -28.28 -23.21
C PRO B 89 -41.06 -29.79 -23.20
N SER B 90 -39.81 -30.25 -23.32
CA SER B 90 -39.55 -31.68 -23.26
C SER B 90 -39.93 -32.25 -21.90
N LEU B 91 -39.61 -31.52 -20.82
CA LEU B 91 -40.00 -31.96 -19.50
C LEU B 91 -41.52 -32.01 -19.35
N CYS B 92 -42.21 -31.02 -19.92
CA CYS B 92 -43.67 -31.03 -19.89
C CYS B 92 -44.21 -32.27 -20.60
N PHE B 93 -43.66 -32.59 -21.77
CA PHE B 93 -44.10 -33.76 -22.51
C PHE B 93 -43.84 -35.04 -21.73
N ILE B 94 -42.66 -35.15 -21.10
CA ILE B 94 -42.35 -36.35 -20.35
C ILE B 94 -43.28 -36.49 -19.15
N THR B 95 -43.55 -35.39 -18.45
CA THR B 95 -44.45 -35.46 -17.31
C THR B 95 -45.86 -35.84 -17.75
N TYR B 96 -46.32 -35.30 -18.88
CA TYR B 96 -47.62 -35.67 -19.39
C TYR B 96 -47.67 -37.15 -19.73
N SER B 97 -46.61 -37.67 -20.37
CA SER B 97 -46.58 -39.09 -20.70
C SER B 97 -46.62 -39.95 -19.45
N VAL B 98 -45.85 -39.57 -18.42
CA VAL B 98 -45.84 -40.34 -17.18
C VAL B 98 -47.21 -40.32 -16.53
N HIS B 99 -47.84 -39.15 -16.46
CA HIS B 99 -49.15 -39.03 -15.83
C HIS B 99 -50.20 -39.84 -16.60
N GLN B 100 -50.10 -39.84 -17.93
CA GLN B 100 -51.08 -40.59 -18.72
C GLN B 100 -51.04 -42.08 -18.38
N SER B 101 -49.84 -42.64 -18.22
CA SER B 101 -49.68 -44.05 -17.87
C SER B 101 -49.91 -44.20 -16.38
N ALA B 102 -51.08 -44.72 -16.00
CA ALA B 102 -51.43 -44.91 -14.60
C ALA B 102 -51.34 -43.59 -13.84
N GLY B 194 -53.70 -39.18 -29.05
CA GLY B 194 -53.86 -38.06 -28.15
C GLY B 194 -52.56 -37.34 -27.84
N ILE B 195 -51.51 -38.12 -27.54
CA ILE B 195 -50.22 -37.53 -27.23
C ILE B 195 -49.58 -36.91 -28.46
N SER B 196 -50.06 -37.23 -29.67
CA SER B 196 -49.53 -36.61 -30.87
C SER B 196 -49.77 -35.11 -30.88
N ARG B 197 -50.96 -34.68 -30.43
CA ARG B 197 -51.24 -33.25 -30.34
C ARG B 197 -50.29 -32.57 -29.36
N PHE B 198 -50.04 -33.20 -28.21
CA PHE B 198 -49.11 -32.64 -27.25
C PHE B 198 -47.70 -32.55 -27.84
N TYR B 199 -47.30 -33.58 -28.60
CA TYR B 199 -45.99 -33.54 -29.23
C TYR B 199 -45.89 -32.38 -30.22
N ILE B 200 -46.93 -32.18 -31.03
CA ILE B 200 -46.92 -31.07 -31.97
C ILE B 200 -46.83 -29.75 -31.23
N ILE B 201 -47.62 -29.59 -30.17
CA ILE B 201 -47.62 -28.34 -29.42
C ILE B 201 -46.26 -28.08 -28.80
N GLN B 202 -45.64 -29.12 -28.22
CA GLN B 202 -44.34 -28.92 -27.59
C GLN B 202 -43.25 -28.63 -28.62
N VAL B 203 -43.35 -29.22 -29.82
CA VAL B 203 -42.41 -28.89 -30.89
C VAL B 203 -42.53 -27.43 -31.26
N VAL B 204 -43.77 -26.96 -31.44
CA VAL B 204 -43.98 -25.56 -31.79
C VAL B 204 -43.43 -24.64 -30.70
N PHE B 205 -43.71 -24.97 -29.44
CA PHE B 205 -43.26 -24.12 -28.34
C PHE B 205 -41.74 -24.11 -28.26
N ARG B 206 -41.09 -25.27 -28.44
CA ARG B 206 -39.64 -25.31 -28.42
C ARG B 206 -39.06 -24.47 -29.54
N ASN B 207 -39.64 -24.56 -30.74
CA ASN B 207 -39.16 -23.74 -31.85
C ASN B 207 -39.28 -22.26 -31.53
N ALA B 208 -40.44 -21.85 -31.00
CA ALA B 208 -40.64 -20.44 -30.67
C ALA B 208 -39.65 -19.97 -29.61
N LEU B 209 -39.45 -20.79 -28.57
CA LEU B 209 -38.52 -20.41 -27.51
C LEU B 209 -37.10 -20.29 -28.04
N GLU B 210 -36.67 -21.22 -28.89
CA GLU B 210 -35.32 -21.15 -29.43
C GLU B 210 -35.14 -19.90 -30.28
N ILE B 211 -36.11 -19.59 -31.13
CA ILE B 211 -36.00 -18.39 -31.96
C ILE B 211 -35.95 -17.15 -31.08
N GLY B 212 -36.83 -17.08 -30.07
CA GLY B 212 -36.85 -15.92 -29.20
C GLY B 212 -35.54 -15.74 -28.46
N PHE B 213 -34.96 -16.83 -27.96
CA PHE B 213 -33.71 -16.72 -27.23
C PHE B 213 -32.56 -16.32 -28.15
N LEU B 214 -32.55 -16.82 -29.38
CA LEU B 214 -31.52 -16.41 -30.33
C LEU B 214 -31.63 -14.91 -30.60
N VAL B 215 -32.84 -14.43 -30.85
CA VAL B 215 -33.03 -13.00 -31.12
C VAL B 215 -32.62 -12.17 -29.91
N GLY B 216 -33.01 -12.63 -28.71
CA GLY B 216 -32.63 -11.91 -27.51
C GLY B 216 -31.13 -11.85 -27.31
N GLN B 217 -30.45 -12.96 -27.56
CA GLN B 217 -29.00 -12.97 -27.47
C GLN B 217 -28.40 -11.94 -28.42
N TYR B 218 -28.86 -11.94 -29.67
CA TYR B 218 -28.31 -10.99 -30.64
C TYR B 218 -28.54 -9.55 -30.18
N PHE B 219 -29.75 -9.24 -29.71
CA PHE B 219 -30.06 -7.87 -29.35
C PHE B 219 -29.41 -7.45 -28.03
N LEU B 220 -29.06 -8.40 -27.17
CA LEU B 220 -28.55 -8.08 -25.85
C LEU B 220 -27.03 -8.02 -25.81
N TYR B 221 -26.34 -8.89 -26.58
CA TYR B 221 -24.90 -8.95 -26.54
C TYR B 221 -24.22 -8.68 -27.88
N GLY B 222 -24.92 -8.83 -29.00
CA GLY B 222 -24.30 -8.64 -30.29
C GLY B 222 -23.45 -9.83 -30.68
N PHE B 223 -22.27 -9.58 -31.26
CA PHE B 223 -21.40 -10.64 -31.72
C PHE B 223 -19.98 -10.56 -31.18
N SER B 224 -19.66 -9.57 -30.36
CA SER B 224 -18.31 -9.44 -29.84
C SER B 224 -18.36 -8.77 -28.47
N VAL B 225 -17.30 -8.99 -27.70
CA VAL B 225 -17.11 -8.34 -26.40
C VAL B 225 -15.92 -7.40 -26.53
N PRO B 226 -16.13 -6.08 -26.63
CA PRO B 226 -14.99 -5.18 -26.81
C PRO B 226 -14.08 -5.19 -25.59
N GLY B 227 -12.79 -5.00 -25.85
CA GLY B 227 -11.82 -4.95 -24.76
C GLY B 227 -11.88 -3.69 -23.94
N LEU B 228 -12.42 -2.61 -24.49
CA LEU B 228 -12.57 -1.35 -23.80
C LEU B 228 -14.04 -1.01 -23.67
N TYR B 229 -14.39 -0.37 -22.56
CA TYR B 229 -15.75 0.10 -22.30
C TYR B 229 -15.68 1.53 -21.82
N GLU B 230 -16.55 2.38 -22.36
CA GLU B 230 -16.61 3.78 -21.98
C GLU B 230 -17.82 3.96 -21.07
N CYS B 231 -17.56 4.22 -19.79
CA CYS B 231 -18.58 4.23 -18.76
C CYS B 231 -18.75 5.63 -18.21
N ASN B 232 -19.98 6.12 -18.17
CA ASN B 232 -20.30 7.47 -17.71
C ASN B 232 -21.46 7.44 -16.74
N ARG B 233 -21.39 6.55 -15.76
CA ARG B 233 -22.44 6.37 -14.77
C ARG B 233 -21.94 6.81 -13.39
N TYR B 234 -22.82 7.40 -12.60
CA TYR B 234 -22.47 7.79 -11.26
C TYR B 234 -22.01 6.56 -10.47
N PRO B 235 -20.98 6.69 -9.61
CA PRO B 235 -20.26 7.90 -9.18
C PRO B 235 -19.09 8.28 -10.07
N CYS B 236 -18.88 7.61 -11.19
CA CYS B 236 -17.75 7.94 -12.06
C CYS B 236 -17.87 9.38 -12.54
N ILE B 237 -16.74 10.09 -12.53
CA ILE B 237 -16.71 11.50 -12.89
C ILE B 237 -16.76 11.62 -14.40
N LYS B 238 -17.84 12.20 -14.92
CA LYS B 238 -18.02 12.38 -16.35
C LYS B 238 -17.91 11.05 -17.08
N GLU B 239 -16.74 10.74 -17.63
CA GLU B 239 -16.57 9.56 -18.47
C GLU B 239 -15.23 8.93 -18.19
N VAL B 240 -15.22 7.61 -18.01
CA VAL B 240 -14.03 6.85 -17.67
C VAL B 240 -13.91 5.66 -18.61
N GLU B 241 -12.71 5.10 -18.67
CA GLU B 241 -12.40 3.95 -19.52
C GLU B 241 -12.15 2.74 -18.63
N CYS B 242 -12.82 1.63 -18.94
CA CYS B 242 -12.68 0.39 -18.21
C CYS B 242 -12.25 -0.71 -19.17
N TYR B 243 -11.57 -1.71 -18.62
CA TYR B 243 -10.95 -2.76 -19.41
C TYR B 243 -11.52 -4.11 -19.02
N VAL B 244 -11.96 -4.87 -20.01
CA VAL B 244 -12.67 -6.12 -19.80
C VAL B 244 -11.66 -7.25 -19.67
N SER B 245 -12.07 -8.31 -18.97
CA SER B 245 -11.24 -9.48 -18.76
C SER B 245 -11.46 -10.50 -19.87
N ARG B 246 -10.36 -10.95 -20.47
CA ARG B 246 -10.35 -11.94 -21.55
C ARG B 246 -11.51 -11.71 -22.53
N PRO B 247 -11.56 -10.56 -23.20
CA PRO B 247 -12.64 -10.32 -24.16
C PRO B 247 -12.66 -11.29 -25.33
N THR B 248 -11.49 -11.76 -25.79
CA THR B 248 -11.46 -12.62 -26.96
C THR B 248 -12.12 -13.97 -26.69
N GLU B 249 -11.84 -14.57 -25.53
CA GLU B 249 -12.44 -15.85 -25.20
C GLU B 249 -13.96 -15.71 -25.08
N LYS B 250 -14.43 -14.62 -24.47
CA LYS B 250 -15.86 -14.41 -24.35
C LYS B 250 -16.50 -14.17 -25.71
N THR B 251 -15.80 -13.47 -26.62
CA THR B 251 -16.32 -13.30 -27.97
C THR B 251 -16.44 -14.65 -28.68
N VAL B 252 -15.42 -15.49 -28.55
CA VAL B 252 -15.47 -16.81 -29.18
C VAL B 252 -16.63 -17.61 -28.61
N PHE B 253 -16.80 -17.58 -27.29
CA PHE B 253 -17.90 -18.30 -26.67
C PHE B 253 -19.25 -17.79 -27.16
N LEU B 254 -19.39 -16.47 -27.27
CA LEU B 254 -20.64 -15.88 -27.73
C LEU B 254 -20.96 -16.32 -29.15
N VAL B 255 -19.98 -16.25 -30.04
CA VAL B 255 -20.20 -16.64 -31.43
C VAL B 255 -20.53 -18.13 -31.52
N PHE B 256 -19.82 -18.95 -30.76
CA PHE B 256 -20.07 -20.39 -30.80
C PHE B 256 -21.48 -20.71 -30.31
N MET B 257 -21.91 -20.08 -29.22
CA MET B 257 -23.26 -20.32 -28.72
C MET B 257 -24.30 -19.84 -29.70
N PHE B 258 -24.06 -18.70 -30.36
CA PHE B 258 -24.99 -18.24 -31.38
C PHE B 258 -25.09 -19.25 -32.52
N ALA B 259 -23.96 -19.80 -32.95
CA ALA B 259 -23.98 -20.79 -34.03
C ALA B 259 -24.74 -22.03 -33.62
N VAL B 260 -24.52 -22.52 -32.39
CA VAL B 260 -25.22 -23.71 -31.93
C VAL B 260 -26.73 -23.45 -31.85
N SER B 261 -27.11 -22.27 -31.33
CA SER B 261 -28.53 -21.93 -31.25
C SER B 261 -29.13 -21.84 -32.64
N GLY B 262 -28.39 -21.30 -33.61
CA GLY B 262 -28.89 -21.24 -34.97
C GLY B 262 -29.09 -22.62 -35.57
N ILE B 263 -28.15 -23.53 -35.30
CA ILE B 263 -28.32 -24.90 -35.76
C ILE B 263 -29.57 -25.53 -35.14
N CYS B 264 -29.78 -25.31 -33.85
CA CYS B 264 -30.98 -25.82 -33.20
C CYS B 264 -32.24 -25.24 -33.84
N VAL B 265 -32.23 -23.95 -34.13
CA VAL B 265 -33.39 -23.32 -34.75
C VAL B 265 -33.66 -23.92 -36.12
N VAL B 266 -32.60 -24.14 -36.91
CA VAL B 266 -32.78 -24.71 -38.24
C VAL B 266 -33.36 -26.12 -38.14
N LEU B 267 -32.84 -26.92 -37.21
CA LEU B 267 -33.35 -28.27 -37.05
C LEU B 267 -34.81 -28.26 -36.62
N ASN B 268 -35.16 -27.36 -35.70
CA ASN B 268 -36.55 -27.27 -35.25
C ASN B 268 -37.47 -26.86 -36.40
N LEU B 269 -37.02 -25.90 -37.22
CA LEU B 269 -37.82 -25.49 -38.37
C LEU B 269 -37.99 -26.63 -39.35
N ALA B 270 -36.93 -27.42 -39.56
CA ALA B 270 -37.05 -28.58 -40.44
C ALA B 270 -38.06 -29.59 -39.90
N GLU B 271 -38.02 -29.85 -38.59
CA GLU B 271 -38.98 -30.76 -38.00
C GLU B 271 -40.41 -30.23 -38.16
N LEU B 272 -40.59 -28.93 -37.93
CA LEU B 272 -41.92 -28.34 -38.10
C LEU B 272 -42.41 -28.47 -39.54
N ASN B 273 -41.52 -28.23 -40.50
CA ASN B 273 -41.89 -28.38 -41.90
C ASN B 273 -42.27 -29.83 -42.21
N HIS B 274 -41.53 -30.78 -41.65
CA HIS B 274 -41.88 -32.19 -41.83
C HIS B 274 -43.26 -32.47 -41.26
N LEU B 275 -43.58 -31.89 -40.10
CA LEU B 275 -44.91 -32.04 -39.53
C LEU B 275 -45.97 -31.44 -40.45
N GLY B 276 -45.69 -30.25 -40.99
CA GLY B 276 -46.61 -29.61 -41.91
C GLY B 276 -47.61 -28.72 -41.20
N TRP B 277 -48.03 -27.66 -41.91
CA TRP B 277 -49.01 -26.74 -41.34
C TRP B 277 -50.34 -27.44 -41.10
N ARG B 278 -50.73 -28.35 -42.00
CA ARG B 278 -52.04 -28.98 -41.89
C ARG B 278 -52.22 -29.66 -40.54
N LYS B 279 -51.12 -30.08 -39.90
CA LYS B 279 -51.21 -30.74 -38.60
C LYS B 279 -51.09 -29.75 -37.44
N ILE B 280 -50.24 -28.74 -37.55
CA ILE B 280 -50.09 -27.79 -36.46
C ILE B 280 -51.36 -26.95 -36.32
N LYS B 281 -51.99 -26.61 -37.44
CA LYS B 281 -53.25 -25.86 -37.38
C LYS B 281 -54.32 -26.67 -36.65
N LEU B 282 -54.41 -27.97 -36.93
CA LEU B 282 -55.44 -28.82 -36.34
C LEU B 282 -54.96 -29.38 -35.01
N SER C 19 -59.19 -29.78 -16.70
CA SER C 19 -57.89 -29.19 -16.97
C SER C 19 -56.96 -29.29 -15.76
N THR C 20 -57.29 -30.21 -14.85
CA THR C 20 -56.47 -30.39 -13.66
C THR C 20 -55.15 -31.08 -13.98
N MET C 21 -55.14 -32.00 -14.94
CA MET C 21 -53.92 -32.72 -15.28
C MET C 21 -52.86 -31.76 -15.82
N ILE C 22 -53.26 -30.87 -16.74
CA ILE C 22 -52.31 -29.91 -17.28
C ILE C 22 -51.85 -28.95 -16.20
N GLY C 23 -52.75 -28.60 -15.28
CA GLY C 23 -52.35 -27.74 -14.17
C GLY C 23 -51.28 -28.40 -13.31
N ARG C 24 -51.48 -29.67 -12.97
CA ARG C 24 -50.48 -30.38 -12.18
C ARG C 24 -49.15 -30.49 -12.93
N ILE C 25 -49.22 -30.78 -14.23
CA ILE C 25 -48.00 -30.90 -15.03
C ILE C 25 -47.24 -29.57 -15.02
N LEU C 26 -47.97 -28.47 -15.24
CA LEU C 26 -47.33 -27.16 -15.26
C LEU C 26 -46.75 -26.82 -13.90
N LEU C 27 -47.46 -27.14 -12.82
CA LEU C 27 -46.95 -26.84 -11.49
C LEU C 27 -45.65 -27.61 -11.23
N THR C 28 -45.64 -28.90 -11.56
CA THR C 28 -44.42 -29.68 -11.36
C THR C 28 -43.27 -29.14 -12.19
N VAL C 29 -43.54 -28.80 -13.45
CA VAL C 29 -42.49 -28.29 -14.33
C VAL C 29 -41.94 -26.98 -13.79
N VAL C 30 -42.82 -26.09 -13.33
CA VAL C 30 -42.37 -24.79 -12.82
C VAL C 30 -41.55 -24.98 -11.55
N VAL C 31 -41.98 -25.89 -10.67
CA VAL C 31 -41.23 -26.13 -9.45
C VAL C 31 -39.82 -26.64 -9.78
N ILE C 32 -39.74 -27.61 -10.69
CA ILE C 32 -38.44 -28.15 -11.06
C ILE C 32 -37.58 -27.07 -11.70
N PHE C 33 -38.18 -26.24 -12.54
CA PHE C 33 -37.45 -25.17 -13.21
C PHE C 33 -36.89 -24.17 -12.19
N ARG C 34 -37.70 -23.78 -11.21
CA ARG C 34 -37.22 -22.86 -10.18
C ARG C 34 -36.07 -23.49 -9.40
N ILE C 35 -36.21 -24.77 -9.02
CA ILE C 35 -35.15 -25.43 -8.27
C ILE C 35 -33.86 -25.43 -9.08
N LEU C 36 -33.95 -25.79 -10.36
CA LEU C 36 -32.77 -25.85 -11.21
C LEU C 36 -32.12 -24.48 -11.32
N ILE C 37 -32.92 -23.44 -11.62
CA ILE C 37 -32.36 -22.11 -11.80
C ILE C 37 -31.64 -21.66 -10.55
N VAL C 38 -32.30 -21.76 -9.40
CA VAL C 38 -31.65 -21.38 -8.15
C VAL C 38 -30.35 -22.15 -7.99
N ALA C 39 -30.44 -23.47 -7.89
CA ALA C 39 -29.28 -24.29 -7.56
C ALA C 39 -28.12 -24.07 -8.54
N ILE C 40 -28.41 -23.69 -9.78
CA ILE C 40 -27.36 -23.57 -10.78
C ILE C 40 -26.73 -22.18 -10.77
N VAL C 41 -27.53 -21.11 -10.79
CA VAL C 41 -26.99 -19.78 -11.03
C VAL C 41 -26.96 -18.90 -9.78
N GLY C 42 -27.85 -19.12 -8.81
CA GLY C 42 -27.97 -18.17 -7.72
C GLY C 42 -26.71 -18.05 -6.89
N GLU C 43 -26.09 -19.19 -6.56
CA GLU C 43 -24.90 -19.17 -5.72
C GLU C 43 -23.78 -18.39 -6.40
N THR C 44 -23.59 -18.61 -7.71
CA THR C 44 -22.57 -17.86 -8.43
C THR C 44 -22.91 -16.38 -8.49
N VAL C 45 -24.19 -16.04 -8.69
CA VAL C 45 -24.58 -14.64 -8.80
C VAL C 45 -24.29 -13.91 -7.49
N TYR C 46 -24.60 -14.54 -6.36
CA TYR C 46 -24.46 -13.90 -5.05
C TYR C 46 -23.17 -14.32 -4.35
N ASP C 47 -22.10 -14.57 -5.10
CA ASP C 47 -20.86 -15.03 -4.49
C ASP C 47 -20.06 -13.87 -3.91
N ASP C 48 -19.83 -12.83 -4.70
CA ASP C 48 -19.04 -11.68 -4.28
C ASP C 48 -19.91 -10.54 -3.78
N GLU C 49 -21.04 -10.87 -3.15
CA GLU C 49 -21.96 -9.83 -2.70
C GLU C 49 -21.31 -8.90 -1.69
N GLN C 50 -20.52 -9.44 -0.77
CA GLN C 50 -19.87 -8.64 0.25
C GLN C 50 -18.45 -8.23 -0.12
N THR C 51 -17.71 -9.08 -0.83
CA THR C 51 -16.35 -8.72 -1.22
C THR C 51 -16.34 -7.51 -2.14
N MET C 52 -17.31 -7.43 -3.05
CA MET C 52 -17.41 -6.32 -3.98
C MET C 52 -18.28 -5.18 -3.46
N PHE C 53 -18.81 -5.31 -2.25
CA PHE C 53 -19.54 -4.21 -1.61
C PHE C 53 -18.54 -3.25 -0.99
N VAL C 54 -18.58 -1.98 -1.43
CA VAL C 54 -17.61 -0.99 -1.02
C VAL C 54 -18.34 0.27 -0.58
N CYS C 55 -17.87 0.88 0.51
CA CYS C 55 -18.39 2.13 1.01
C CYS C 55 -17.30 3.20 0.93
N ASN C 56 -17.74 4.43 0.67
CA ASN C 56 -16.82 5.56 0.53
C ASN C 56 -16.51 6.09 1.92
N THR C 57 -15.53 5.45 2.57
CA THR C 57 -15.16 5.82 3.93
C THR C 57 -13.81 5.18 4.26
N LEU C 58 -13.21 5.67 5.34
CA LEU C 58 -12.00 5.10 5.89
C LEU C 58 -12.23 4.42 7.23
N GLN C 59 -13.44 4.47 7.76
CA GLN C 59 -13.72 3.90 9.07
C GLN C 59 -13.67 2.38 9.02
N PRO C 60 -12.80 1.73 9.79
CA PRO C 60 -12.83 0.26 9.84
C PRO C 60 -14.18 -0.24 10.33
N GLY C 61 -14.67 -1.31 9.71
CA GLY C 61 -15.91 -1.93 10.11
C GLY C 61 -17.16 -1.27 9.56
N CYS C 62 -17.03 -0.16 8.83
CA CYS C 62 -18.20 0.47 8.25
C CYS C 62 -18.75 -0.37 7.10
N ASN C 63 -17.87 -1.02 6.34
CA ASN C 63 -18.33 -1.86 5.25
C ASN C 63 -19.20 -2.99 5.77
N GLN C 64 -18.76 -3.65 6.85
CA GLN C 64 -19.53 -4.77 7.39
C GLN C 64 -20.90 -4.32 7.86
N ALA C 65 -20.95 -3.24 8.64
CA ALA C 65 -22.24 -2.77 9.15
C ALA C 65 -23.16 -2.33 8.02
N CYS C 66 -22.62 -1.61 7.04
CA CYS C 66 -23.46 -1.12 5.96
C CYS C 66 -23.98 -2.27 5.10
N TYR C 67 -23.14 -3.27 4.81
CA TYR C 67 -23.62 -4.41 4.06
C TYR C 67 -24.68 -5.18 4.84
N ASP C 68 -24.47 -5.36 6.15
CA ASP C 68 -25.44 -6.09 6.95
C ASP C 68 -26.78 -5.37 6.97
N ARG C 69 -26.75 -4.03 7.07
CA ARG C 69 -28.01 -3.29 7.06
C ARG C 69 -28.67 -3.33 5.69
N ALA C 70 -27.89 -3.22 4.62
CA ALA C 70 -28.46 -3.19 3.28
C ALA C 70 -29.09 -4.52 2.91
N PHE C 71 -28.43 -5.63 3.26
CA PHE C 71 -28.87 -6.97 2.88
C PHE C 71 -28.91 -7.85 4.13
N PRO C 72 -29.94 -7.68 4.97
CA PRO C 72 -30.01 -8.51 6.19
C PRO C 72 -29.99 -9.99 5.91
N ILE C 73 -30.67 -10.42 4.85
CA ILE C 73 -30.65 -11.81 4.40
C ILE C 73 -30.42 -11.80 2.90
N SER C 74 -29.44 -12.58 2.45
CA SER C 74 -29.17 -12.66 1.02
C SER C 74 -30.38 -13.26 0.31
N HIS C 75 -30.63 -12.78 -0.91
CA HIS C 75 -31.77 -13.29 -1.68
C HIS C 75 -31.68 -14.79 -1.86
N ILE C 76 -30.47 -15.31 -2.10
CA ILE C 76 -30.31 -16.73 -2.38
C ILE C 76 -30.70 -17.57 -1.19
N ARG C 77 -30.31 -17.16 0.02
CA ARG C 77 -30.71 -17.90 1.21
C ARG C 77 -32.22 -17.91 1.38
N TYR C 78 -32.86 -16.76 1.17
CA TYR C 78 -34.31 -16.69 1.27
C TYR C 78 -34.97 -17.61 0.26
N TRP C 79 -34.47 -17.63 -0.97
CA TRP C 79 -35.08 -18.47 -2.00
C TRP C 79 -34.87 -19.94 -1.72
N VAL C 80 -33.70 -20.33 -1.22
CA VAL C 80 -33.46 -21.73 -0.86
C VAL C 80 -34.43 -22.14 0.24
N PHE C 81 -34.55 -21.30 1.27
CA PHE C 81 -35.48 -21.62 2.35
C PHE C 81 -36.90 -21.73 1.83
N GLN C 82 -37.31 -20.82 0.94
CA GLN C 82 -38.65 -20.87 0.38
C GLN C 82 -38.87 -22.16 -0.40
N ILE C 83 -37.90 -22.56 -1.20
CA ILE C 83 -38.05 -23.75 -2.02
C ILE C 83 -38.21 -24.98 -1.13
N ILE C 84 -37.35 -25.10 -0.11
CA ILE C 84 -37.43 -26.26 0.76
C ILE C 84 -38.76 -26.27 1.50
N MET C 85 -39.19 -25.11 2.00
CA MET C 85 -40.44 -25.05 2.76
C MET C 85 -41.64 -25.41 1.87
N VAL C 86 -41.64 -24.91 0.64
CA VAL C 86 -42.74 -25.21 -0.27
C VAL C 86 -42.75 -26.68 -0.63
N CYS C 87 -41.58 -27.30 -0.75
CA CYS C 87 -41.54 -28.73 -1.03
C CYS C 87 -41.89 -29.58 0.19
N THR C 88 -41.79 -29.03 1.39
CA THR C 88 -42.02 -29.81 2.60
C THR C 88 -43.37 -30.53 2.62
N PRO C 89 -44.50 -29.90 2.27
CA PRO C 89 -45.76 -30.66 2.27
C PRO C 89 -45.75 -31.87 1.37
N SER C 90 -45.08 -31.78 0.20
CA SER C 90 -44.97 -32.94 -0.67
C SER C 90 -44.18 -34.05 0.02
N LEU C 91 -43.11 -33.69 0.73
CA LEU C 91 -42.35 -34.68 1.48
C LEU C 91 -43.21 -35.33 2.56
N CYS C 92 -44.02 -34.53 3.25
CA CYS C 92 -44.92 -35.08 4.26
C CYS C 92 -45.88 -36.08 3.64
N PHE C 93 -46.47 -35.72 2.49
CA PHE C 93 -47.40 -36.63 1.83
C PHE C 93 -46.71 -37.91 1.40
N ILE C 94 -45.50 -37.79 0.84
CA ILE C 94 -44.78 -38.98 0.38
C ILE C 94 -44.45 -39.88 1.56
N THR C 95 -43.99 -39.30 2.67
CA THR C 95 -43.68 -40.10 3.85
C THR C 95 -44.93 -40.78 4.39
N TYR C 96 -46.05 -40.08 4.42
CA TYR C 96 -47.30 -40.69 4.86
C TYR C 96 -47.69 -41.86 3.96
N SER C 97 -47.56 -41.68 2.64
CA SER C 97 -47.91 -42.76 1.73
C SER C 97 -46.99 -43.96 1.93
N VAL C 98 -45.69 -43.72 2.11
CA VAL C 98 -44.76 -44.83 2.30
C VAL C 98 -45.06 -45.56 3.60
N HIS C 99 -45.32 -44.81 4.68
CA HIS C 99 -45.59 -45.45 5.97
C HIS C 99 -46.91 -46.20 5.94
N GLN C 100 -47.90 -45.71 5.21
CA GLN C 100 -49.19 -46.40 5.14
C GLN C 100 -49.02 -47.80 4.54
N SER C 101 -48.22 -47.91 3.49
CA SER C 101 -47.98 -49.20 2.84
C SER C 101 -46.97 -49.98 3.68
N ALA C 102 -47.46 -50.95 4.45
CA ALA C 102 -46.61 -51.75 5.31
C ALA C 102 -45.83 -50.88 6.28
N GLY C 194 -58.82 -42.37 2.39
CA GLY C 194 -58.18 -41.76 3.54
C GLY C 194 -57.07 -40.81 3.14
N ILE C 195 -56.25 -41.22 2.18
CA ILE C 195 -55.15 -40.38 1.72
C ILE C 195 -55.66 -39.16 0.97
N SER C 196 -56.91 -39.15 0.53
CA SER C 196 -57.45 -37.97 -0.16
C SER C 196 -57.49 -36.78 0.78
N ARG C 197 -57.86 -37.00 2.05
CA ARG C 197 -57.86 -35.91 3.01
C ARG C 197 -56.46 -35.33 3.19
N PHE C 198 -55.45 -36.21 3.28
CA PHE C 198 -54.08 -35.73 3.39
C PHE C 198 -53.66 -34.96 2.15
N TYR C 199 -54.08 -35.43 0.97
CA TYR C 199 -53.77 -34.71 -0.26
C TYR C 199 -54.35 -33.31 -0.23
N ILE C 200 -55.62 -33.19 0.17
CA ILE C 200 -56.26 -31.88 0.23
C ILE C 200 -55.56 -30.98 1.23
N ILE C 201 -55.22 -31.53 2.40
CA ILE C 201 -54.57 -30.73 3.43
C ILE C 201 -53.22 -30.23 2.94
N GLN C 202 -52.44 -31.10 2.31
CA GLN C 202 -51.13 -30.67 1.82
C GLN C 202 -51.27 -29.65 0.69
N VAL C 203 -52.29 -29.77 -0.15
CA VAL C 203 -52.51 -28.77 -1.19
C VAL C 203 -52.79 -27.41 -0.55
N VAL C 204 -53.66 -27.40 0.46
CA VAL C 204 -53.98 -26.15 1.15
C VAL C 204 -52.72 -25.56 1.78
N PHE C 205 -51.94 -26.39 2.45
CA PHE C 205 -50.74 -25.90 3.11
C PHE C 205 -49.72 -25.37 2.12
N ARG C 206 -49.55 -26.06 0.98
CA ARG C 206 -48.64 -25.58 -0.05
C ARG C 206 -49.09 -24.23 -0.59
N ASN C 207 -50.39 -24.09 -0.85
CA ASN C 207 -50.91 -22.81 -1.32
C ASN C 207 -50.62 -21.71 -0.32
N ALA C 208 -50.90 -21.96 0.97
CA ALA C 208 -50.67 -20.94 2.00
C ALA C 208 -49.19 -20.59 2.09
N LEU C 209 -48.31 -21.59 2.06
CA LEU C 209 -46.88 -21.33 2.16
C LEU C 209 -46.40 -20.50 0.97
N GLU C 210 -46.84 -20.85 -0.24
CA GLU C 210 -46.41 -20.11 -1.41
C GLU C 210 -46.87 -18.65 -1.34
N ILE C 211 -48.13 -18.43 -0.95
CA ILE C 211 -48.62 -17.05 -0.85
C ILE C 211 -47.83 -16.29 0.20
N GLY C 212 -47.60 -16.92 1.36
CA GLY C 212 -46.85 -16.24 2.41
C GLY C 212 -45.44 -15.89 1.99
N PHE C 213 -44.77 -16.80 1.28
CA PHE C 213 -43.40 -16.53 0.84
C PHE C 213 -43.38 -15.43 -0.21
N LEU C 214 -44.36 -15.41 -1.12
CA LEU C 214 -44.43 -14.32 -2.09
C LEU C 214 -44.60 -12.98 -1.40
N VAL C 215 -45.52 -12.91 -0.43
CA VAL C 215 -45.75 -11.65 0.28
C VAL C 215 -44.50 -11.25 1.05
N GLY C 216 -43.85 -12.20 1.69
CA GLY C 216 -42.63 -11.89 2.44
C GLY C 216 -41.53 -11.39 1.54
N GLN C 217 -41.36 -12.00 0.37
CA GLN C 217 -40.36 -11.52 -0.58
C GLN C 217 -40.66 -10.09 -1.00
N TYR C 218 -41.93 -9.80 -1.31
CA TYR C 218 -42.27 -8.44 -1.71
C TYR C 218 -41.97 -7.45 -0.60
N PHE C 219 -42.33 -7.77 0.64
CA PHE C 219 -42.14 -6.84 1.74
C PHE C 219 -40.70 -6.74 2.19
N LEU C 220 -39.87 -7.74 1.89
CA LEU C 220 -38.49 -7.75 2.35
C LEU C 220 -37.51 -7.21 1.33
N TYR C 221 -37.77 -7.39 0.03
CA TYR C 221 -36.82 -6.99 -1.00
C TYR C 221 -37.38 -6.02 -2.02
N GLY C 222 -38.69 -5.85 -2.10
CA GLY C 222 -39.24 -4.99 -3.13
C GLY C 222 -39.09 -5.63 -4.51
N PHE C 223 -38.89 -4.80 -5.52
CA PHE C 223 -38.79 -5.24 -6.89
C PHE C 223 -37.48 -4.86 -7.58
N SER C 224 -36.56 -4.23 -6.87
CA SER C 224 -35.30 -3.83 -7.47
C SER C 224 -34.21 -3.76 -6.40
N VAL C 225 -32.97 -3.86 -6.86
CA VAL C 225 -31.81 -3.72 -5.97
C VAL C 225 -31.09 -2.43 -6.36
N PRO C 226 -31.23 -1.35 -5.60
CA PRO C 226 -30.58 -0.09 -5.98
C PRO C 226 -29.06 -0.23 -6.00
N GLY C 227 -28.44 0.48 -6.93
CA GLY C 227 -26.99 0.46 -7.02
C GLY C 227 -26.30 1.28 -5.95
N LEU C 228 -27.03 2.18 -5.31
CA LEU C 228 -26.50 3.02 -4.24
C LEU C 228 -27.27 2.75 -2.95
N TYR C 229 -26.55 2.71 -1.84
CA TYR C 229 -27.16 2.55 -0.53
C TYR C 229 -26.66 3.66 0.39
N GLU C 230 -27.56 4.22 1.19
CA GLU C 230 -27.23 5.28 2.13
C GLU C 230 -27.24 4.67 3.52
N CYS C 231 -26.06 4.51 4.11
CA CYS C 231 -25.89 3.78 5.35
C CYS C 231 -25.47 4.73 6.45
N ASN C 232 -26.22 4.73 7.55
CA ASN C 232 -25.96 5.61 8.70
C ASN C 232 -25.93 4.81 9.99
N ARG C 233 -25.18 3.71 9.98
CA ARG C 233 -25.08 2.81 11.11
C ARG C 233 -23.68 2.88 11.71
N TYR C 234 -23.60 2.76 13.03
CA TYR C 234 -22.31 2.75 13.70
C TYR C 234 -21.47 1.58 13.17
N PRO C 235 -20.16 1.76 12.98
CA PRO C 235 -19.30 2.91 13.32
C PRO C 235 -19.21 3.97 12.23
N CYS C 236 -20.01 3.88 11.17
CA CYS C 236 -19.93 4.87 10.11
C CYS C 236 -20.28 6.25 10.65
N ILE C 237 -19.49 7.25 10.26
CA ILE C 237 -19.68 8.60 10.77
C ILE C 237 -20.90 9.22 10.10
N LYS C 238 -21.90 9.54 10.89
CA LYS C 238 -23.14 10.13 10.38
C LYS C 238 -23.71 9.28 9.25
N GLU C 239 -23.48 9.67 8.00
CA GLU C 239 -24.11 9.02 6.86
C GLU C 239 -23.09 8.86 5.75
N VAL C 240 -22.99 7.66 5.20
CA VAL C 240 -22.04 7.34 4.15
C VAL C 240 -22.79 6.69 2.99
N GLU C 241 -22.10 6.60 1.85
CA GLU C 241 -22.66 6.04 0.63
C GLU C 241 -21.89 4.78 0.28
N CYS C 242 -22.64 3.71 -0.01
CA CYS C 242 -22.07 2.41 -0.36
C CYS C 242 -22.60 1.98 -1.71
N TYR C 243 -21.81 1.17 -2.41
CA TYR C 243 -22.10 0.78 -3.78
C TYR C 243 -22.25 -0.73 -3.86
N VAL C 244 -23.34 -1.16 -4.46
CA VAL C 244 -23.72 -2.57 -4.51
C VAL C 244 -23.07 -3.24 -5.71
N SER C 245 -22.86 -4.54 -5.61
CA SER C 245 -22.24 -5.32 -6.67
C SER C 245 -23.31 -5.88 -7.59
N ARG C 246 -23.13 -5.67 -8.90
CA ARG C 246 -24.01 -6.16 -9.95
C ARG C 246 -25.48 -6.03 -9.55
N PRO C 247 -25.96 -4.82 -9.24
CA PRO C 247 -27.37 -4.66 -8.85
C PRO C 247 -28.36 -5.02 -9.96
N THR C 248 -28.01 -4.81 -11.22
CA THR C 248 -28.97 -5.08 -12.30
C THR C 248 -29.27 -6.57 -12.40
N GLU C 249 -28.25 -7.41 -12.32
CA GLU C 249 -28.47 -8.85 -12.42
C GLU C 249 -29.29 -9.35 -11.24
N LYS C 250 -29.03 -8.81 -10.04
CA LYS C 250 -29.82 -9.20 -8.87
C LYS C 250 -31.25 -8.73 -9.00
N THR C 251 -31.48 -7.54 -9.58
CA THR C 251 -32.83 -7.09 -9.83
C THR C 251 -33.56 -8.01 -10.79
N VAL C 252 -32.88 -8.41 -11.86
CA VAL C 252 -33.49 -9.34 -12.83
C VAL C 252 -33.83 -10.65 -12.14
N PHE C 253 -32.91 -11.17 -11.33
CA PHE C 253 -33.16 -12.42 -10.62
C PHE C 253 -34.36 -12.28 -9.68
N LEU C 254 -34.44 -11.16 -8.96
CA LEU C 254 -35.54 -10.93 -8.03
C LEU C 254 -36.87 -10.91 -8.78
N VAL C 255 -36.94 -10.17 -9.88
CA VAL C 255 -38.19 -10.07 -10.63
C VAL C 255 -38.57 -11.43 -11.21
N PHE C 256 -37.59 -12.17 -11.74
CA PHE C 256 -37.89 -13.48 -12.31
C PHE C 256 -38.40 -14.44 -11.24
N MET C 257 -37.77 -14.44 -10.07
CA MET C 257 -38.22 -15.33 -9.00
C MET C 257 -39.62 -14.94 -8.53
N PHE C 258 -39.90 -13.64 -8.46
CA PHE C 258 -41.25 -13.21 -8.10
C PHE C 258 -42.26 -13.69 -9.13
N ALA C 259 -41.93 -13.59 -10.42
CA ALA C 259 -42.86 -14.05 -11.45
C ALA C 259 -43.09 -15.55 -11.34
N VAL C 260 -42.04 -16.33 -11.12
CA VAL C 260 -42.19 -17.78 -11.02
C VAL C 260 -43.04 -18.13 -9.80
N SER C 261 -42.80 -17.47 -8.67
CA SER C 261 -43.60 -17.72 -7.48
C SER C 261 -45.06 -17.35 -7.71
N GLY C 262 -45.30 -16.25 -8.44
CA GLY C 262 -46.67 -15.89 -8.76
C GLY C 262 -47.36 -16.91 -9.63
N ILE C 263 -46.63 -17.47 -10.60
CA ILE C 263 -47.19 -18.53 -11.42
C ILE C 263 -47.53 -19.74 -10.56
N CYS C 264 -46.65 -20.10 -9.65
CA CYS C 264 -46.93 -21.21 -8.74
C CYS C 264 -48.16 -20.94 -7.90
N VAL C 265 -48.30 -19.71 -7.40
CA VAL C 265 -49.46 -19.36 -6.59
C VAL C 265 -50.73 -19.46 -7.40
N VAL C 266 -50.70 -18.99 -8.65
CA VAL C 266 -51.88 -19.06 -9.51
C VAL C 266 -52.27 -20.50 -9.76
N LEU C 267 -51.27 -21.36 -10.05
CA LEU C 267 -51.58 -22.77 -10.28
C LEU C 267 -52.16 -23.43 -9.05
N ASN C 268 -51.60 -23.12 -7.87
CA ASN C 268 -52.12 -23.69 -6.63
C ASN C 268 -53.56 -23.23 -6.38
N LEU C 269 -53.83 -21.95 -6.65
CA LEU C 269 -55.20 -21.46 -6.48
C LEU C 269 -56.16 -22.13 -7.44
N ALA C 270 -55.71 -22.37 -8.68
CA ALA C 270 -56.55 -23.09 -9.63
C ALA C 270 -56.84 -24.51 -9.14
N GLU C 271 -55.82 -25.19 -8.62
CA GLU C 271 -56.04 -26.53 -8.08
C GLU C 271 -57.02 -26.48 -6.91
N LEU C 272 -56.88 -25.49 -6.03
CA LEU C 272 -57.80 -25.37 -4.90
C LEU C 272 -59.22 -25.15 -5.38
N ASN C 273 -59.41 -24.28 -6.38
CA ASN C 273 -60.75 -24.04 -6.90
C ASN C 273 -61.32 -25.31 -7.52
N HIS C 274 -60.48 -26.07 -8.24
CA HIS C 274 -60.94 -27.34 -8.79
C HIS C 274 -61.38 -28.28 -7.69
N LEU C 275 -60.62 -28.35 -6.60
CA LEU C 275 -61.02 -29.21 -5.48
C LEU C 275 -62.34 -28.76 -4.88
N GLY C 276 -62.50 -27.46 -4.67
CA GLY C 276 -63.77 -26.90 -4.23
C GLY C 276 -63.79 -26.63 -2.73
N TRP C 277 -64.57 -25.61 -2.36
CA TRP C 277 -64.58 -25.15 -0.97
C TRP C 277 -65.24 -26.16 -0.05
N ARG C 278 -66.35 -26.75 -0.50
CA ARG C 278 -67.07 -27.73 0.31
C ARG C 278 -66.22 -28.93 0.67
N LYS C 279 -65.11 -29.16 -0.02
CA LYS C 279 -64.33 -30.36 0.15
C LYS C 279 -63.13 -30.12 1.06
N ILE C 280 -62.52 -28.94 0.96
CA ILE C 280 -61.52 -28.54 1.95
C ILE C 280 -62.19 -28.31 3.30
N LYS C 281 -63.42 -27.78 3.28
CA LYS C 281 -64.12 -27.56 4.54
C LYS C 281 -64.38 -28.87 5.27
N LEU C 282 -64.75 -29.92 4.54
CA LEU C 282 -65.00 -31.22 5.14
C LEU C 282 -63.71 -32.00 5.32
N SER D 19 -52.16 -40.80 16.99
CA SER D 19 -51.47 -39.64 16.44
C SER D 19 -49.95 -39.88 16.39
N THR D 20 -49.53 -41.11 16.65
CA THR D 20 -48.11 -41.42 16.62
C THR D 20 -47.56 -41.38 15.20
N MET D 21 -48.37 -41.81 14.22
CA MET D 21 -47.89 -41.84 12.85
C MET D 21 -47.59 -40.43 12.34
N ILE D 22 -48.49 -39.49 12.60
CA ILE D 22 -48.25 -38.11 12.16
C ILE D 22 -47.05 -37.53 12.87
N GLY D 23 -46.87 -37.88 14.15
CA GLY D 23 -45.70 -37.41 14.87
C GLY D 23 -44.40 -37.91 14.26
N ARG D 24 -44.36 -39.20 13.92
CA ARG D 24 -43.17 -39.76 13.30
C ARG D 24 -42.91 -39.13 11.94
N ILE D 25 -43.97 -38.93 11.15
CA ILE D 25 -43.81 -38.31 9.84
C ILE D 25 -43.25 -36.90 9.98
N LEU D 26 -43.81 -36.13 10.92
CA LEU D 26 -43.34 -34.76 11.15
C LEU D 26 -41.89 -34.76 11.60
N LEU D 27 -41.52 -35.68 12.49
CA LEU D 27 -40.14 -35.74 12.97
C LEU D 27 -39.19 -36.02 11.83
N THR D 28 -39.53 -37.00 10.99
CA THR D 28 -38.67 -37.31 9.84
C THR D 28 -38.55 -36.13 8.91
N VAL D 29 -39.67 -35.46 8.63
CA VAL D 29 -39.66 -34.33 7.71
C VAL D 29 -38.80 -33.21 8.27
N VAL D 30 -38.93 -32.93 9.57
CA VAL D 30 -38.17 -31.85 10.17
C VAL D 30 -36.68 -32.18 10.16
N VAL D 31 -36.33 -33.43 10.43
CA VAL D 31 -34.92 -33.82 10.41
C VAL D 31 -34.34 -33.62 9.01
N ILE D 32 -35.07 -34.08 8.00
CA ILE D 32 -34.59 -33.92 6.62
C ILE D 32 -34.49 -32.44 6.27
N PHE D 33 -35.46 -31.64 6.73
CA PHE D 33 -35.45 -30.22 6.44
C PHE D 33 -34.23 -29.54 7.04
N ARG D 34 -33.92 -29.87 8.30
CA ARG D 34 -32.75 -29.29 8.95
C ARG D 34 -31.47 -29.70 8.23
N ILE D 35 -31.36 -30.99 7.87
CA ILE D 35 -30.16 -31.45 7.18
C ILE D 35 -29.99 -30.70 5.86
N LEU D 36 -31.07 -30.57 5.09
CA LEU D 36 -31.00 -29.89 3.81
C LEU D 36 -30.58 -28.43 3.99
N ILE D 37 -31.23 -27.73 4.93
CA ILE D 37 -30.94 -26.31 5.12
C ILE D 37 -29.47 -26.13 5.48
N VAL D 38 -28.99 -26.89 6.47
CA VAL D 38 -27.59 -26.78 6.86
C VAL D 38 -26.71 -27.03 5.65
N ALA D 39 -26.80 -28.24 5.07
CA ALA D 39 -25.88 -28.64 4.01
C ALA D 39 -25.89 -27.67 2.85
N ILE D 40 -27.01 -27.00 2.60
CA ILE D 40 -27.12 -26.14 1.42
C ILE D 40 -26.61 -24.73 1.69
N VAL D 41 -27.02 -24.11 2.80
CA VAL D 41 -26.76 -22.68 2.98
C VAL D 41 -25.75 -22.37 4.08
N GLY D 42 -25.53 -23.26 5.05
CA GLY D 42 -24.68 -22.90 6.17
C GLY D 42 -23.26 -22.61 5.77
N GLU D 43 -22.69 -23.48 4.92
CA GLU D 43 -21.31 -23.29 4.49
C GLU D 43 -21.13 -21.95 3.80
N THR D 44 -22.05 -21.60 2.90
CA THR D 44 -21.95 -20.32 2.21
C THR D 44 -22.10 -19.16 3.17
N VAL D 45 -23.02 -19.27 4.14
CA VAL D 45 -23.24 -18.18 5.07
C VAL D 45 -22.00 -17.93 5.92
N TYR D 46 -21.36 -19.00 6.39
CA TYR D 46 -20.21 -18.89 7.27
C TYR D 46 -18.88 -19.05 6.53
N ASP D 47 -18.80 -18.60 5.29
CA ASP D 47 -17.58 -18.77 4.51
C ASP D 47 -16.54 -17.71 4.86
N ASP D 48 -16.93 -16.44 4.84
CA ASP D 48 -16.02 -15.33 5.11
C ASP D 48 -16.13 -14.85 6.56
N GLU D 49 -16.40 -15.76 7.49
CA GLU D 49 -16.56 -15.36 8.88
C GLU D 49 -15.30 -14.69 9.41
N GLN D 50 -14.14 -15.25 9.10
CA GLN D 50 -12.88 -14.68 9.56
C GLN D 50 -12.25 -13.73 8.56
N THR D 51 -12.48 -13.95 7.27
CA THR D 51 -11.92 -13.06 6.26
C THR D 51 -12.48 -11.65 6.39
N MET D 52 -13.78 -11.54 6.65
CA MET D 52 -14.44 -10.25 6.79
C MET D 52 -14.50 -9.77 8.23
N PHE D 53 -13.89 -10.48 9.16
CA PHE D 53 -13.80 -10.04 10.54
C PHE D 53 -12.63 -9.07 10.67
N VAL D 54 -12.90 -7.85 11.12
CA VAL D 54 -11.91 -6.79 11.16
C VAL D 54 -11.92 -6.15 12.54
N CYS D 55 -10.74 -5.88 13.08
CA CYS D 55 -10.57 -5.20 14.36
C CYS D 55 -9.89 -3.86 14.13
N ASN D 56 -10.35 -2.85 14.86
CA ASN D 56 -9.78 -1.50 14.75
C ASN D 56 -8.47 -1.46 15.52
N THR D 57 -7.39 -1.82 14.85
CA THR D 57 -6.08 -1.88 15.49
C THR D 57 -5.02 -2.05 14.41
N LEU D 58 -3.77 -1.81 14.80
CA LEU D 58 -2.62 -2.06 13.95
C LEU D 58 -1.76 -3.22 14.45
N GLN D 59 -2.09 -3.79 15.59
CA GLN D 59 -1.29 -4.86 16.16
C GLN D 59 -1.41 -6.12 15.32
N PRO D 60 -0.32 -6.66 14.79
CA PRO D 60 -0.41 -7.94 14.08
C PRO D 60 -0.88 -9.05 15.01
N GLY D 61 -1.73 -9.93 14.48
CA GLY D 61 -2.24 -11.04 15.24
C GLY D 61 -3.40 -10.73 16.15
N CYS D 62 -3.84 -9.47 16.22
CA CYS D 62 -4.99 -9.14 17.05
C CYS D 62 -6.27 -9.64 16.42
N ASN D 63 -6.37 -9.61 15.10
CA ASN D 63 -7.56 -10.11 14.43
C ASN D 63 -7.77 -11.59 14.72
N GLN D 64 -6.70 -12.39 14.63
CA GLN D 64 -6.82 -13.81 14.87
C GLN D 64 -7.28 -14.09 16.30
N ALA D 65 -6.64 -13.47 17.28
CA ALA D 65 -7.00 -13.71 18.67
C ALA D 65 -8.43 -13.26 18.96
N CYS D 66 -8.82 -12.09 18.45
CA CYS D 66 -10.15 -11.58 18.72
C CYS D 66 -11.21 -12.44 18.06
N TYR D 67 -10.98 -12.89 16.83
CA TYR D 67 -11.94 -13.77 16.19
C TYR D 67 -12.05 -15.10 16.93
N ASP D 68 -10.92 -15.64 17.37
CA ASP D 68 -10.94 -16.90 18.10
C ASP D 68 -11.73 -16.76 19.40
N ARG D 69 -11.55 -15.64 20.10
CA ARG D 69 -12.28 -15.44 21.35
C ARG D 69 -13.77 -15.22 21.09
N ALA D 70 -14.10 -14.49 20.02
CA ALA D 70 -15.50 -14.18 19.75
C ALA D 70 -16.28 -15.42 19.31
N PHE D 71 -15.68 -16.25 18.47
CA PHE D 71 -16.33 -17.43 17.91
C PHE D 71 -15.44 -18.64 18.14
N PRO D 72 -15.40 -19.18 19.37
CA PRO D 72 -14.55 -20.35 19.61
C PRO D 72 -14.87 -21.51 18.70
N ILE D 73 -16.14 -21.75 18.42
CA ILE D 73 -16.59 -22.77 17.48
C ILE D 73 -17.61 -22.13 16.55
N SER D 74 -17.40 -22.27 15.25
CA SER D 74 -18.35 -21.73 14.30
C SER D 74 -19.70 -22.41 14.45
N HIS D 75 -20.77 -21.64 14.24
CA HIS D 75 -22.11 -22.20 14.36
C HIS D 75 -22.30 -23.39 13.44
N ILE D 76 -21.76 -23.31 12.22
CA ILE D 76 -21.98 -24.36 11.24
C ILE D 76 -21.35 -25.68 11.71
N ARG D 77 -20.15 -25.62 12.27
CA ARG D 77 -19.51 -26.82 12.77
C ARG D 77 -20.33 -27.46 13.89
N TYR D 78 -20.81 -26.63 14.82
CA TYR D 78 -21.61 -27.14 15.93
C TYR D 78 -22.89 -27.79 15.40
N TRP D 79 -23.54 -27.15 14.43
CA TRP D 79 -24.79 -27.70 13.91
C TRP D 79 -24.55 -29.01 13.16
N VAL D 80 -23.46 -29.09 12.39
CA VAL D 80 -23.15 -30.33 11.69
C VAL D 80 -22.91 -31.45 12.70
N PHE D 81 -22.12 -31.16 13.73
CA PHE D 81 -21.86 -32.17 14.76
C PHE D 81 -23.16 -32.60 15.43
N GLN D 82 -24.03 -31.63 15.74
CA GLN D 82 -25.31 -31.96 16.35
C GLN D 82 -26.14 -32.86 15.45
N ILE D 83 -26.19 -32.55 14.15
CA ILE D 83 -27.00 -33.34 13.23
C ILE D 83 -26.50 -34.77 13.18
N ILE D 84 -25.18 -34.95 13.04
CA ILE D 84 -24.63 -36.29 12.97
C ILE D 84 -24.90 -37.04 14.26
N MET D 85 -24.69 -36.38 15.41
CA MET D 85 -24.88 -37.06 16.69
C MET D 85 -26.33 -37.47 16.89
N VAL D 86 -27.28 -36.60 16.55
CA VAL D 86 -28.69 -36.96 16.74
C VAL D 86 -29.11 -38.04 15.77
N CYS D 87 -28.49 -38.10 14.59
CA CYS D 87 -28.79 -39.19 13.66
C CYS D 87 -28.11 -40.50 14.07
N THR D 88 -27.06 -40.44 14.90
CA THR D 88 -26.32 -41.65 15.27
C THR D 88 -27.21 -42.76 15.84
N PRO D 89 -28.12 -42.49 16.78
CA PRO D 89 -28.97 -43.59 17.28
C PRO D 89 -29.74 -44.32 16.19
N SER D 90 -30.24 -43.58 15.19
CA SER D 90 -30.92 -44.23 14.08
C SER D 90 -29.96 -45.14 13.31
N LEU D 91 -28.71 -44.70 13.12
CA LEU D 91 -27.72 -45.54 12.48
C LEU D 91 -27.46 -46.80 13.29
N CYS D 92 -27.39 -46.66 14.62
CA CYS D 92 -27.20 -47.83 15.47
C CYS D 92 -28.36 -48.80 15.31
N PHE D 93 -29.59 -48.29 15.30
CA PHE D 93 -30.76 -49.15 15.15
C PHE D 93 -30.74 -49.86 13.80
N ILE D 94 -30.41 -49.13 12.73
CA ILE D 94 -30.39 -49.74 11.40
C ILE D 94 -29.31 -50.82 11.32
N THR D 95 -28.13 -50.54 11.87
CA THR D 95 -27.06 -51.53 11.86
C THR D 95 -27.44 -52.76 12.67
N TYR D 96 -28.09 -52.57 13.81
CA TYR D 96 -28.54 -53.70 14.60
C TYR D 96 -29.56 -54.53 13.83
N SER D 97 -30.51 -53.87 13.16
CA SER D 97 -31.49 -54.60 12.39
C SER D 97 -30.84 -55.40 11.26
N VAL D 98 -29.88 -54.79 10.57
CA VAL D 98 -29.18 -55.49 9.49
C VAL D 98 -28.42 -56.70 10.05
N HIS D 99 -27.73 -56.50 11.18
CA HIS D 99 -26.95 -57.60 11.75
C HIS D 99 -27.86 -58.75 12.17
N GLN D 100 -29.01 -58.43 12.78
CA GLN D 100 -29.90 -59.49 13.23
C GLN D 100 -30.41 -60.32 12.06
N SER D 101 -30.75 -59.68 10.95
CA SER D 101 -31.21 -60.38 9.76
C SER D 101 -30.01 -61.01 9.07
N ALA D 102 -29.74 -62.27 9.40
CA ALA D 102 -28.59 -62.98 8.83
C ALA D 102 -27.30 -62.24 9.13
N GLY D 194 -38.04 -58.35 20.57
CA GLY D 194 -36.58 -58.35 20.56
C GLY D 194 -36.00 -57.00 20.19
N ILE D 195 -36.50 -56.42 19.09
CA ILE D 195 -36.02 -55.13 18.63
C ILE D 195 -36.83 -53.96 19.18
N SER D 196 -37.98 -54.23 19.82
CA SER D 196 -38.75 -53.15 20.42
C SER D 196 -37.98 -52.48 21.55
N ARG D 197 -37.24 -53.27 22.33
CA ARG D 197 -36.43 -52.69 23.39
C ARG D 197 -35.36 -51.79 22.81
N PHE D 198 -34.71 -52.22 21.72
CA PHE D 198 -33.71 -51.38 21.07
C PHE D 198 -34.35 -50.10 20.53
N TYR D 199 -35.56 -50.21 19.98
CA TYR D 199 -36.26 -49.02 19.49
C TYR D 199 -36.50 -48.04 20.63
N ILE D 200 -36.98 -48.54 21.77
CA ILE D 200 -37.24 -47.66 22.91
C ILE D 200 -35.95 -47.02 23.39
N ILE D 201 -34.87 -47.79 23.47
CA ILE D 201 -33.61 -47.25 23.95
C ILE D 201 -33.10 -46.17 23.01
N GLN D 202 -33.17 -46.40 21.71
CA GLN D 202 -32.69 -45.39 20.77
C GLN D 202 -33.58 -44.15 20.80
N VAL D 203 -34.88 -44.30 21.01
CA VAL D 203 -35.75 -43.14 21.13
C VAL D 203 -35.34 -42.31 22.35
N VAL D 204 -35.10 -42.97 23.48
CA VAL D 204 -34.69 -42.26 24.68
C VAL D 204 -33.37 -41.54 24.44
N PHE D 205 -32.41 -42.23 23.82
CA PHE D 205 -31.10 -41.62 23.59
C PHE D 205 -31.20 -40.44 22.65
N ARG D 206 -32.00 -40.56 21.58
CA ARG D 206 -32.16 -39.44 20.66
C ARG D 206 -32.81 -38.25 21.35
N ASN D 207 -33.81 -38.50 22.19
CA ASN D 207 -34.44 -37.41 22.94
C ASN D 207 -33.41 -36.71 23.83
N ALA D 208 -32.62 -37.49 24.56
CA ALA D 208 -31.63 -36.91 25.45
C ALA D 208 -30.59 -36.11 24.67
N LEU D 209 -30.13 -36.64 23.54
CA LEU D 209 -29.13 -35.94 22.73
C LEU D 209 -29.69 -34.63 22.20
N GLU D 210 -30.93 -34.65 21.71
CA GLU D 210 -31.52 -33.42 21.18
C GLU D 210 -31.66 -32.37 22.27
N ILE D 211 -32.14 -32.76 23.45
CA ILE D 211 -32.28 -31.80 24.53
C ILE D 211 -30.92 -31.24 24.92
N GLY D 212 -29.91 -32.11 25.04
CA GLY D 212 -28.58 -31.65 25.40
C GLY D 212 -28.01 -30.68 24.39
N PHE D 213 -28.19 -30.97 23.10
CA PHE D 213 -27.66 -30.08 22.07
C PHE D 213 -28.39 -28.75 22.07
N LEU D 214 -29.71 -28.75 22.29
CA LEU D 214 -30.44 -27.50 22.38
C LEU D 214 -29.92 -26.65 23.53
N VAL D 215 -29.75 -27.27 24.70
CA VAL D 215 -29.27 -26.54 25.87
C VAL D 215 -27.87 -26.01 25.61
N GLY D 216 -27.01 -26.84 25.02
CA GLY D 216 -25.65 -26.41 24.73
C GLY D 216 -25.61 -25.24 23.76
N GLN D 217 -26.46 -25.29 22.72
CA GLN D 217 -26.52 -24.18 21.79
C GLN D 217 -26.94 -22.90 22.49
N TYR D 218 -27.96 -22.99 23.35
CA TYR D 218 -28.39 -21.79 24.06
C TYR D 218 -27.27 -21.24 24.93
N PHE D 219 -26.57 -22.11 25.66
CA PHE D 219 -25.54 -21.65 26.58
C PHE D 219 -24.28 -21.19 25.88
N LEU D 220 -24.05 -21.65 24.64
CA LEU D 220 -22.82 -21.35 23.93
C LEU D 220 -22.94 -20.14 23.02
N TYR D 221 -24.10 -19.96 22.38
CA TYR D 221 -24.27 -18.88 21.42
C TYR D 221 -25.36 -17.87 21.80
N GLY D 222 -26.29 -18.22 22.68
CA GLY D 222 -27.37 -17.33 23.00
C GLY D 222 -28.40 -17.26 21.89
N PHE D 223 -28.96 -16.08 21.65
CA PHE D 223 -30.00 -15.91 20.65
C PHE D 223 -29.67 -14.86 19.60
N SER D 224 -28.50 -14.25 19.65
CA SER D 224 -28.15 -13.22 18.67
C SER D 224 -26.64 -13.17 18.50
N VAL D 225 -26.22 -12.63 17.36
CA VAL D 225 -24.81 -12.41 17.07
C VAL D 225 -24.58 -10.91 17.02
N PRO D 226 -23.99 -10.30 18.05
CA PRO D 226 -23.82 -8.84 18.03
C PRO D 226 -22.90 -8.41 16.90
N GLY D 227 -23.19 -7.22 16.35
CA GLY D 227 -22.36 -6.68 15.30
C GLY D 227 -21.02 -6.17 15.77
N LEU D 228 -20.89 -5.86 17.05
CA LEU D 228 -19.65 -5.38 17.64
C LEU D 228 -19.18 -6.36 18.70
N TYR D 229 -17.86 -6.52 18.80
CA TYR D 229 -17.24 -7.36 19.82
C TYR D 229 -16.16 -6.57 20.51
N GLU D 230 -16.09 -6.70 21.83
CA GLU D 230 -15.08 -6.00 22.64
C GLU D 230 -14.05 -7.03 23.05
N CYS D 231 -12.84 -6.92 22.51
CA CYS D 231 -11.81 -7.94 22.62
C CYS D 231 -10.63 -7.39 23.40
N ASN D 232 -10.22 -8.10 24.45
CA ASN D 232 -9.13 -7.68 25.31
C ASN D 232 -8.17 -8.84 25.55
N ARG D 233 -7.77 -9.51 24.47
CA ARG D 233 -6.89 -10.66 24.52
C ARG D 233 -5.55 -10.32 23.88
N TYR D 234 -4.48 -10.85 24.44
CA TYR D 234 -3.15 -10.65 23.87
C TYR D 234 -3.14 -11.16 22.44
N PRO D 235 -2.44 -10.48 21.51
CA PRO D 235 -1.57 -9.31 21.66
C PRO D 235 -2.29 -7.97 21.58
N CYS D 236 -3.61 -7.95 21.53
CA CYS D 236 -4.33 -6.69 21.44
C CYS D 236 -4.03 -5.82 22.66
N ILE D 237 -3.80 -4.54 22.41
CA ILE D 237 -3.41 -3.61 23.46
C ILE D 237 -4.64 -3.24 24.27
N LYS D 238 -4.63 -3.61 25.55
CA LYS D 238 -5.76 -3.35 26.44
C LYS D 238 -7.06 -3.89 25.85
N GLU D 239 -7.85 -3.02 25.21
CA GLU D 239 -9.16 -3.41 24.73
C GLU D 239 -9.41 -2.76 23.38
N VAL D 240 -9.92 -3.54 22.43
CA VAL D 240 -10.16 -3.09 21.07
C VAL D 240 -11.57 -3.50 20.66
N GLU D 241 -12.03 -2.88 19.58
CA GLU D 241 -13.37 -3.12 19.04
C GLU D 241 -13.24 -3.81 17.70
N CYS D 242 -13.96 -4.92 17.54
CA CYS D 242 -13.96 -5.70 16.31
C CYS D 242 -15.36 -5.78 15.75
N TYR D 243 -15.46 -5.96 14.43
CA TYR D 243 -16.72 -5.88 13.72
C TYR D 243 -16.98 -7.19 13.01
N VAL D 244 -18.16 -7.75 13.25
CA VAL D 244 -18.53 -9.08 12.78
C VAL D 244 -19.11 -8.98 11.37
N SER D 245 -19.00 -10.07 10.62
CA SER D 245 -19.50 -10.14 9.26
C SER D 245 -20.94 -10.65 9.27
N ARG D 246 -21.80 -9.95 8.52
CA ARG D 246 -23.23 -10.24 8.38
C ARG D 246 -23.81 -10.81 9.67
N PRO D 247 -23.81 -10.04 10.76
CA PRO D 247 -24.39 -10.55 12.02
C PRO D 247 -25.88 -10.85 11.94
N THR D 248 -26.64 -10.10 11.14
CA THR D 248 -28.09 -10.30 11.10
C THR D 248 -28.44 -11.67 10.50
N GLU D 249 -27.77 -12.04 9.41
CA GLU D 249 -28.04 -13.33 8.79
C GLU D 249 -27.70 -14.47 9.75
N LYS D 250 -26.58 -14.35 10.47
CA LYS D 250 -26.21 -15.38 11.43
C LYS D 250 -27.20 -15.43 12.59
N THR D 251 -27.71 -14.28 13.02
CA THR D 251 -28.73 -14.28 14.06
C THR D 251 -29.99 -15.00 13.59
N VAL D 252 -30.42 -14.72 12.36
CA VAL D 252 -31.60 -15.38 11.81
C VAL D 252 -31.36 -16.89 11.74
N PHE D 253 -30.18 -17.29 11.27
CA PHE D 253 -29.87 -18.71 11.17
C PHE D 253 -29.88 -19.36 12.55
N LEU D 254 -29.31 -18.69 13.55
CA LEU D 254 -29.27 -19.24 14.90
C LEU D 254 -30.67 -19.42 15.46
N VAL D 255 -31.53 -18.41 15.30
CA VAL D 255 -32.88 -18.49 15.82
C VAL D 255 -33.65 -19.60 15.11
N PHE D 256 -33.49 -19.69 13.78
CA PHE D 256 -34.20 -20.72 13.03
C PHE D 256 -33.76 -22.11 13.46
N MET D 257 -32.45 -22.33 13.63
CA MET D 257 -31.97 -23.63 14.06
C MET D 257 -32.46 -23.96 15.46
N PHE D 258 -32.49 -22.96 16.35
CA PHE D 258 -33.03 -23.20 17.68
C PHE D 258 -34.50 -23.61 17.62
N ALA D 259 -35.28 -22.94 16.77
CA ALA D 259 -36.69 -23.29 16.64
C ALA D 259 -36.87 -24.70 16.11
N VAL D 260 -36.07 -25.07 15.09
CA VAL D 260 -36.18 -26.41 14.53
C VAL D 260 -35.80 -27.47 15.56
N SER D 261 -34.73 -27.21 16.32
CA SER D 261 -34.33 -28.15 17.35
C SER D 261 -35.40 -28.26 18.44
N GLY D 262 -36.05 -27.14 18.77
CA GLY D 262 -37.13 -27.20 19.75
C GLY D 262 -38.30 -28.01 19.24
N ILE D 263 -38.63 -27.88 17.96
CA ILE D 263 -39.69 -28.69 17.38
C ILE D 263 -39.32 -30.18 17.46
N CYS D 264 -38.07 -30.50 17.13
CA CYS D 264 -37.62 -31.89 17.23
C CYS D 264 -37.73 -32.40 18.67
N VAL D 265 -37.34 -31.57 19.64
CA VAL D 265 -37.42 -31.98 21.03
C VAL D 265 -38.86 -32.23 21.44
N VAL D 266 -39.77 -31.36 21.01
CA VAL D 266 -41.19 -31.53 21.36
C VAL D 266 -41.72 -32.82 20.74
N LEU D 267 -41.38 -33.09 19.48
CA LEU D 267 -41.84 -34.32 18.85
C LEU D 267 -41.29 -35.55 19.56
N ASN D 268 -40.01 -35.51 19.94
CA ASN D 268 -39.43 -36.65 20.66
C ASN D 268 -40.10 -36.86 22.00
N LEU D 269 -40.39 -35.76 22.71
CA LEU D 269 -41.09 -35.89 23.99
C LEU D 269 -42.48 -36.46 23.80
N ALA D 270 -43.17 -36.04 22.75
CA ALA D 270 -44.50 -36.61 22.47
C ALA D 270 -44.41 -38.10 22.19
N GLU D 271 -43.41 -38.52 21.40
CA GLU D 271 -43.23 -39.94 21.14
C GLU D 271 -42.93 -40.70 22.42
N LEU D 272 -42.09 -40.13 23.28
CA LEU D 272 -41.78 -40.79 24.55
C LEU D 272 -43.03 -40.93 25.41
N ASN D 273 -43.85 -39.89 25.47
CA ASN D 273 -45.09 -39.95 26.25
C ASN D 273 -46.02 -41.02 25.67
N HIS D 274 -46.11 -41.11 24.35
CA HIS D 274 -46.92 -42.16 23.73
C HIS D 274 -46.39 -43.54 24.11
N LEU D 275 -45.06 -43.70 24.12
CA LEU D 275 -44.49 -44.99 24.50
C LEU D 275 -44.84 -45.35 25.94
N GLY D 276 -44.78 -44.38 26.84
CA GLY D 276 -45.16 -44.61 28.22
C GLY D 276 -43.98 -44.86 29.12
N TRP D 277 -44.10 -44.38 30.36
CA TRP D 277 -43.05 -44.57 31.35
C TRP D 277 -42.91 -46.04 31.72
N ARG D 278 -44.03 -46.75 31.83
CA ARG D 278 -43.97 -48.15 32.26
C ARG D 278 -43.24 -49.02 31.25
N LYS D 279 -43.11 -48.57 30.00
CA LYS D 279 -42.36 -49.34 29.00
C LYS D 279 -40.89 -48.99 29.00
N ILE D 280 -40.54 -47.70 29.09
CA ILE D 280 -39.14 -47.31 29.12
C ILE D 280 -38.49 -47.81 30.40
N LYS D 281 -39.23 -47.87 31.50
CA LYS D 281 -38.66 -48.36 32.75
C LYS D 281 -38.18 -49.81 32.60
N LEU D 282 -38.99 -50.65 31.94
CA LEU D 282 -38.62 -52.04 31.73
C LEU D 282 -37.81 -52.20 30.45
N SER E 19 -22.04 -59.72 24.16
CA SER E 19 -22.00 -58.28 23.88
C SER E 19 -21.15 -57.99 22.65
N THR E 20 -20.73 -59.05 21.95
CA THR E 20 -19.90 -58.85 20.76
C THR E 20 -20.68 -58.16 19.65
N MET E 21 -21.98 -58.46 19.52
CA MET E 21 -22.76 -57.84 18.46
C MET E 21 -22.90 -56.34 18.69
N ILE E 22 -23.23 -55.94 19.92
CA ILE E 22 -23.35 -54.52 20.21
C ILE E 22 -22.00 -53.84 20.08
N GLY E 23 -20.93 -54.53 20.44
CA GLY E 23 -19.60 -53.97 20.26
C GLY E 23 -19.28 -53.70 18.80
N ARG E 24 -19.59 -54.65 17.93
CA ARG E 24 -19.36 -54.46 16.51
C ARG E 24 -20.23 -53.34 15.95
N ILE E 25 -21.49 -53.27 16.40
CA ILE E 25 -22.38 -52.21 15.94
C ILE E 25 -21.82 -50.84 16.35
N LEU E 26 -21.39 -50.72 17.60
CA LEU E 26 -20.82 -49.47 18.06
C LEU E 26 -19.55 -49.12 17.29
N LEU E 27 -18.71 -50.11 17.02
CA LEU E 27 -17.48 -49.85 16.27
C LEU E 27 -17.80 -49.32 14.88
N THR E 28 -18.74 -49.96 14.18
CA THR E 28 -19.10 -49.51 12.84
C THR E 28 -19.69 -48.10 12.89
N VAL E 29 -20.57 -47.84 13.87
CA VAL E 29 -21.20 -46.53 13.97
C VAL E 29 -20.15 -45.46 14.24
N VAL E 30 -19.20 -45.74 15.12
CA VAL E 30 -18.19 -44.75 15.46
C VAL E 30 -17.27 -44.49 14.26
N VAL E 31 -16.92 -45.55 13.52
CA VAL E 31 -16.07 -45.35 12.34
C VAL E 31 -16.79 -44.48 11.32
N ILE E 32 -18.06 -44.77 11.06
CA ILE E 32 -18.83 -43.97 10.10
C ILE E 32 -18.94 -42.54 10.59
N PHE E 33 -19.18 -42.35 11.88
CA PHE E 33 -19.31 -41.01 12.44
C PHE E 33 -18.02 -40.21 12.29
N ARG E 34 -16.88 -40.84 12.57
CA ARG E 34 -15.60 -40.16 12.40
C ARG E 34 -15.36 -39.79 10.94
N ILE E 35 -15.65 -40.72 10.03
CA ILE E 35 -15.45 -40.44 8.61
C ILE E 35 -16.31 -39.26 8.19
N LEU E 36 -17.58 -39.26 8.61
CA LEU E 36 -18.48 -38.17 8.23
C LEU E 36 -17.99 -36.85 8.78
N ILE E 37 -17.63 -36.81 10.07
CA ILE E 37 -17.20 -35.56 10.68
C ILE E 37 -15.98 -35.02 9.95
N VAL E 38 -14.96 -35.85 9.75
CA VAL E 38 -13.77 -35.41 9.05
C VAL E 38 -14.16 -34.87 7.68
N ALA E 39 -14.73 -35.72 6.83
CA ALA E 39 -14.98 -35.35 5.44
C ALA E 39 -15.86 -34.11 5.33
N ILE E 40 -16.69 -33.83 6.34
CA ILE E 40 -17.64 -32.73 6.23
C ILE E 40 -17.05 -31.42 6.74
N VAL E 41 -16.37 -31.42 7.89
CA VAL E 41 -15.98 -30.17 8.52
C VAL E 41 -14.47 -29.94 8.55
N GLY E 42 -13.64 -30.97 8.47
CA GLY E 42 -12.21 -30.76 8.67
C GLY E 42 -11.61 -29.86 7.61
N GLU E 43 -11.95 -30.09 6.35
CA GLU E 43 -11.38 -29.29 5.27
C GLU E 43 -11.74 -27.82 5.43
N THR E 44 -13.00 -27.54 5.78
CA THR E 44 -13.41 -26.15 5.99
C THR E 44 -12.69 -25.55 7.18
N VAL E 45 -12.52 -26.32 8.26
CA VAL E 45 -11.87 -25.77 9.45
C VAL E 45 -10.43 -25.40 9.14
N TYR E 46 -9.71 -26.25 8.41
CA TYR E 46 -8.30 -26.05 8.13
C TYR E 46 -8.04 -25.39 6.79
N ASP E 47 -9.03 -24.71 6.22
CA ASP E 47 -8.87 -24.13 4.89
C ASP E 47 -7.88 -22.98 4.90
N ASP E 48 -8.05 -22.04 5.84
CA ASP E 48 -7.21 -20.84 5.91
C ASP E 48 -6.13 -20.96 6.96
N GLU E 49 -5.59 -22.16 7.15
CA GLU E 49 -4.59 -22.37 8.18
C GLU E 49 -3.35 -21.53 7.94
N GLN E 50 -2.91 -21.42 6.69
CA GLN E 50 -1.70 -20.68 6.36
C GLN E 50 -1.97 -19.25 5.91
N THR E 51 -3.11 -18.99 5.28
CA THR E 51 -3.41 -17.63 4.84
C THR E 51 -3.63 -16.72 6.04
N MET E 52 -4.23 -17.22 7.11
CA MET E 52 -4.46 -16.45 8.32
C MET E 52 -3.35 -16.59 9.34
N PHE E 53 -2.29 -17.32 9.02
CA PHE E 53 -1.12 -17.41 9.89
C PHE E 53 -0.23 -16.21 9.62
N VAL E 54 0.02 -15.41 10.65
CA VAL E 54 0.75 -14.15 10.53
C VAL E 54 1.84 -14.11 11.58
N CYS E 55 3.03 -13.67 11.17
CA CYS E 55 4.16 -13.48 12.07
C CYS E 55 4.50 -11.99 12.16
N ASN E 56 4.88 -11.55 13.35
CA ASN E 56 5.23 -10.15 13.59
C ASN E 56 6.65 -9.93 13.09
N THR E 57 6.78 -9.61 11.81
CA THR E 57 8.09 -9.42 11.21
C THR E 57 7.91 -8.81 9.82
N LEU E 58 9.00 -8.27 9.30
CA LEU E 58 9.05 -7.77 7.92
C LEU E 58 9.88 -8.65 7.01
N GLN E 59 10.54 -9.66 7.53
CA GLN E 59 11.42 -10.49 6.74
C GLN E 59 10.60 -11.33 5.76
N PRO E 60 10.83 -11.22 4.45
CA PRO E 60 10.13 -12.10 3.51
C PRO E 60 10.52 -13.56 3.75
N GLY E 61 9.52 -14.44 3.64
CA GLY E 61 9.73 -15.85 3.82
C GLY E 61 9.68 -16.34 5.25
N CYS E 62 9.60 -15.43 6.22
CA CYS E 62 9.53 -15.86 7.62
C CYS E 62 8.19 -16.54 7.90
N ASN E 63 7.11 -16.05 7.30
CA ASN E 63 5.81 -16.66 7.51
C ASN E 63 5.80 -18.11 7.05
N GLN E 64 6.35 -18.38 5.87
CA GLN E 64 6.35 -19.74 5.35
C GLN E 64 7.13 -20.67 6.25
N ALA E 65 8.35 -20.27 6.64
CA ALA E 65 9.18 -21.12 7.48
C ALA E 65 8.55 -21.36 8.83
N CYS E 66 7.99 -20.31 9.43
CA CYS E 66 7.40 -20.44 10.75
C CYS E 66 6.15 -21.31 10.72
N TYR E 67 5.31 -21.15 9.69
CA TYR E 67 4.15 -22.02 9.59
C TYR E 67 4.57 -23.47 9.38
N ASP E 68 5.59 -23.70 8.54
CA ASP E 68 6.04 -25.06 8.31
C ASP E 68 6.56 -25.69 9.59
N ARG E 69 7.31 -24.93 10.39
CA ARG E 69 7.82 -25.47 11.65
C ARG E 69 6.69 -25.72 12.64
N ALA E 70 5.74 -24.79 12.73
CA ALA E 70 4.65 -24.93 13.71
C ALA E 70 3.77 -26.14 13.38
N PHE E 71 3.44 -26.32 12.11
CA PHE E 71 2.52 -27.38 11.68
C PHE E 71 3.17 -28.17 10.55
N PRO E 72 4.11 -29.06 10.88
CA PRO E 72 4.76 -29.84 9.82
C PRO E 72 3.77 -30.63 8.98
N ILE E 73 2.74 -31.19 9.62
CA ILE E 73 1.67 -31.88 8.92
C ILE E 73 0.35 -31.37 9.48
N SER E 74 -0.54 -30.95 8.59
CA SER E 74 -1.84 -30.47 9.03
C SER E 74 -2.61 -31.60 9.70
N HIS E 75 -3.41 -31.24 10.70
CA HIS E 75 -4.19 -32.25 11.42
C HIS E 75 -5.11 -33.01 10.48
N ILE E 76 -5.73 -32.29 9.53
CA ILE E 76 -6.71 -32.91 8.65
C ILE E 76 -6.04 -33.98 7.79
N ARG E 77 -4.86 -33.71 7.27
CA ARG E 77 -4.15 -34.71 6.47
C ARG E 77 -3.83 -35.95 7.30
N TYR E 78 -3.35 -35.74 8.53
CA TYR E 78 -3.03 -36.87 9.40
C TYR E 78 -4.28 -37.70 9.69
N TRP E 79 -5.41 -37.04 9.93
CA TRP E 79 -6.63 -37.78 10.24
C TRP E 79 -7.14 -38.53 9.03
N VAL E 80 -7.04 -37.94 7.84
CA VAL E 80 -7.46 -38.64 6.63
C VAL E 80 -6.60 -39.88 6.42
N PHE E 81 -5.28 -39.73 6.58
CA PHE E 81 -4.38 -40.87 6.45
C PHE E 81 -4.73 -41.94 7.48
N GLN E 82 -4.99 -41.54 8.72
CA GLN E 82 -5.35 -42.50 9.75
C GLN E 82 -6.63 -43.25 9.40
N ILE E 83 -7.64 -42.52 8.92
CA ILE E 83 -8.92 -43.15 8.59
C ILE E 83 -8.73 -44.19 7.50
N ILE E 84 -8.03 -43.81 6.42
CA ILE E 84 -7.83 -44.75 5.33
C ILE E 84 -7.03 -45.96 5.81
N MET E 85 -5.98 -45.72 6.60
CA MET E 85 -5.16 -46.83 7.05
C MET E 85 -5.94 -47.79 7.94
N VAL E 86 -6.75 -47.27 8.85
CA VAL E 86 -7.50 -48.16 9.74
C VAL E 86 -8.61 -48.87 8.97
N CYS E 87 -9.10 -48.27 7.88
CA CYS E 87 -10.06 -48.97 7.04
C CYS E 87 -9.41 -50.02 6.14
N THR E 88 -8.10 -49.90 5.90
CA THR E 88 -7.42 -50.82 4.99
C THR E 88 -7.62 -52.30 5.32
N PRO E 89 -7.48 -52.73 6.59
CA PRO E 89 -7.70 -54.17 6.86
C PRO E 89 -9.07 -54.67 6.46
N SER E 90 -10.11 -53.85 6.65
CA SER E 90 -11.45 -54.25 6.21
C SER E 90 -11.49 -54.40 4.69
N LEU E 91 -10.83 -53.50 3.97
CA LEU E 91 -10.76 -53.63 2.52
C LEU E 91 -10.05 -54.91 2.13
N CYS E 92 -8.96 -55.25 2.83
CA CYS E 92 -8.25 -56.49 2.55
C CYS E 92 -9.16 -57.69 2.76
N PHE E 93 -9.91 -57.69 3.87
CA PHE E 93 -10.81 -58.80 4.15
C PHE E 93 -11.90 -58.92 3.09
N ILE E 94 -12.48 -57.78 2.68
CA ILE E 94 -13.54 -57.82 1.68
C ILE E 94 -13.00 -58.32 0.35
N THR E 95 -11.81 -57.85 -0.05
CA THR E 95 -11.23 -58.30 -1.30
C THR E 95 -10.93 -59.80 -1.25
N TYR E 96 -10.43 -60.28 -0.11
CA TYR E 96 -10.17 -61.72 0.02
C TYR E 96 -11.46 -62.51 -0.09
N SER E 97 -12.53 -62.04 0.55
CA SER E 97 -13.81 -62.73 0.47
C SER E 97 -14.32 -62.76 -0.97
N VAL E 98 -14.21 -61.63 -1.68
CA VAL E 98 -14.67 -61.60 -3.06
C VAL E 98 -13.85 -62.55 -3.92
N HIS E 99 -12.53 -62.55 -3.74
CA HIS E 99 -11.67 -63.44 -4.53
C HIS E 99 -11.98 -64.90 -4.26
N GLN E 100 -12.23 -65.25 -3.00
CA GLN E 100 -12.50 -66.65 -2.67
C GLN E 100 -13.75 -67.15 -3.37
N SER E 101 -14.80 -66.33 -3.41
CA SER E 101 -16.05 -66.71 -4.09
C SER E 101 -15.83 -66.56 -5.59
N ALA E 102 -15.58 -67.68 -6.26
CA ALA E 102 -15.33 -67.69 -7.70
C ALA E 102 -14.15 -66.79 -8.04
N GLY E 194 -11.74 -71.21 7.23
CA GLY E 194 -10.63 -70.57 6.55
C GLY E 194 -10.64 -69.07 6.70
N ILE E 195 -11.78 -68.45 6.37
CA ILE E 195 -11.89 -67.01 6.48
C ILE E 195 -11.84 -66.54 7.93
N SER E 196 -12.08 -67.44 8.88
CA SER E 196 -12.00 -67.05 10.29
C SER E 196 -10.60 -66.60 10.66
N ARG E 197 -9.58 -67.30 10.16
CA ARG E 197 -8.21 -66.88 10.43
C ARG E 197 -7.93 -65.49 9.87
N PHE E 198 -8.41 -65.23 8.65
CA PHE E 198 -8.22 -63.91 8.07
C PHE E 198 -8.95 -62.84 8.88
N TYR E 199 -10.14 -63.16 9.38
CA TYR E 199 -10.87 -62.21 10.21
C TYR E 199 -10.10 -61.91 11.49
N ILE E 200 -9.56 -62.94 12.13
CA ILE E 200 -8.78 -62.72 13.35
C ILE E 200 -7.56 -61.85 13.04
N ILE E 201 -6.86 -62.15 11.95
CA ILE E 201 -5.66 -61.41 11.60
C ILE E 201 -5.99 -59.95 11.32
N GLN E 202 -7.07 -59.70 10.57
CA GLN E 202 -7.42 -58.32 10.25
C GLN E 202 -7.91 -57.57 11.48
N VAL E 203 -8.58 -58.25 12.41
CA VAL E 203 -8.96 -57.59 13.66
C VAL E 203 -7.71 -57.17 14.43
N VAL E 204 -6.73 -58.08 14.53
CA VAL E 204 -5.50 -57.76 15.24
C VAL E 204 -4.80 -56.58 14.58
N PHE E 205 -4.72 -56.61 13.25
CA PHE E 205 -4.03 -55.53 12.54
C PHE E 205 -4.75 -54.20 12.71
N ARG E 206 -6.08 -54.20 12.65
CA ARG E 206 -6.82 -52.96 12.83
C ARG E 206 -6.61 -52.42 14.24
N ASN E 207 -6.62 -53.29 15.24
CA ASN E 207 -6.37 -52.84 16.61
C ASN E 207 -4.99 -52.21 16.74
N ALA E 208 -3.97 -52.88 16.18
CA ALA E 208 -2.62 -52.36 16.26
C ALA E 208 -2.50 -51.02 15.55
N LEU E 209 -3.11 -50.90 14.37
CA LEU E 209 -3.04 -49.65 13.62
C LEU E 209 -3.72 -48.53 14.39
N GLU E 210 -4.89 -48.79 14.98
CA GLU E 210 -5.57 -47.75 15.73
C GLU E 210 -4.76 -47.30 16.92
N ILE E 211 -4.17 -48.25 17.66
CA ILE E 211 -3.35 -47.87 18.81
C ILE E 211 -2.15 -47.04 18.36
N GLY E 212 -1.49 -47.48 17.28
CA GLY E 212 -0.34 -46.74 16.79
C GLY E 212 -0.69 -45.34 16.36
N PHE E 213 -1.82 -45.17 15.67
CA PHE E 213 -2.22 -43.84 15.23
C PHE E 213 -2.60 -42.95 16.40
N LEU E 214 -3.25 -43.51 17.42
CA LEU E 214 -3.55 -42.72 18.61
C LEU E 214 -2.27 -42.23 19.28
N VAL E 215 -1.30 -43.13 19.45
CA VAL E 215 -0.04 -42.75 20.08
C VAL E 215 0.68 -41.71 19.24
N GLY E 216 0.69 -41.89 17.92
CA GLY E 216 1.34 -40.93 17.06
C GLY E 216 0.70 -39.56 17.12
N GLN E 217 -0.64 -39.52 17.15
CA GLN E 217 -1.33 -38.25 17.27
C GLN E 217 -0.96 -37.56 18.58
N TYR E 218 -0.94 -38.31 19.69
CA TYR E 218 -0.58 -37.70 20.96
C TYR E 218 0.83 -37.14 20.92
N PHE E 219 1.78 -37.90 20.35
CA PHE E 219 3.17 -37.45 20.35
C PHE E 219 3.42 -36.34 19.35
N LEU E 220 2.58 -36.21 18.32
CA LEU E 220 2.81 -35.25 17.26
C LEU E 220 2.09 -33.93 17.49
N TYR E 221 0.91 -33.95 18.10
CA TYR E 221 0.11 -32.74 18.26
C TYR E 221 -0.23 -32.41 19.70
N GLY E 222 0.00 -33.32 20.65
CA GLY E 222 -0.40 -33.02 22.02
C GLY E 222 -1.91 -32.99 22.15
N PHE E 223 -2.39 -32.11 23.02
CA PHE E 223 -3.82 -31.99 23.29
C PHE E 223 -4.38 -30.60 23.04
N SER E 224 -3.57 -29.65 22.57
CA SER E 224 -4.07 -28.31 22.34
C SER E 224 -3.21 -27.64 21.27
N VAL E 225 -3.80 -26.64 20.61
CA VAL E 225 -3.12 -25.81 19.63
C VAL E 225 -2.94 -24.43 20.25
N PRO E 226 -1.73 -24.05 20.65
CA PRO E 226 -1.56 -22.72 21.28
C PRO E 226 -1.83 -21.60 20.29
N GLY E 227 -2.33 -20.49 20.82
CA GLY E 227 -2.60 -19.33 20.00
C GLY E 227 -1.36 -18.59 19.56
N LEU E 228 -0.25 -18.76 20.27
CA LEU E 228 1.01 -18.12 19.95
C LEU E 228 2.06 -19.18 19.67
N TYR E 229 2.95 -18.87 18.73
CA TYR E 229 4.09 -19.71 18.39
C TYR E 229 5.35 -18.88 18.41
N GLU E 230 6.42 -19.44 18.97
CA GLU E 230 7.72 -18.78 19.03
C GLU E 230 8.62 -19.46 18.00
N CYS E 231 8.96 -18.72 16.95
CA CYS E 231 9.63 -19.27 15.79
C CYS E 231 11.03 -18.68 15.67
N ASN E 232 12.04 -19.54 15.55
CA ASN E 232 13.43 -19.12 15.45
C ASN E 232 14.12 -19.85 14.31
N ARG E 233 13.48 -19.89 13.15
CA ARG E 233 14.01 -20.57 11.98
C ARG E 233 14.36 -19.55 10.90
N TYR E 234 15.43 -19.84 10.16
CA TYR E 234 15.83 -18.99 9.06
C TYR E 234 14.69 -18.88 8.06
N PRO E 235 14.46 -17.70 7.45
CA PRO E 235 15.22 -16.44 7.51
C PRO E 235 14.81 -15.52 8.64
N CYS E 236 13.94 -15.95 9.55
CA CYS E 236 13.51 -15.08 10.64
C CYS E 236 14.71 -14.69 11.50
N ILE E 237 14.76 -13.42 11.87
CA ILE E 237 15.88 -12.88 12.63
C ILE E 237 15.74 -13.31 14.07
N LYS E 238 16.67 -14.14 14.55
CA LYS E 238 16.66 -14.65 15.91
C LYS E 238 15.32 -15.31 16.23
N GLU E 239 14.43 -14.60 16.93
CA GLU E 239 13.20 -15.18 17.42
C GLU E 239 12.05 -14.22 17.15
N VAL E 240 10.95 -14.75 16.61
CA VAL E 240 9.78 -13.97 16.27
C VAL E 240 8.55 -14.66 16.83
N GLU E 241 7.46 -13.91 16.91
CA GLU E 241 6.19 -14.39 17.43
C GLU E 241 5.18 -14.47 16.30
N CYS E 242 4.53 -15.62 16.16
CA CYS E 242 3.53 -15.86 15.14
C CYS E 242 2.21 -16.22 15.80
N TYR E 243 1.12 -15.93 15.10
CA TYR E 243 -0.22 -16.07 15.65
C TYR E 243 -1.03 -17.04 14.81
N VAL E 244 -1.63 -18.02 15.47
CA VAL E 244 -2.32 -19.11 14.80
C VAL E 244 -3.75 -18.71 14.51
N SER E 245 -4.34 -19.34 13.51
CA SER E 245 -5.70 -19.07 13.09
C SER E 245 -6.66 -20.03 13.79
N ARG E 246 -7.71 -19.48 14.41
CA ARG E 246 -8.75 -20.23 15.12
C ARG E 246 -8.15 -21.38 15.93
N PRO E 247 -7.26 -21.10 16.87
CA PRO E 247 -6.67 -22.18 17.67
C PRO E 247 -7.67 -22.96 18.51
N THR E 248 -8.73 -22.30 19.01
CA THR E 248 -9.68 -22.99 19.88
C THR E 248 -10.45 -24.05 19.14
N GLU E 249 -10.90 -23.74 17.92
CA GLU E 249 -11.63 -24.73 17.13
C GLU E 249 -10.75 -25.93 16.82
N LYS E 250 -9.49 -25.67 16.48
CA LYS E 250 -8.58 -26.77 16.18
C LYS E 250 -8.29 -27.60 17.42
N THR E 251 -8.20 -26.96 18.60
CA THR E 251 -8.02 -27.71 19.83
C THR E 251 -9.23 -28.60 20.10
N VAL E 252 -10.43 -28.06 19.91
CA VAL E 252 -11.63 -28.87 20.11
C VAL E 252 -11.66 -30.04 19.15
N PHE E 253 -11.32 -29.80 17.89
CA PHE E 253 -11.29 -30.87 16.90
C PHE E 253 -10.28 -31.94 17.30
N LEU E 254 -9.09 -31.52 17.74
CA LEU E 254 -8.05 -32.46 18.13
C LEU E 254 -8.50 -33.32 19.30
N VAL E 255 -9.08 -32.70 20.33
CA VAL E 255 -9.53 -33.45 21.49
C VAL E 255 -10.64 -34.42 21.10
N PHE E 256 -11.59 -33.96 20.27
CA PHE E 256 -12.69 -34.82 19.86
C PHE E 256 -12.20 -36.01 19.07
N MET E 257 -11.27 -35.79 18.14
CA MET E 257 -10.73 -36.90 17.36
C MET E 257 -9.96 -37.86 18.25
N PHE E 258 -9.22 -37.34 19.23
CA PHE E 258 -8.53 -38.23 20.16
C PHE E 258 -9.53 -39.09 20.93
N ALA E 259 -10.63 -38.48 21.39
CA ALA E 259 -11.64 -39.24 22.12
C ALA E 259 -12.27 -40.32 21.24
N VAL E 260 -12.59 -39.99 19.99
CA VAL E 260 -13.19 -40.96 19.11
C VAL E 260 -12.23 -42.11 18.84
N SER E 261 -10.95 -41.79 18.60
CA SER E 261 -9.97 -42.84 18.37
C SER E 261 -9.79 -43.71 19.61
N GLY E 262 -9.85 -43.10 20.80
CA GLY E 262 -9.77 -43.89 22.02
C GLY E 262 -10.95 -44.83 22.16
N ILE E 263 -12.15 -44.36 21.81
CA ILE E 263 -13.32 -45.24 21.85
C ILE E 263 -13.13 -46.40 20.88
N CYS E 264 -12.61 -46.12 19.68
CA CYS E 264 -12.35 -47.18 18.72
C CYS E 264 -11.35 -48.18 19.27
N VAL E 265 -10.30 -47.69 19.92
CA VAL E 265 -9.29 -48.57 20.49
C VAL E 265 -9.90 -49.46 21.56
N VAL E 266 -10.74 -48.87 22.42
CA VAL E 266 -11.37 -49.65 23.49
C VAL E 266 -12.27 -50.73 22.89
N LEU E 267 -13.05 -50.39 21.87
CA LEU E 267 -13.92 -51.39 21.24
C LEU E 267 -13.10 -52.50 20.60
N ASN E 268 -12.01 -52.14 19.92
CA ASN E 268 -11.15 -53.15 19.31
C ASN E 268 -10.54 -54.06 20.36
N LEU E 269 -10.10 -53.50 21.49
CA LEU E 269 -9.55 -54.32 22.55
C LEU E 269 -10.61 -55.25 23.14
N ALA E 270 -11.83 -54.75 23.29
CA ALA E 270 -12.91 -55.61 23.78
C ALA E 270 -13.17 -56.77 22.82
N GLU E 271 -13.19 -56.49 21.51
CA GLU E 271 -13.37 -57.55 20.53
C GLU E 271 -12.22 -58.55 20.60
N LEU E 272 -10.99 -58.06 20.75
CA LEU E 272 -9.85 -58.96 20.85
C LEU E 272 -9.97 -59.85 22.08
N ASN E 273 -10.37 -59.29 23.21
CA ASN E 273 -10.55 -60.09 24.42
C ASN E 273 -11.65 -61.12 24.22
N HIS E 274 -12.73 -60.74 23.54
CA HIS E 274 -13.78 -61.70 23.25
C HIS E 274 -13.26 -62.84 22.39
N LEU E 275 -12.43 -62.54 21.40
CA LEU E 275 -11.87 -63.59 20.55
C LEU E 275 -11.01 -64.55 21.37
N GLY E 276 -10.19 -64.03 22.27
CA GLY E 276 -9.36 -64.86 23.13
C GLY E 276 -7.93 -64.98 22.65
N TRP E 277 -7.00 -65.14 23.61
CA TRP E 277 -5.58 -65.17 23.28
C TRP E 277 -5.22 -66.47 22.56
N ARG E 278 -5.78 -67.60 23.01
CA ARG E 278 -5.47 -68.89 22.40
C ARG E 278 -5.89 -68.96 20.94
N LYS E 279 -6.76 -68.06 20.50
CA LYS E 279 -7.28 -68.09 19.14
C LYS E 279 -6.46 -67.19 18.22
N ILE E 280 -5.99 -66.05 18.72
CA ILE E 280 -5.05 -65.25 17.95
C ILE E 280 -3.71 -65.96 17.86
N LYS E 281 -3.31 -66.67 18.92
CA LYS E 281 -2.07 -67.42 18.89
C LYS E 281 -2.12 -68.51 17.83
N LEU E 282 -3.24 -69.22 17.74
CA LEU E 282 -3.39 -70.30 16.76
C LEU E 282 -3.98 -69.76 15.46
N SER F 19 1.52 -67.52 -2.77
CA SER F 19 1.09 -66.18 -2.38
C SER F 19 0.57 -65.40 -3.58
N THR F 20 0.13 -66.13 -4.61
CA THR F 20 -0.39 -65.49 -5.81
C THR F 20 -1.74 -64.83 -5.58
N MET F 21 -2.37 -65.05 -4.42
CA MET F 21 -3.67 -64.48 -4.11
C MET F 21 -3.60 -63.42 -3.03
N ILE F 22 -2.86 -63.66 -1.94
CA ILE F 22 -2.61 -62.58 -1.00
C ILE F 22 -1.85 -61.46 -1.68
N GLY F 23 -0.93 -61.81 -2.59
CA GLY F 23 -0.22 -60.78 -3.34
C GLY F 23 -1.16 -59.92 -4.17
N ARG F 24 -2.10 -60.55 -4.89
CA ARG F 24 -3.06 -59.79 -5.69
C ARG F 24 -3.93 -58.92 -4.80
N ILE F 25 -4.38 -59.46 -3.66
CA ILE F 25 -5.23 -58.68 -2.75
C ILE F 25 -4.46 -57.47 -2.25
N LEU F 26 -3.20 -57.67 -1.85
CA LEU F 26 -2.39 -56.56 -1.36
C LEU F 26 -2.16 -55.53 -2.45
N LEU F 27 -1.90 -55.98 -3.68
CA LEU F 27 -1.68 -55.04 -4.76
C LEU F 27 -2.92 -54.19 -5.02
N THR F 28 -4.09 -54.83 -5.06
CA THR F 28 -5.33 -54.08 -5.27
C THR F 28 -5.56 -53.09 -4.13
N VAL F 29 -5.35 -53.54 -2.89
CA VAL F 29 -5.57 -52.67 -1.75
C VAL F 29 -4.63 -51.48 -1.79
N VAL F 30 -3.36 -51.71 -2.12
CA VAL F 30 -2.40 -50.62 -2.16
C VAL F 30 -2.73 -49.64 -3.28
N VAL F 31 -3.17 -50.15 -4.44
CA VAL F 31 -3.55 -49.26 -5.53
C VAL F 31 -4.72 -48.38 -5.11
N ILE F 32 -5.74 -48.98 -4.51
CA ILE F 32 -6.90 -48.21 -4.07
C ILE F 32 -6.49 -47.21 -3.02
N PHE F 33 -5.59 -47.60 -2.12
CA PHE F 33 -5.13 -46.72 -1.06
C PHE F 33 -4.41 -45.50 -1.65
N ARG F 34 -3.53 -45.73 -2.62
CA ARG F 34 -2.82 -44.63 -3.26
C ARG F 34 -3.81 -43.69 -3.96
N ILE F 35 -4.76 -44.27 -4.68
CA ILE F 35 -5.74 -43.44 -5.40
C ILE F 35 -6.52 -42.57 -4.41
N LEU F 36 -6.98 -43.19 -3.31
CA LEU F 36 -7.75 -42.45 -2.33
C LEU F 36 -6.92 -41.32 -1.72
N ILE F 37 -5.70 -41.64 -1.30
CA ILE F 37 -4.86 -40.63 -0.65
C ILE F 37 -4.64 -39.44 -1.58
N VAL F 38 -4.22 -39.73 -2.82
CA VAL F 38 -4.01 -38.65 -3.78
C VAL F 38 -5.28 -37.83 -3.94
N ALA F 39 -6.36 -38.48 -4.41
CA ALA F 39 -7.57 -37.75 -4.74
C ALA F 39 -8.13 -36.98 -3.55
N ILE F 40 -7.83 -37.39 -2.32
CA ILE F 40 -8.44 -36.74 -1.17
C ILE F 40 -7.57 -35.59 -0.65
N VAL F 41 -6.25 -35.75 -0.56
CA VAL F 41 -5.43 -34.76 0.12
C VAL F 41 -4.44 -34.05 -0.80
N GLY F 42 -4.06 -34.60 -1.95
CA GLY F 42 -3.01 -33.98 -2.73
C GLY F 42 -3.38 -32.60 -3.23
N GLU F 43 -4.60 -32.47 -3.76
CA GLU F 43 -5.02 -31.18 -4.30
C GLU F 43 -5.01 -30.11 -3.22
N THR F 44 -5.51 -30.44 -2.03
CA THR F 44 -5.50 -29.47 -0.93
C THR F 44 -4.07 -29.13 -0.51
N VAL F 45 -3.19 -30.12 -0.47
CA VAL F 45 -1.82 -29.87 -0.04
C VAL F 45 -1.12 -28.93 -1.01
N TYR F 46 -1.31 -29.15 -2.32
CA TYR F 46 -0.64 -28.37 -3.35
C TYR F 46 -1.51 -27.27 -3.92
N ASP F 47 -2.38 -26.68 -3.11
CA ASP F 47 -3.29 -25.66 -3.61
C ASP F 47 -2.61 -24.30 -3.68
N ASP F 48 -1.99 -23.85 -2.58
CA ASP F 48 -1.34 -22.56 -2.50
C ASP F 48 0.16 -22.65 -2.79
N GLU F 49 0.55 -23.59 -3.65
CA GLU F 49 1.98 -23.79 -3.92
C GLU F 49 2.60 -22.53 -4.51
N GLN F 50 1.91 -21.87 -5.43
CA GLN F 50 2.46 -20.67 -6.07
C GLN F 50 2.06 -19.38 -5.36
N THR F 51 0.85 -19.32 -4.81
CA THR F 51 0.42 -18.11 -4.11
C THR F 51 1.31 -17.84 -2.90
N MET F 52 1.70 -18.88 -2.18
CA MET F 52 2.55 -18.75 -1.01
C MET F 52 4.03 -18.84 -1.33
N PHE F 53 4.39 -18.99 -2.60
CA PHE F 53 5.78 -18.94 -3.01
C PHE F 53 6.21 -17.48 -3.13
N VAL F 54 7.23 -17.09 -2.36
CA VAL F 54 7.67 -15.71 -2.29
C VAL F 54 9.19 -15.67 -2.48
N CYS F 55 9.65 -14.71 -3.28
CA CYS F 55 11.07 -14.50 -3.51
C CYS F 55 11.46 -13.13 -2.95
N ASN F 56 12.65 -13.07 -2.36
CA ASN F 56 13.15 -11.83 -1.77
C ASN F 56 13.68 -10.95 -2.90
N THR F 57 12.80 -10.17 -3.50
CA THR F 57 13.16 -9.31 -4.62
C THR F 57 12.03 -8.33 -4.87
N LEU F 58 12.34 -7.32 -5.68
CA LEU F 58 11.34 -6.35 -6.12
C LEU F 58 11.09 -6.44 -7.62
N GLN F 59 11.83 -7.27 -8.33
CA GLN F 59 11.69 -7.36 -9.78
C GLN F 59 10.36 -7.99 -10.15
N PRO F 60 9.50 -7.33 -10.91
CA PRO F 60 8.27 -7.99 -11.35
C PRO F 60 8.57 -9.21 -12.20
N GLY F 61 7.78 -10.26 -12.00
CA GLY F 61 7.92 -11.47 -12.77
C GLY F 61 8.99 -12.42 -12.29
N CYS F 62 9.75 -12.06 -11.26
CA CYS F 62 10.76 -12.96 -10.73
C CYS F 62 10.13 -14.13 -9.98
N ASN F 63 9.02 -13.89 -9.29
CA ASN F 63 8.34 -14.97 -8.59
C ASN F 63 7.88 -16.05 -9.56
N GLN F 64 7.30 -15.65 -10.68
CA GLN F 64 6.80 -16.63 -11.65
C GLN F 64 7.94 -17.48 -12.19
N ALA F 65 9.01 -16.85 -12.64
CA ALA F 65 10.12 -17.60 -13.21
C ALA F 65 10.77 -18.50 -12.17
N CYS F 66 10.97 -17.99 -10.96
CA CYS F 66 11.62 -18.79 -9.92
C CYS F 66 10.77 -19.98 -9.53
N TYR F 67 9.46 -19.78 -9.38
CA TYR F 67 8.60 -20.92 -9.06
C TYR F 67 8.60 -21.93 -10.19
N ASP F 68 8.55 -21.45 -11.45
CA ASP F 68 8.54 -22.37 -12.58
C ASP F 68 9.80 -23.20 -12.61
N ARG F 69 10.95 -22.60 -12.34
CA ARG F 69 12.20 -23.35 -12.33
C ARG F 69 12.26 -24.31 -11.15
N ALA F 70 11.79 -23.87 -9.97
CA ALA F 70 11.86 -24.72 -8.79
C ALA F 70 10.98 -25.95 -8.94
N PHE F 71 9.77 -25.79 -9.47
CA PHE F 71 8.80 -26.88 -9.58
C PHE F 71 8.29 -26.92 -11.03
N PRO F 72 9.07 -27.48 -11.95
CA PRO F 72 8.61 -27.53 -13.34
C PRO F 72 7.28 -28.24 -13.49
N ILE F 73 7.07 -29.33 -12.75
CA ILE F 73 5.82 -30.05 -12.72
C ILE F 73 5.45 -30.29 -11.26
N SER F 74 4.24 -29.92 -10.89
CA SER F 74 3.79 -30.14 -9.52
C SER F 74 3.75 -31.62 -9.22
N HIS F 75 4.07 -31.98 -7.97
CA HIS F 75 4.07 -33.38 -7.59
C HIS F 75 2.70 -34.01 -7.82
N ILE F 76 1.63 -33.26 -7.54
CA ILE F 76 0.28 -33.82 -7.64
C ILE F 76 -0.03 -34.19 -9.08
N ARG F 77 0.34 -33.35 -10.04
CA ARG F 77 0.09 -33.67 -11.44
C ARG F 77 0.85 -34.92 -11.85
N TYR F 78 2.11 -35.02 -11.45
CA TYR F 78 2.90 -36.19 -11.79
C TYR F 78 2.29 -37.45 -11.20
N TRP F 79 1.83 -37.38 -9.95
CA TRP F 79 1.26 -38.56 -9.31
C TRP F 79 -0.06 -38.96 -9.96
N VAL F 80 -0.88 -37.98 -10.33
CA VAL F 80 -2.13 -38.31 -11.02
C VAL F 80 -1.85 -38.98 -12.35
N PHE F 81 -0.90 -38.44 -13.11
CA PHE F 81 -0.54 -39.05 -14.39
C PHE F 81 -0.02 -40.46 -14.17
N GLN F 82 0.82 -40.66 -13.15
CA GLN F 82 1.34 -41.99 -12.86
C GLN F 82 0.21 -42.96 -12.53
N ILE F 83 -0.74 -42.52 -11.71
CA ILE F 83 -1.83 -43.41 -11.31
C ILE F 83 -2.64 -43.83 -12.53
N ILE F 84 -3.01 -42.88 -13.37
CA ILE F 84 -3.81 -43.22 -14.55
C ILE F 84 -3.01 -44.13 -15.47
N MET F 85 -1.72 -43.84 -15.68
CA MET F 85 -0.93 -44.67 -16.58
C MET F 85 -0.80 -46.10 -16.06
N VAL F 86 -0.55 -46.27 -14.76
CA VAL F 86 -0.40 -47.62 -14.23
C VAL F 86 -1.74 -48.35 -14.23
N CYS F 87 -2.85 -47.62 -14.13
CA CYS F 87 -4.15 -48.26 -14.26
C CYS F 87 -4.51 -48.60 -15.70
N THR F 88 -3.89 -47.94 -16.67
CA THR F 88 -4.24 -48.15 -18.07
C THR F 88 -4.20 -49.61 -18.51
N PRO F 89 -3.16 -50.39 -18.19
CA PRO F 89 -3.16 -51.80 -18.63
C PRO F 89 -4.37 -52.58 -18.14
N SER F 90 -4.81 -52.32 -16.90
CA SER F 90 -6.02 -52.98 -16.40
C SER F 90 -7.23 -52.58 -17.23
N LEU F 91 -7.33 -51.31 -17.61
CA LEU F 91 -8.42 -50.88 -18.47
C LEU F 91 -8.37 -51.57 -19.82
N CYS F 92 -7.16 -51.73 -20.37
CA CYS F 92 -7.01 -52.44 -21.64
C CYS F 92 -7.50 -53.87 -21.51
N PHE F 93 -7.10 -54.55 -20.43
CA PHE F 93 -7.52 -55.93 -20.22
C PHE F 93 -9.03 -56.04 -20.07
N ILE F 94 -9.64 -55.12 -19.30
CA ILE F 94 -11.08 -55.16 -19.10
C ILE F 94 -11.81 -54.93 -20.42
N THR F 95 -11.35 -53.95 -21.20
CA THR F 95 -11.98 -53.68 -22.49
C THR F 95 -11.85 -54.88 -23.42
N TYR F 96 -10.69 -55.53 -23.43
CA TYR F 96 -10.51 -56.72 -24.26
C TYR F 96 -11.46 -57.83 -23.82
N SER F 97 -11.60 -58.03 -22.51
CA SER F 97 -12.51 -59.06 -22.01
C SER F 97 -13.95 -58.75 -22.42
N VAL F 98 -14.36 -57.49 -22.29
CA VAL F 98 -15.72 -57.11 -22.68
C VAL F 98 -15.93 -57.34 -24.17
N HIS F 99 -14.97 -56.93 -24.99
CA HIS F 99 -15.11 -57.09 -26.43
C HIS F 99 -15.16 -58.56 -26.82
N GLN F 100 -14.36 -59.40 -26.17
CA GLN F 100 -14.35 -60.82 -26.51
C GLN F 100 -15.72 -61.45 -26.29
N SER F 101 -16.37 -61.10 -25.18
CA SER F 101 -17.69 -61.64 -24.87
C SER F 101 -18.73 -60.87 -25.67
N ALA F 102 -19.20 -61.46 -26.77
CA ALA F 102 -20.18 -60.82 -27.63
C ALA F 102 -19.68 -59.46 -28.12
N GLY F 194 -6.67 -68.05 -24.24
CA GLY F 194 -6.32 -66.91 -25.06
C GLY F 194 -6.11 -65.65 -24.24
N ILE F 195 -7.02 -65.40 -23.29
CA ILE F 195 -6.92 -64.22 -22.45
C ILE F 195 -5.74 -64.32 -21.49
N SER F 196 -5.19 -65.52 -21.28
CA SER F 196 -4.03 -65.66 -20.40
C SER F 196 -2.84 -64.90 -20.95
N ARG F 197 -2.64 -64.95 -22.27
CA ARG F 197 -1.54 -64.19 -22.87
C ARG F 197 -1.73 -62.70 -22.64
N PHE F 198 -2.95 -62.21 -22.80
CA PHE F 198 -3.21 -60.79 -22.54
C PHE F 198 -2.96 -60.45 -21.08
N TYR F 199 -3.34 -61.35 -20.17
CA TYR F 199 -3.08 -61.11 -18.75
C TYR F 199 -1.59 -61.00 -18.48
N ILE F 200 -0.80 -61.91 -19.05
CA ILE F 200 0.64 -61.87 -18.85
C ILE F 200 1.23 -60.59 -19.42
N ILE F 201 0.79 -60.21 -20.62
CA ILE F 201 1.32 -59.00 -21.25
C ILE F 201 1.00 -57.78 -20.42
N GLN F 202 -0.24 -57.67 -19.92
CA GLN F 202 -0.60 -56.51 -19.12
C GLN F 202 0.15 -56.51 -17.79
N VAL F 203 0.41 -57.68 -17.21
CA VAL F 203 1.21 -57.72 -15.99
C VAL F 203 2.61 -57.18 -16.25
N VAL F 204 3.22 -57.62 -17.35
CA VAL F 204 4.56 -57.14 -17.69
C VAL F 204 4.54 -55.64 -17.90
N PHE F 205 3.55 -55.14 -18.63
CA PHE F 205 3.49 -53.71 -18.92
C PHE F 205 3.27 -52.90 -17.66
N ARG F 206 2.40 -53.38 -16.76
CA ARG F 206 2.18 -52.67 -15.50
C ARG F 206 3.45 -52.63 -14.67
N ASN F 207 4.18 -53.75 -14.61
CA ASN F 207 5.43 -53.77 -13.87
C ASN F 207 6.42 -52.75 -14.45
N ALA F 208 6.56 -52.73 -15.78
CA ALA F 208 7.48 -51.81 -16.41
C ALA F 208 7.08 -50.37 -16.15
N LEU F 209 5.78 -50.07 -16.27
CA LEU F 209 5.32 -48.70 -16.04
C LEU F 209 5.57 -48.26 -14.61
N GLU F 210 5.29 -49.14 -13.64
CA GLU F 210 5.52 -48.79 -12.25
C GLU F 210 6.99 -48.52 -11.98
N ILE F 211 7.88 -49.38 -12.49
CA ILE F 211 9.30 -49.17 -12.29
C ILE F 211 9.75 -47.86 -12.93
N GLY F 212 9.29 -47.60 -14.15
CA GLY F 212 9.68 -46.38 -14.83
C GLY F 212 9.21 -45.14 -14.09
N PHE F 213 7.98 -45.16 -13.57
CA PHE F 213 7.48 -44.00 -12.85
C PHE F 213 8.22 -43.80 -11.54
N LEU F 214 8.56 -44.89 -10.85
CA LEU F 214 9.36 -44.76 -9.63
C LEU F 214 10.70 -44.13 -9.92
N VAL F 215 11.39 -44.61 -10.96
CA VAL F 215 12.70 -44.05 -11.31
C VAL F 215 12.56 -42.59 -11.70
N GLY F 216 11.53 -42.27 -12.49
CA GLY F 216 11.34 -40.88 -12.90
C GLY F 216 11.06 -39.97 -11.73
N GLN F 217 10.25 -40.42 -10.78
CA GLN F 217 9.99 -39.62 -9.58
C GLN F 217 11.28 -39.38 -8.82
N TYR F 218 12.10 -40.42 -8.65
CA TYR F 218 13.34 -40.23 -7.92
C TYR F 218 14.25 -39.23 -8.62
N PHE F 219 14.36 -39.35 -9.95
CA PHE F 219 15.26 -38.47 -10.69
C PHE F 219 14.73 -37.06 -10.85
N LEU F 220 13.42 -36.86 -10.72
CA LEU F 220 12.81 -35.56 -10.94
C LEU F 220 12.59 -34.77 -9.67
N TYR F 221 12.33 -35.44 -8.54
CA TYR F 221 12.03 -34.75 -7.30
C TYR F 221 12.96 -35.09 -6.15
N GLY F 222 13.76 -36.14 -6.26
CA GLY F 222 14.59 -36.53 -5.13
C GLY F 222 13.74 -37.07 -4.00
N PHE F 223 14.20 -36.83 -2.77
CA PHE F 223 13.54 -37.34 -1.57
C PHE F 223 13.09 -36.26 -0.61
N SER F 224 13.28 -34.98 -0.94
CA SER F 224 12.88 -33.91 -0.04
C SER F 224 12.59 -32.66 -0.83
N VAL F 225 11.83 -31.76 -0.22
CA VAL F 225 11.52 -30.46 -0.80
C VAL F 225 12.20 -29.39 0.06
N PRO F 226 13.33 -28.82 -0.36
CA PRO F 226 14.00 -27.84 0.48
C PRO F 226 13.14 -26.62 0.72
N GLY F 227 13.27 -26.05 1.92
CA GLY F 227 12.54 -24.84 2.24
C GLY F 227 13.05 -23.60 1.55
N LEU F 228 14.30 -23.63 1.09
CA LEU F 228 14.90 -22.51 0.38
C LEU F 228 15.24 -22.92 -1.04
N TYR F 229 15.13 -21.98 -1.96
CA TYR F 229 15.50 -22.19 -3.35
C TYR F 229 16.36 -21.03 -3.81
N GLU F 230 17.40 -21.34 -4.57
CA GLU F 230 18.32 -20.34 -5.10
C GLU F 230 18.04 -20.20 -6.59
N CYS F 231 17.45 -19.08 -6.98
CA CYS F 231 16.94 -18.87 -8.33
C CYS F 231 17.75 -17.80 -9.03
N ASN F 232 18.22 -18.11 -10.24
CA ASN F 232 19.05 -17.20 -11.03
C ASN F 232 18.57 -17.16 -12.47
N ARG F 233 17.27 -16.99 -12.65
CA ARG F 233 16.66 -16.93 -13.98
C ARG F 233 16.14 -15.54 -14.26
N TYR F 234 16.20 -15.15 -15.53
CA TYR F 234 15.66 -13.87 -15.94
C TYR F 234 14.16 -13.83 -15.62
N PRO F 235 13.63 -12.69 -15.15
CA PRO F 235 14.23 -11.37 -15.00
C PRO F 235 14.92 -11.15 -13.66
N CYS F 236 15.05 -12.17 -12.82
CA CYS F 236 15.69 -11.99 -11.53
C CYS F 236 17.14 -11.54 -11.71
N ILE F 237 17.55 -10.57 -10.91
CA ILE F 237 18.87 -9.98 -11.02
C ILE F 237 19.88 -10.94 -10.40
N LYS F 238 20.75 -11.51 -11.23
CA LYS F 238 21.78 -12.43 -10.77
C LYS F 238 21.18 -13.59 -9.98
N GLU F 239 21.19 -13.51 -8.66
CA GLU F 239 20.81 -14.63 -7.82
C GLU F 239 19.92 -14.14 -6.69
N VAL F 240 18.80 -14.82 -6.48
CA VAL F 240 17.82 -14.46 -5.46
C VAL F 240 17.43 -15.69 -4.67
N GLU F 241 16.88 -15.46 -3.49
CA GLU F 241 16.42 -16.51 -2.59
C GLU F 241 14.89 -16.52 -2.59
N CYS F 242 14.32 -17.71 -2.72
CA CYS F 242 12.88 -17.90 -2.70
C CYS F 242 12.53 -18.93 -1.64
N TYR F 243 11.33 -18.79 -1.08
CA TYR F 243 10.90 -19.59 0.06
C TYR F 243 9.68 -20.40 -0.32
N VAL F 244 9.75 -21.70 -0.08
CA VAL F 244 8.73 -22.64 -0.50
C VAL F 244 7.64 -22.73 0.55
N SER F 245 6.44 -23.08 0.11
CA SER F 245 5.28 -23.21 0.99
C SER F 245 5.19 -24.62 1.54
N ARG F 246 5.07 -24.73 2.86
CA ARG F 246 4.93 -25.99 3.59
C ARG F 246 5.84 -27.08 2.99
N PRO F 247 7.16 -26.87 3.00
CA PRO F 247 8.07 -27.89 2.45
C PRO F 247 8.02 -29.21 3.20
N THR F 248 7.79 -29.21 4.51
CA THR F 248 7.83 -30.46 5.26
C THR F 248 6.69 -31.38 4.87
N GLU F 249 5.48 -30.83 4.72
CA GLU F 249 4.35 -31.67 4.32
C GLU F 249 4.56 -32.26 2.94
N LYS F 250 5.11 -31.48 2.01
CA LYS F 250 5.37 -31.99 0.68
C LYS F 250 6.47 -33.05 0.70
N THR F 251 7.48 -32.87 1.56
CA THR F 251 8.50 -33.90 1.71
C THR F 251 7.91 -35.20 2.22
N VAL F 252 7.04 -35.11 3.23
CA VAL F 252 6.39 -36.31 3.77
C VAL F 252 5.55 -36.98 2.69
N PHE F 253 4.79 -36.19 1.94
CA PHE F 253 3.97 -36.74 0.86
C PHE F 253 4.83 -37.43 -0.18
N LEU F 254 5.95 -36.80 -0.55
CA LEU F 254 6.84 -37.39 -1.56
C LEU F 254 7.40 -38.72 -1.08
N VAL F 255 7.88 -38.76 0.16
CA VAL F 255 8.45 -40.00 0.68
C VAL F 255 7.39 -41.08 0.78
N PHE F 256 6.20 -40.73 1.23
CA PHE F 256 5.12 -41.71 1.34
C PHE F 256 4.73 -42.26 -0.02
N MET F 257 4.62 -41.40 -1.02
CA MET F 257 4.28 -41.86 -2.36
C MET F 257 5.37 -42.75 -2.92
N PHE F 258 6.63 -42.41 -2.67
CA PHE F 258 7.72 -43.26 -3.11
C PHE F 258 7.64 -44.63 -2.45
N ALA F 259 7.35 -44.68 -1.16
CA ALA F 259 7.24 -45.95 -0.47
C ALA F 259 6.10 -46.79 -1.03
N VAL F 260 4.95 -46.16 -1.29
CA VAL F 260 3.81 -46.90 -1.83
C VAL F 260 4.14 -47.43 -3.22
N SER F 261 4.78 -46.61 -4.04
CA SER F 261 5.16 -47.07 -5.38
C SER F 261 6.16 -48.21 -5.30
N GLY F 262 7.08 -48.16 -4.34
CA GLY F 262 8.02 -49.25 -4.16
C GLY F 262 7.32 -50.54 -3.75
N ILE F 263 6.32 -50.43 -2.86
CA ILE F 263 5.55 -51.61 -2.49
C ILE F 263 4.84 -52.19 -3.71
N CYS F 264 4.25 -51.32 -4.53
CA CYS F 264 3.60 -51.80 -5.75
C CYS F 264 4.59 -52.49 -6.67
N VAL F 265 5.79 -51.92 -6.81
CA VAL F 265 6.80 -52.52 -7.68
C VAL F 265 7.20 -53.89 -7.15
N VAL F 266 7.37 -54.01 -5.84
CA VAL F 266 7.75 -55.30 -5.25
C VAL F 266 6.66 -56.33 -5.49
N LEU F 267 5.40 -55.95 -5.29
CA LEU F 267 4.31 -56.89 -5.51
C LEU F 267 4.24 -57.32 -6.97
N ASN F 268 4.42 -56.37 -7.90
CA ASN F 268 4.40 -56.71 -9.32
C ASN F 268 5.54 -57.66 -9.67
N LEU F 269 6.73 -57.41 -9.11
CA LEU F 269 7.86 -58.30 -9.37
C LEU F 269 7.59 -59.69 -8.81
N ALA F 270 6.98 -59.77 -7.63
CA ALA F 270 6.64 -61.07 -7.07
C ALA F 270 5.66 -61.81 -7.97
N GLU F 271 4.65 -61.11 -8.46
CA GLU F 271 3.69 -61.74 -9.36
C GLU F 271 4.38 -62.22 -10.64
N LEU F 272 5.27 -61.40 -11.20
CA LEU F 272 5.98 -61.79 -12.41
C LEU F 272 6.84 -63.02 -12.16
N ASN F 273 7.54 -63.07 -11.03
CA ASN F 273 8.34 -64.24 -10.70
C ASN F 273 7.47 -65.48 -10.55
N HIS F 274 6.29 -65.31 -9.94
CA HIS F 274 5.37 -66.44 -9.82
C HIS F 274 4.93 -66.93 -11.20
N LEU F 275 4.71 -66.00 -12.13
CA LEU F 275 4.33 -66.40 -13.48
C LEU F 275 5.44 -67.22 -14.14
N GLY F 276 6.68 -66.79 -13.99
CA GLY F 276 7.81 -67.54 -14.49
C GLY F 276 8.34 -67.00 -15.81
N TRP F 277 9.65 -67.15 -16.01
CA TRP F 277 10.26 -66.70 -17.25
C TRP F 277 9.71 -67.48 -18.45
N ARG F 278 9.56 -68.80 -18.31
CA ARG F 278 9.19 -69.63 -19.44
C ARG F 278 7.80 -69.31 -19.98
N LYS F 279 6.98 -68.59 -19.21
CA LYS F 279 5.65 -68.18 -19.68
C LYS F 279 5.66 -66.80 -20.32
N ILE F 280 6.35 -65.83 -19.70
CA ILE F 280 6.41 -64.49 -20.30
C ILE F 280 7.19 -64.54 -21.60
N LYS F 281 8.22 -65.38 -21.67
CA LYS F 281 8.99 -65.50 -22.91
C LYS F 281 8.11 -66.04 -24.03
N LEU F 282 7.26 -67.00 -23.74
CA LEU F 282 6.37 -67.59 -24.74
C LEU F 282 5.12 -66.75 -24.91
N SER G 19 28.01 56.54 -25.69
CA SER G 19 26.98 55.67 -25.16
C SER G 19 27.59 54.54 -24.33
N THR G 20 28.89 54.62 -24.06
CA THR G 20 29.54 53.59 -23.26
C THR G 20 29.03 53.62 -21.81
N MET G 21 28.75 54.81 -21.28
CA MET G 21 28.27 54.91 -19.91
C MET G 21 26.93 54.21 -19.75
N ILE G 22 25.98 54.50 -20.65
CA ILE G 22 24.68 53.87 -20.56
C ILE G 22 24.80 52.37 -20.81
N GLY G 23 25.70 51.97 -21.70
CA GLY G 23 25.92 50.55 -21.93
C GLY G 23 26.41 49.83 -20.69
N ARG G 24 27.38 50.44 -19.99
CA ARG G 24 27.89 49.83 -18.76
C ARG G 24 26.80 49.78 -17.69
N ILE G 25 26.01 50.85 -17.58
CA ILE G 25 24.93 50.86 -16.59
C ILE G 25 23.94 49.74 -16.89
N LEU G 26 23.55 49.59 -18.16
CA LEU G 26 22.63 48.53 -18.54
C LEU G 26 23.22 47.16 -18.26
N LEU G 27 24.51 46.98 -18.56
CA LEU G 27 25.14 45.69 -18.32
C LEU G 27 25.12 45.34 -16.83
N THR G 28 25.49 46.31 -15.98
CA THR G 28 25.47 46.06 -14.55
C THR G 28 24.06 45.74 -14.07
N VAL G 29 23.07 46.49 -14.54
CA VAL G 29 21.69 46.27 -14.12
C VAL G 29 21.23 44.88 -14.54
N VAL G 30 21.55 44.48 -15.77
CA VAL G 30 21.12 43.16 -16.25
C VAL G 30 21.80 42.06 -15.47
N VAL G 31 23.09 42.21 -15.15
CA VAL G 31 23.79 41.19 -14.38
C VAL G 31 23.15 41.04 -13.00
N ILE G 32 22.87 42.17 -12.34
CA ILE G 32 22.25 42.12 -11.03
C ILE G 32 20.86 41.50 -11.12
N PHE G 33 20.13 41.83 -12.18
CA PHE G 33 18.79 41.29 -12.36
C PHE G 33 18.83 39.77 -12.52
N ARG G 34 19.76 39.28 -13.34
CA ARG G 34 19.87 37.84 -13.52
C ARG G 34 20.25 37.15 -12.22
N ILE G 35 21.20 37.73 -11.47
CA ILE G 35 21.61 37.13 -10.21
C ILE G 35 20.43 37.05 -9.25
N LEU G 36 19.67 38.14 -9.15
CA LEU G 36 18.53 38.16 -8.24
C LEU G 36 17.49 37.12 -8.65
N ILE G 37 17.15 37.08 -9.94
CA ILE G 37 16.12 36.14 -10.40
C ILE G 37 16.54 34.72 -10.09
N VAL G 38 17.77 34.35 -10.47
CA VAL G 38 18.25 33.01 -10.18
C VAL G 38 18.16 32.73 -8.68
N ALA G 39 18.89 33.51 -7.89
CA ALA G 39 18.99 33.22 -6.46
C ALA G 39 17.65 33.23 -5.75
N ILE G 40 16.63 33.88 -6.31
CA ILE G 40 15.35 33.99 -5.62
C ILE G 40 14.40 32.88 -6.03
N VAL G 41 14.27 32.59 -7.33
CA VAL G 41 13.23 31.67 -7.78
C VAL G 41 13.78 30.35 -8.32
N GLY G 42 15.00 30.33 -8.86
CA GLY G 42 15.47 29.13 -9.54
C GLY G 42 15.49 27.92 -8.63
N GLU G 43 15.94 28.10 -7.39
CA GLU G 43 16.01 26.97 -6.47
C GLU G 43 14.63 26.40 -6.22
N THR G 44 13.63 27.25 -6.04
CA THR G 44 12.27 26.77 -5.76
C THR G 44 11.66 26.10 -6.98
N VAL G 45 11.95 26.62 -8.18
CA VAL G 45 11.34 26.05 -9.38
C VAL G 45 11.79 24.61 -9.58
N TYR G 46 13.06 24.31 -9.29
CA TYR G 46 13.64 23.01 -9.55
C TYR G 46 13.76 22.15 -8.30
N ASP G 47 13.02 22.48 -7.24
CA ASP G 47 13.15 21.74 -5.99
C ASP G 47 12.66 20.31 -6.15
N ASP G 48 11.47 20.12 -6.72
CA ASP G 48 10.86 18.80 -6.84
C ASP G 48 11.07 18.20 -8.23
N GLU G 49 12.21 18.51 -8.86
CA GLU G 49 12.45 18.03 -10.22
C GLU G 49 12.49 16.51 -10.27
N GLN G 50 13.12 15.87 -9.28
CA GLN G 50 13.22 14.41 -9.26
C GLN G 50 12.06 13.74 -8.53
N THR G 51 11.58 14.34 -7.45
CA THR G 51 10.51 13.72 -6.68
C THR G 51 9.23 13.60 -7.51
N MET G 52 8.91 14.62 -8.31
CA MET G 52 7.73 14.62 -9.14
C MET G 52 7.98 14.06 -10.54
N PHE G 53 9.19 13.58 -10.81
CA PHE G 53 9.48 12.89 -12.06
C PHE G 53 9.05 11.43 -11.92
N VAL G 54 8.15 11.00 -12.79
CA VAL G 54 7.55 9.67 -12.70
C VAL G 54 7.63 9.00 -14.06
N CYS G 55 7.97 7.71 -14.06
CA CYS G 55 8.02 6.89 -15.26
C CYS G 55 6.96 5.80 -15.17
N ASN G 56 6.32 5.51 -16.30
CA ASN G 56 5.28 4.49 -16.37
C ASN G 56 5.96 3.13 -16.44
N THR G 57 6.29 2.59 -15.27
CA THR G 57 6.98 1.30 -15.19
C THR G 57 6.92 0.80 -13.76
N LEU G 58 7.23 -0.48 -13.58
CA LEU G 58 7.36 -1.09 -12.27
C LEU G 58 8.80 -1.46 -11.94
N GLN G 59 9.72 -1.27 -12.88
CA GLN G 59 11.10 -1.68 -12.67
C GLN G 59 11.76 -0.78 -11.62
N PRO G 60 12.26 -1.33 -10.51
CA PRO G 60 13.01 -0.49 -9.56
C PRO G 60 14.24 0.11 -10.22
N GLY G 61 14.51 1.37 -9.89
CA GLY G 61 15.68 2.05 -10.38
C GLY G 61 15.54 2.63 -11.77
N CYS G 62 14.40 2.42 -12.44
CA CYS G 62 14.23 3.01 -13.77
C CYS G 62 13.96 4.50 -13.68
N ASN G 63 13.30 4.96 -12.63
CA ASN G 63 13.05 6.38 -12.47
C ASN G 63 14.37 7.15 -12.36
N GLN G 64 15.30 6.65 -11.55
CA GLN G 64 16.58 7.33 -11.39
C GLN G 64 17.34 7.41 -12.69
N ALA G 65 17.44 6.28 -13.41
CA ALA G 65 18.18 6.27 -14.66
C ALA G 65 17.53 7.19 -15.69
N CYS G 66 16.20 7.15 -15.81
CA CYS G 66 15.53 7.98 -16.80
C CYS G 66 15.68 9.46 -16.46
N TYR G 67 15.55 9.82 -15.19
CA TYR G 67 15.74 11.22 -14.82
C TYR G 67 17.16 11.68 -15.10
N ASP G 68 18.14 10.83 -14.77
CA ASP G 68 19.53 11.20 -15.01
C ASP G 68 19.81 11.39 -16.49
N ARG G 69 19.23 10.54 -17.34
CA ARG G 69 19.43 10.69 -18.77
C ARG G 69 18.72 11.93 -19.31
N ALA G 70 17.51 12.20 -18.82
CA ALA G 70 16.74 13.33 -19.32
C ALA G 70 17.38 14.65 -18.95
N PHE G 71 17.87 14.77 -17.71
CA PHE G 71 18.44 16.01 -17.19
C PHE G 71 19.81 15.72 -16.60
N PRO G 72 20.83 15.57 -17.45
CA PRO G 72 22.17 15.28 -16.91
C PRO G 72 22.65 16.32 -15.94
N ILE G 73 22.37 17.59 -16.20
CA ILE G 73 22.69 18.70 -15.30
C ILE G 73 21.45 19.57 -15.18
N SER G 74 21.05 19.85 -13.94
CA SER G 74 19.90 20.72 -13.73
C SER G 74 20.18 22.11 -14.29
N HIS G 75 19.13 22.74 -14.82
CA HIS G 75 19.29 24.08 -15.38
C HIS G 75 19.82 25.05 -14.33
N ILE G 76 19.34 24.93 -13.09
CA ILE G 76 19.72 25.88 -12.06
C ILE G 76 21.22 25.78 -11.77
N ARG G 77 21.75 24.57 -11.69
CA ARG G 77 23.18 24.40 -11.46
C ARG G 77 23.99 25.03 -12.59
N TYR G 78 23.58 24.79 -13.83
CA TYR G 78 24.29 25.36 -14.96
C TYR G 78 24.27 26.88 -14.91
N TRP G 79 23.12 27.47 -14.58
CA TRP G 79 23.00 28.92 -14.54
C TRP G 79 23.83 29.51 -13.41
N VAL G 80 23.86 28.84 -12.25
CA VAL G 80 24.68 29.32 -11.14
C VAL G 80 26.15 29.30 -11.55
N PHE G 81 26.59 28.20 -12.16
CA PHE G 81 27.97 28.11 -12.60
C PHE G 81 28.28 29.21 -13.62
N GLN G 82 27.36 29.44 -14.56
CA GLN G 82 27.57 30.48 -15.56
C GLN G 82 27.69 31.85 -14.91
N ILE G 83 26.83 32.14 -13.93
CA ILE G 83 26.84 33.44 -13.29
C ILE G 83 28.17 33.67 -12.57
N ILE G 84 28.61 32.67 -11.81
CA ILE G 84 29.87 32.83 -11.09
C ILE G 84 31.02 32.99 -12.07
N MET G 85 31.03 32.19 -13.15
CA MET G 85 32.13 32.27 -14.10
C MET G 85 32.18 33.63 -14.79
N VAL G 86 31.02 34.16 -15.19
CA VAL G 86 31.02 35.45 -15.87
C VAL G 86 31.38 36.57 -14.89
N CYS G 87 31.08 36.40 -13.61
CA CYS G 87 31.51 37.37 -12.62
C CYS G 87 32.99 37.26 -12.29
N THR G 88 33.61 36.11 -12.55
CA THR G 88 35.01 35.90 -12.17
C THR G 88 35.96 36.96 -12.72
N PRO G 89 35.90 37.35 -13.99
CA PRO G 89 36.82 38.40 -14.47
C PRO G 89 36.72 39.69 -13.68
N SER G 90 35.51 40.09 -13.29
CA SER G 90 35.35 41.28 -12.46
C SER G 90 36.05 41.10 -11.12
N LEU G 91 35.93 39.92 -10.52
CA LEU G 91 36.64 39.65 -9.26
C LEU G 91 38.14 39.72 -9.46
N CYS G 92 38.64 39.20 -10.58
CA CYS G 92 40.07 39.29 -10.87
C CYS G 92 40.50 40.75 -10.96
N PHE G 93 39.72 41.57 -11.67
CA PHE G 93 40.05 42.98 -11.80
C PHE G 93 40.05 43.68 -10.45
N ILE G 94 39.05 43.39 -9.62
CA ILE G 94 38.98 44.03 -8.30
C ILE G 94 40.16 43.62 -7.44
N THR G 95 40.50 42.33 -7.46
CA THR G 95 41.65 41.87 -6.68
C THR G 95 42.94 42.51 -7.16
N TYR G 96 43.11 42.64 -8.48
CA TYR G 96 44.30 43.31 -9.02
C TYR G 96 44.35 44.76 -8.57
N SER G 97 43.21 45.45 -8.61
CA SER G 97 43.18 46.84 -8.17
C SER G 97 43.53 46.95 -6.69
N VAL G 98 43.00 46.07 -5.85
CA VAL G 98 43.30 46.10 -4.43
C VAL G 98 44.79 45.85 -4.20
N HIS G 99 45.35 44.84 -4.88
CA HIS G 99 46.77 44.53 -4.71
C HIS G 99 47.66 45.65 -5.20
N GLN G 100 47.24 46.35 -6.25
CA GLN G 100 48.07 47.44 -6.79
C GLN G 100 48.27 48.53 -5.74
N SER G 101 47.20 48.89 -5.02
CA SER G 101 47.29 49.93 -4.00
C SER G 101 47.83 49.32 -2.71
N ALA G 102 49.07 49.66 -2.37
CA ALA G 102 49.71 49.13 -1.17
C ALA G 102 49.73 47.61 -1.19
N GLY G 194 48.29 51.45 -16.71
CA GLY G 194 48.59 50.04 -16.53
C GLY G 194 47.35 49.20 -16.35
N ILE G 195 46.44 49.66 -15.48
CA ILE G 195 45.20 48.93 -15.23
C ILE G 195 44.30 48.93 -16.46
N SER G 196 44.53 49.82 -17.41
CA SER G 196 43.71 49.84 -18.63
C SER G 196 43.87 48.54 -19.41
N ARG G 197 45.11 48.03 -19.48
CA ARG G 197 45.33 46.75 -20.16
C ARG G 197 44.58 45.63 -19.48
N PHE G 198 44.60 45.61 -18.13
CA PHE G 198 43.85 44.59 -17.41
C PHE G 198 42.36 44.72 -17.66
N TYR G 199 41.86 45.96 -17.72
CA TYR G 199 40.45 46.17 -18.01
C TYR G 199 40.08 45.64 -19.39
N ILE G 200 40.91 45.92 -20.39
CA ILE G 200 40.64 45.43 -21.73
C ILE G 200 40.64 43.90 -21.74
N ILE G 201 41.64 43.29 -21.09
CA ILE G 201 41.73 41.84 -21.08
C ILE G 201 40.52 41.22 -20.39
N GLN G 202 40.09 41.80 -19.27
CA GLN G 202 38.95 41.24 -18.56
C GLN G 202 37.66 41.43 -19.35
N VAL G 203 37.54 42.53 -20.08
CA VAL G 203 36.37 42.71 -20.94
C VAL G 203 36.34 41.65 -22.03
N VAL G 204 37.49 41.39 -22.65
CA VAL G 204 37.56 40.35 -23.69
C VAL G 204 37.19 39.00 -23.10
N PHE G 205 37.72 38.68 -21.92
CA PHE G 205 37.44 37.39 -21.31
C PHE G 205 35.97 37.26 -20.94
N ARG G 206 35.37 38.34 -20.45
CA ARG G 206 33.94 38.31 -20.14
C ARG G 206 33.12 38.06 -21.41
N ASN G 207 33.48 38.74 -22.51
CA ASN G 207 32.82 38.49 -23.78
C ASN G 207 32.89 37.01 -24.15
N ALA G 208 34.10 36.45 -24.12
CA ALA G 208 34.28 35.07 -24.52
C ALA G 208 33.48 34.13 -23.63
N LEU G 209 33.52 34.35 -22.31
CA LEU G 209 32.81 33.47 -21.39
C LEU G 209 31.31 33.54 -21.62
N GLU G 210 30.77 34.76 -21.79
CA GLU G 210 29.33 34.89 -21.99
C GLU G 210 28.90 34.21 -23.28
N ILE G 211 29.65 34.41 -24.37
CA ILE G 211 29.28 33.79 -25.63
C ILE G 211 29.34 32.27 -25.52
N GLY G 212 30.41 31.76 -24.89
CA GLY G 212 30.54 30.33 -24.74
C GLY G 212 29.42 29.73 -23.91
N PHE G 213 29.03 30.42 -22.83
CA PHE G 213 27.96 29.89 -21.98
C PHE G 213 26.63 29.92 -22.70
N LEU G 214 26.36 30.97 -23.48
CA LEU G 214 25.13 31.01 -24.27
C LEU G 214 25.08 29.86 -25.26
N VAL G 215 26.19 29.64 -25.98
CA VAL G 215 26.23 28.55 -26.95
C VAL G 215 26.04 27.21 -26.26
N GLY G 216 26.71 27.02 -25.11
CA GLY G 216 26.59 25.77 -24.39
C GLY G 216 25.17 25.54 -23.90
N GLN G 217 24.52 26.58 -23.41
CA GLN G 217 23.13 26.44 -22.99
C GLN G 217 22.25 26.02 -24.15
N TYR G 218 22.43 26.66 -25.31
CA TYR G 218 21.63 26.28 -26.47
C TYR G 218 21.86 24.83 -26.85
N PHE G 219 23.11 24.40 -26.86
CA PHE G 219 23.42 23.04 -27.31
C PHE G 219 23.04 21.99 -26.27
N LEU G 220 22.94 22.37 -25.00
CA LEU G 220 22.67 21.41 -23.94
C LEU G 220 21.19 21.28 -23.63
N TYR G 221 20.43 22.38 -23.66
CA TYR G 221 19.04 22.35 -23.27
C TYR G 221 18.07 22.74 -24.37
N GLY G 222 18.55 23.24 -25.51
CA GLY G 222 17.63 23.68 -26.54
C GLY G 222 16.84 24.89 -26.08
N PHE G 223 15.56 24.92 -26.46
CA PHE G 223 14.69 26.05 -26.14
C PHE G 223 13.43 25.67 -25.40
N SER G 224 13.19 24.38 -25.12
CA SER G 224 11.98 23.97 -24.43
C SER G 224 12.27 22.71 -23.63
N VAL G 225 11.43 22.48 -22.62
CA VAL G 225 11.48 21.27 -21.82
C VAL G 225 10.25 20.44 -22.15
N PRO G 226 10.37 19.35 -22.91
CA PRO G 226 9.17 18.58 -23.27
C PRO G 226 8.52 17.96 -22.05
N GLY G 227 7.20 17.84 -22.10
CA GLY G 227 6.47 17.24 -21.00
C GLY G 227 6.63 15.74 -20.92
N LEU G 228 6.96 15.10 -22.05
CA LEU G 228 7.18 13.67 -22.11
C LEU G 228 8.62 13.38 -22.48
N TYR G 229 9.19 12.34 -21.88
CA TYR G 229 10.52 11.87 -22.21
C TYR G 229 10.46 10.38 -22.49
N GLU G 230 11.20 9.95 -23.52
CA GLU G 230 11.23 8.54 -23.91
C GLU G 230 12.60 7.98 -23.51
N CYS G 231 12.61 7.11 -22.51
CA CYS G 231 13.83 6.65 -21.86
C CYS G 231 14.04 5.17 -22.14
N ASN G 232 15.20 4.82 -22.67
CA ASN G 232 15.53 3.44 -23.02
C ASN G 232 16.87 3.05 -22.43
N ARG G 233 17.06 3.34 -21.16
CA ARG G 233 18.31 3.05 -20.46
C ARG G 233 18.09 1.98 -19.40
N TYR G 234 19.10 1.13 -19.23
CA TYR G 234 19.03 0.10 -18.22
C TYR G 234 18.80 0.74 -16.84
N PRO G 235 17.99 0.12 -15.96
CA PRO G 235 17.32 -1.17 -16.05
C PRO G 235 15.94 -1.14 -16.70
N CYS G 236 15.55 -0.01 -17.27
CA CYS G 236 14.21 0.11 -17.84
C CYS G 236 13.99 -0.94 -18.91
N ILE G 237 12.81 -1.55 -18.89
CA ILE G 237 12.47 -2.61 -19.83
C ILE G 237 12.23 -1.98 -21.20
N LYS G 238 13.17 -2.17 -22.11
CA LYS G 238 13.08 -1.64 -23.48
C LYS G 238 12.90 -0.13 -23.37
N GLU G 239 11.80 0.43 -23.85
CA GLU G 239 11.59 1.88 -23.87
C GLU G 239 10.37 2.24 -23.03
N VAL G 240 10.53 3.24 -22.17
CA VAL G 240 9.49 3.64 -21.23
C VAL G 240 9.20 5.12 -21.42
N GLU G 241 8.02 5.53 -20.96
CA GLU G 241 7.60 6.93 -21.02
C GLU G 241 7.65 7.53 -19.62
N CYS G 242 8.33 8.67 -19.50
CA CYS G 242 8.44 9.39 -18.25
C CYS G 242 7.87 10.79 -18.41
N TYR G 243 7.36 11.35 -17.32
CA TYR G 243 6.64 12.61 -17.34
C TYR G 243 7.36 13.63 -16.48
N VAL G 244 7.66 14.76 -17.06
CA VAL G 244 8.45 15.81 -16.42
C VAL G 244 7.54 16.66 -15.54
N SER G 245 8.12 17.26 -14.52
CA SER G 245 7.38 18.09 -13.57
C SER G 245 7.45 19.56 -14.01
N ARG G 246 6.28 20.19 -14.09
CA ARG G 246 6.12 21.59 -14.49
C ARG G 246 7.04 21.94 -15.66
N PRO G 247 6.88 21.28 -16.81
CA PRO G 247 7.72 21.60 -17.97
C PRO G 247 7.53 23.02 -18.49
N THR G 248 6.33 23.58 -18.40
CA THR G 248 6.09 24.91 -18.96
C THR G 248 6.86 25.99 -18.20
N GLU G 249 6.87 25.91 -16.87
CA GLU G 249 7.61 26.89 -16.10
C GLU G 249 9.10 26.81 -16.39
N LYS G 250 9.63 25.60 -16.51
CA LYS G 250 11.04 25.44 -16.83
C LYS G 250 11.35 25.95 -18.24
N THR G 251 10.44 25.74 -19.19
CA THR G 251 10.63 26.29 -20.52
C THR G 251 10.67 27.81 -20.48
N VAL G 252 9.76 28.42 -19.74
CA VAL G 252 9.74 29.88 -19.63
C VAL G 252 11.04 30.36 -19.00
N PHE G 253 11.50 29.70 -17.94
CA PHE G 253 12.74 30.08 -17.29
C PHE G 253 13.91 29.96 -18.25
N LEU G 254 13.97 28.88 -19.03
CA LEU G 254 15.06 28.68 -19.96
C LEU G 254 15.08 29.76 -21.03
N VAL G 255 13.91 30.09 -21.60
CA VAL G 255 13.86 31.11 -22.63
C VAL G 255 14.24 32.47 -22.05
N PHE G 256 13.76 32.79 -20.85
CA PHE G 256 14.09 34.06 -20.24
C PHE G 256 15.57 34.18 -19.97
N MET G 257 16.19 33.11 -19.45
CA MET G 257 17.62 33.14 -19.18
C MET G 257 18.41 33.28 -20.48
N PHE G 258 17.98 32.60 -21.53
CA PHE G 258 18.63 32.77 -22.83
C PHE G 258 18.54 34.21 -23.31
N ALA G 259 17.38 34.83 -23.16
CA ALA G 259 17.22 36.22 -23.59
C ALA G 259 18.12 37.14 -22.79
N VAL G 260 18.19 36.94 -21.47
CA VAL G 260 19.05 37.80 -20.64
C VAL G 260 20.51 37.62 -21.02
N SER G 261 20.93 36.37 -21.24
CA SER G 261 22.32 36.12 -21.64
C SER G 261 22.61 36.76 -22.99
N GLY G 262 21.66 36.71 -23.92
CA GLY G 262 21.85 37.36 -25.20
C GLY G 262 21.99 38.86 -25.07
N ILE G 263 21.18 39.46 -24.19
CA ILE G 263 21.31 40.90 -23.94
C ILE G 263 22.69 41.21 -23.38
N CYS G 264 23.16 40.41 -22.45
CA CYS G 264 24.51 40.62 -21.90
C CYS G 264 25.56 40.50 -22.98
N VAL G 265 25.42 39.51 -23.87
CA VAL G 265 26.38 39.33 -24.95
C VAL G 265 26.38 40.55 -25.87
N VAL G 266 25.20 41.06 -26.20
CA VAL G 266 25.12 42.23 -27.07
C VAL G 266 25.78 43.43 -26.42
N LEU G 267 25.51 43.66 -25.13
CA LEU G 267 26.12 44.79 -24.45
C LEU G 267 27.64 44.66 -24.40
N ASN G 268 28.14 43.46 -24.12
CA ASN G 268 29.58 43.26 -24.07
C ASN G 268 30.21 43.46 -25.44
N LEU G 269 29.53 43.01 -26.51
CA LEU G 269 30.05 43.23 -27.85
C LEU G 269 30.07 44.71 -28.19
N ALA G 270 29.04 45.45 -27.76
CA ALA G 270 29.04 46.90 -27.98
C ALA G 270 30.20 47.55 -27.26
N GLU G 271 30.47 47.15 -26.02
CA GLU G 271 31.61 47.69 -25.30
C GLU G 271 32.92 47.37 -26.01
N LEU G 272 33.06 46.13 -26.50
CA LEU G 272 34.26 45.76 -27.23
C LEU G 272 34.43 46.62 -28.48
N ASN G 273 33.35 46.82 -29.23
CA ASN G 273 33.43 47.65 -30.42
C ASN G 273 33.83 49.08 -30.05
N HIS G 274 33.32 49.59 -28.94
CA HIS G 274 33.73 50.90 -28.48
C HIS G 274 35.22 50.94 -28.17
N LEU G 275 35.74 49.87 -27.55
CA LEU G 275 37.17 49.82 -27.25
C LEU G 275 38.00 49.82 -28.53
N GLY G 276 37.59 49.06 -29.53
CA GLY G 276 38.24 49.05 -30.81
C GLY G 276 39.20 47.89 -30.98
N TRP G 277 39.40 47.48 -32.24
CA TRP G 277 40.27 46.35 -32.53
C TRP G 277 41.73 46.69 -32.27
N ARG G 278 42.17 47.87 -32.73
CA ARG G 278 43.58 48.24 -32.61
C ARG G 278 44.00 48.41 -31.16
N LYS G 279 43.06 48.50 -30.23
CA LYS G 279 43.35 48.69 -28.83
C LYS G 279 43.40 47.37 -28.07
N ILE G 280 42.54 46.42 -28.45
CA ILE G 280 42.65 45.08 -27.89
C ILE G 280 43.88 44.38 -28.44
N LYS G 281 44.26 44.68 -29.69
CA LYS G 281 45.42 44.03 -30.28
C LYS G 281 46.69 44.32 -29.48
N LEU G 282 46.87 45.57 -29.08
CA LEU G 282 48.06 45.95 -28.32
C LEU G 282 47.94 45.51 -26.86
N SER H 19 55.61 37.18 -12.26
CA SER H 19 54.26 36.67 -12.44
C SER H 19 53.65 36.24 -11.11
N THR H 20 54.35 36.53 -10.01
CA THR H 20 53.87 36.11 -8.70
C THR H 20 52.57 36.81 -8.33
N MET H 21 52.43 38.09 -8.68
CA MET H 21 51.23 38.82 -8.29
C MET H 21 50.00 38.28 -9.00
N ILE H 22 50.11 38.03 -10.31
CA ILE H 22 48.99 37.45 -11.03
C ILE H 22 48.70 36.05 -10.52
N GLY H 23 49.75 35.32 -10.13
CA GLY H 23 49.54 34.01 -9.53
C GLY H 23 48.73 34.09 -8.25
N ARG H 24 49.06 35.04 -7.38
CA ARG H 24 48.31 35.20 -6.14
C ARG H 24 46.87 35.62 -6.43
N ILE H 25 46.68 36.52 -7.39
CA ILE H 25 45.33 36.95 -7.73
C ILE H 25 44.50 35.78 -8.23
N LEU H 26 45.09 34.97 -9.12
CA LEU H 26 44.38 33.81 -9.65
C LEU H 26 44.07 32.81 -8.55
N LEU H 27 45.02 32.60 -7.63
CA LEU H 27 44.79 31.66 -6.55
C LEU H 27 43.63 32.11 -5.66
N THR H 28 43.61 33.40 -5.32
CA THR H 28 42.52 33.92 -4.51
C THR H 28 41.19 33.79 -5.23
N VAL H 29 41.17 34.13 -6.52
CA VAL H 29 39.94 34.05 -7.30
C VAL H 29 39.44 32.62 -7.35
N VAL H 30 40.35 31.67 -7.58
CA VAL H 30 39.94 30.27 -7.69
C VAL H 30 39.43 29.76 -6.34
N VAL H 31 40.07 30.14 -5.24
CA VAL H 31 39.61 29.71 -3.93
C VAL H 31 38.21 30.24 -3.67
N ILE H 32 37.99 31.53 -3.94
CA ILE H 32 36.67 32.12 -3.72
C ILE H 32 35.64 31.43 -4.61
N PHE H 33 36.00 31.16 -5.86
CA PHE H 33 35.08 30.52 -6.79
C PHE H 33 34.69 29.13 -6.31
N ARG H 34 35.67 28.36 -5.84
CA ARG H 34 35.38 27.02 -5.32
C ARG H 34 34.46 27.11 -4.11
N ILE H 35 34.75 28.03 -3.19
CA ILE H 35 33.92 28.17 -2.00
C ILE H 35 32.49 28.51 -2.41
N LEU H 36 32.32 29.45 -3.33
CA LEU H 36 30.99 29.85 -3.76
C LEU H 36 30.26 28.67 -4.39
N ILE H 37 30.91 27.97 -5.31
CA ILE H 37 30.25 26.87 -6.00
C ILE H 37 29.79 25.83 -5.00
N VAL H 38 30.70 25.39 -4.12
CA VAL H 38 30.32 24.40 -3.11
C VAL H 38 29.13 24.92 -2.31
N ALA H 39 29.32 26.04 -1.60
CA ALA H 39 28.29 26.51 -0.68
C ALA H 39 26.96 26.74 -1.36
N ILE H 40 26.95 27.00 -2.66
CA ILE H 40 25.70 27.36 -3.34
C ILE H 40 25.00 26.13 -3.90
N VAL H 41 25.71 25.21 -4.54
CA VAL H 41 25.04 24.14 -5.27
C VAL H 41 25.28 22.75 -4.69
N GLY H 42 26.36 22.53 -3.94
CA GLY H 42 26.67 21.18 -3.49
C GLY H 42 25.59 20.59 -2.60
N GLU H 43 25.12 21.38 -1.63
CA GLU H 43 24.11 20.88 -0.71
C GLU H 43 22.84 20.47 -1.45
N THR H 44 22.41 21.28 -2.41
CA THR H 44 21.21 20.95 -3.18
C THR H 44 21.45 19.71 -4.04
N VAL H 45 22.64 19.58 -4.64
CA VAL H 45 22.90 18.44 -5.48
C VAL H 45 22.87 17.15 -4.68
N TYR H 46 23.47 17.16 -3.49
CA TYR H 46 23.58 15.97 -2.65
C TYR H 46 22.50 15.93 -1.57
N ASP H 47 21.31 16.44 -1.85
CA ASP H 47 20.26 16.49 -0.83
C ASP H 47 19.52 15.15 -0.74
N ASP H 48 19.06 14.64 -1.87
CA ASP H 48 18.30 13.39 -1.92
C ASP H 48 19.18 12.20 -2.26
N GLU H 49 20.45 12.22 -1.83
CA GLU H 49 21.36 11.15 -2.17
C GLU H 49 20.88 9.81 -1.64
N GLN H 50 20.36 9.79 -0.41
CA GLN H 50 19.92 8.54 0.19
C GLN H 50 18.44 8.27 -0.03
N THR H 51 17.60 9.31 -0.05
CA THR H 51 16.18 9.10 -0.25
C THR H 51 15.90 8.52 -1.63
N MET H 52 16.65 8.96 -2.64
CA MET H 52 16.48 8.49 -4.00
C MET H 52 17.37 7.29 -4.32
N PHE H 53 18.12 6.78 -3.36
CA PHE H 53 18.93 5.59 -3.53
C PHE H 53 18.06 4.37 -3.25
N VAL H 54 17.90 3.50 -4.24
CA VAL H 54 16.99 2.37 -4.16
C VAL H 54 17.74 1.10 -4.55
N CYS H 55 17.50 0.03 -3.80
CA CYS H 55 18.06 -1.28 -4.10
C CYS H 55 16.94 -2.24 -4.48
N ASN H 56 17.21 -3.09 -5.46
CA ASN H 56 16.23 -4.08 -5.92
C ASN H 56 16.22 -5.24 -4.94
N THR H 57 15.39 -5.12 -3.91
CA THR H 57 15.31 -6.14 -2.86
C THR H 57 14.11 -5.82 -1.98
N LEU H 58 13.75 -6.81 -1.15
CA LEU H 58 12.71 -6.65 -0.14
C LEU H 58 13.26 -6.70 1.27
N GLN H 59 14.54 -6.99 1.44
CA GLN H 59 15.11 -7.13 2.76
C GLN H 59 15.14 -5.79 3.47
N PRO H 60 14.51 -5.65 4.63
CA PRO H 60 14.61 -4.38 5.38
C PRO H 60 16.06 -4.10 5.76
N GLY H 61 16.45 -2.84 5.66
CA GLY H 61 17.79 -2.42 6.03
C GLY H 61 18.84 -2.64 4.97
N CYS H 62 18.49 -3.23 3.84
CA CYS H 62 19.48 -3.41 2.77
C CYS H 62 19.82 -2.08 2.11
N ASN H 63 18.84 -1.19 1.98
CA ASN H 63 19.11 0.11 1.39
C ASN H 63 20.13 0.89 2.20
N GLN H 64 19.97 0.90 3.53
CA GLN H 64 20.88 1.64 4.39
C GLN H 64 22.31 1.10 4.26
N ALA H 65 22.46 -0.22 4.37
CA ALA H 65 23.79 -0.82 4.31
C ALA H 65 24.44 -0.59 2.95
N CYS H 66 23.67 -0.78 1.88
CA CYS H 66 24.23 -0.62 0.54
C CYS H 66 24.62 0.83 0.27
N TYR H 67 23.79 1.79 0.69
CA TYR H 67 24.16 3.18 0.51
C TYR H 67 25.41 3.52 1.32
N ASP H 68 25.48 3.03 2.56
CA ASP H 68 26.65 3.31 3.38
C ASP H 68 27.91 2.76 2.75
N ARG H 69 27.83 1.55 2.19
CA ARG H 69 29.01 0.98 1.53
C ARG H 69 29.37 1.74 0.27
N ALA H 70 28.36 2.13 -0.52
CA ALA H 70 28.62 2.80 -1.79
C ALA H 70 29.24 4.17 -1.58
N PHE H 71 28.75 4.93 -0.60
CA PHE H 71 29.17 6.30 -0.34
C PHE H 71 29.53 6.45 1.12
N PRO H 72 30.70 5.94 1.53
CA PRO H 72 31.07 6.06 2.96
C PRO H 72 31.08 7.49 3.45
N ILE H 73 31.54 8.42 2.63
CA ILE H 73 31.52 9.85 2.94
C ILE H 73 30.97 10.57 1.72
N SER H 74 29.96 11.40 1.92
CA SER H 74 29.40 12.17 0.82
C SER H 74 30.44 13.11 0.25
N HIS H 75 30.40 13.31 -1.07
CA HIS H 75 31.37 14.19 -1.71
C HIS H 75 31.33 15.59 -1.10
N ILE H 76 30.13 16.07 -0.79
CA ILE H 76 29.99 17.44 -0.31
C ILE H 76 30.69 17.61 1.04
N ARG H 77 30.53 16.64 1.93
CA ARG H 77 31.22 16.72 3.23
C ARG H 77 32.73 16.74 3.05
N TYR H 78 33.24 15.88 2.17
CA TYR H 78 34.68 15.84 1.93
C TYR H 78 35.17 17.17 1.38
N TRP H 79 34.42 17.76 0.45
CA TRP H 79 34.84 19.03 -0.15
C TRP H 79 34.79 20.16 0.87
N VAL H 80 33.77 20.18 1.72
CA VAL H 80 33.70 21.20 2.76
C VAL H 80 34.91 21.08 3.70
N PHE H 81 35.20 19.85 4.12
CA PHE H 81 36.35 19.64 5.00
C PHE H 81 37.64 20.09 4.31
N GLN H 82 37.78 19.76 3.02
CA GLN H 82 38.96 20.18 2.27
C GLN H 82 39.08 21.70 2.23
N ILE H 83 37.97 22.39 1.96
CA ILE H 83 38.01 23.84 1.85
C ILE H 83 38.43 24.46 3.17
N ILE H 84 37.83 24.02 4.28
CA ILE H 84 38.18 24.59 5.56
C ILE H 84 39.64 24.28 5.89
N MET H 85 40.10 23.06 5.62
CA MET H 85 41.48 22.71 5.95
C MET H 85 42.47 23.52 5.13
N VAL H 86 42.21 23.72 3.84
CA VAL H 86 43.15 24.48 3.03
C VAL H 86 43.10 25.95 3.38
N CYS H 87 41.97 26.44 3.90
CA CYS H 87 41.92 27.81 4.38
C CYS H 87 42.58 27.99 5.74
N THR H 88 42.72 26.90 6.51
CA THR H 88 43.27 26.99 7.86
C THR H 88 44.62 27.70 7.93
N PRO H 89 45.61 27.40 7.08
CA PRO H 89 46.89 28.12 7.20
C PRO H 89 46.75 29.62 7.03
N SER H 90 45.87 30.07 6.14
CA SER H 90 45.63 31.50 6.01
C SER H 90 45.07 32.09 7.30
N LEU H 91 44.14 31.36 7.94
CA LEU H 91 43.62 31.82 9.22
C LEU H 91 44.71 31.90 10.27
N CYS H 92 45.60 30.90 10.28
CA CYS H 92 46.73 30.93 11.22
C CYS H 92 47.60 32.15 10.99
N PHE H 93 47.90 32.45 9.72
CA PHE H 93 48.73 33.61 9.41
C PHE H 93 48.04 34.91 9.83
N ILE H 94 46.73 35.01 9.57
CA ILE H 94 46.01 36.23 9.93
C ILE H 94 45.98 36.41 11.44
N THR H 95 45.74 35.32 12.18
CA THR H 95 45.72 35.41 13.63
C THR H 95 47.10 35.79 14.17
N TYR H 96 48.16 35.22 13.59
CA TYR H 96 49.51 35.60 14.01
C TYR H 96 49.77 37.07 13.76
N SER H 97 49.35 37.58 12.59
CA SER H 97 49.55 38.98 12.29
C SER H 97 48.79 39.86 13.27
N VAL H 98 47.55 39.50 13.59
CA VAL H 98 46.76 40.29 14.53
C VAL H 98 47.42 40.28 15.91
N HIS H 99 47.87 39.11 16.36
CA HIS H 99 48.51 39.03 17.67
C HIS H 99 49.80 39.82 17.71
N GLN H 100 50.55 39.83 16.61
CA GLN H 100 51.82 40.56 16.58
C GLN H 100 51.60 42.04 16.83
N SER H 101 50.56 42.62 16.22
CA SER H 101 50.25 44.04 16.38
C SER H 101 49.49 44.22 17.69
N ALA H 102 50.16 44.73 18.70
CA ALA H 102 49.55 44.95 20.01
C ALA H 102 48.98 43.65 20.55
N GLY H 194 60.31 38.97 10.24
CA GLY H 194 59.87 37.82 11.03
C GLY H 194 58.65 37.15 10.45
N ILE H 195 57.67 37.96 10.02
CA ILE H 195 56.45 37.42 9.45
C ILE H 195 56.72 36.72 8.11
N SER H 196 57.84 37.02 7.47
CA SER H 196 58.15 36.36 6.20
C SER H 196 58.33 34.86 6.40
N ARG H 197 58.98 34.46 7.48
CA ARG H 197 59.13 33.04 7.76
C ARG H 197 57.78 32.37 7.94
N PHE H 198 56.88 33.01 8.68
CA PHE H 198 55.53 32.46 8.84
C PHE H 198 54.81 32.37 7.51
N TYR H 199 54.99 33.38 6.65
CA TYR H 199 54.36 33.35 5.33
C TYR H 199 54.86 32.14 4.52
N ILE H 200 56.18 31.93 4.53
CA ILE H 200 56.74 30.80 3.79
C ILE H 200 56.22 29.48 4.36
N ILE H 201 56.18 29.38 5.69
CA ILE H 201 55.73 28.14 6.32
C ILE H 201 54.28 27.86 5.94
N GLN H 202 53.42 28.88 5.99
CA GLN H 202 52.02 28.66 5.66
C GLN H 202 51.84 28.34 4.19
N VAL H 203 52.67 28.93 3.31
CA VAL H 203 52.60 28.58 1.90
C VAL H 203 52.93 27.12 1.70
N VAL H 204 53.99 26.65 2.36
CA VAL H 204 54.38 25.25 2.24
C VAL H 204 53.27 24.35 2.76
N PHE H 205 52.70 24.69 3.91
CA PHE H 205 51.64 23.87 4.49
C PHE H 205 50.40 23.84 3.61
N ARG H 206 50.03 24.98 3.04
CA ARG H 206 48.88 25.02 2.15
C ARG H 206 49.12 24.17 0.91
N ASN H 207 50.32 24.25 0.34
CA ASN H 207 50.64 23.42 -0.81
C ASN H 207 50.51 21.94 -0.46
N ALA H 208 51.08 21.54 0.67
CA ALA H 208 51.03 20.14 1.08
C ALA H 208 49.60 19.69 1.31
N LEU H 209 48.79 20.53 1.98
CA LEU H 209 47.41 20.16 2.24
C LEU H 209 46.62 20.01 0.95
N GLU H 210 46.81 20.94 0.00
CA GLU H 210 46.10 20.85 -1.26
C GLU H 210 46.47 19.58 -2.02
N ILE H 211 47.77 19.26 -2.08
CA ILE H 211 48.19 18.05 -2.77
C ILE H 211 47.59 16.82 -2.10
N GLY H 212 47.65 16.78 -0.76
CA GLY H 212 47.13 15.63 -0.05
C GLY H 212 45.64 15.45 -0.28
N PHE H 213 44.88 16.54 -0.25
CA PHE H 213 43.44 16.45 -0.46
C PHE H 213 43.12 16.01 -1.88
N LEU H 214 43.87 16.51 -2.87
CA LEU H 214 43.67 16.06 -4.24
C LEU H 214 43.91 14.56 -4.37
N VAL H 215 45.02 14.08 -3.81
CA VAL H 215 45.32 12.65 -3.89
C VAL H 215 44.26 11.84 -3.17
N GLY H 216 43.82 12.30 -2.00
CA GLY H 216 42.79 11.58 -1.27
C GLY H 216 41.49 11.52 -2.03
N GLN H 217 41.10 12.62 -2.67
CA GLN H 217 39.88 12.62 -3.48
C GLN H 217 40.00 11.62 -4.60
N TYR H 218 41.14 11.60 -5.29
CA TYR H 218 41.30 10.63 -6.38
C TYR H 218 41.20 9.21 -5.88
N PHE H 219 41.85 8.90 -4.75
CA PHE H 219 41.86 7.53 -4.26
C PHE H 219 40.54 7.12 -3.63
N LEU H 220 39.74 8.08 -3.18
CA LEU H 220 38.51 7.78 -2.47
C LEU H 220 37.28 7.78 -3.36
N TYR H 221 37.27 8.57 -4.43
CA TYR H 221 36.10 8.68 -5.29
C TYR H 221 36.35 8.36 -6.76
N GLY H 222 37.61 8.38 -7.21
CA GLY H 222 37.84 8.15 -8.61
C GLY H 222 37.46 9.38 -9.44
N PHE H 223 36.99 9.12 -10.66
CA PHE H 223 36.62 10.18 -11.58
C PHE H 223 35.19 10.11 -12.06
N SER H 224 34.39 9.16 -11.57
CA SER H 224 33.01 9.05 -12.00
C SER H 224 32.18 8.40 -10.91
N VAL H 225 30.88 8.63 -10.98
CA VAL H 225 29.91 8.01 -10.08
C VAL H 225 29.06 7.04 -10.89
N PRO H 226 29.29 5.74 -10.80
CA PRO H 226 28.50 4.81 -11.62
C PRO H 226 27.03 4.84 -11.25
N GLY H 227 26.18 4.64 -12.26
CA GLY H 227 24.75 4.61 -12.03
C GLY H 227 24.27 3.36 -11.33
N LEU H 228 25.03 2.27 -11.41
CA LEU H 228 24.70 1.01 -10.76
C LEU H 228 25.75 0.68 -9.72
N TYR H 229 25.31 0.11 -8.60
CA TYR H 229 26.21 -0.36 -7.56
C TYR H 229 25.86 -1.80 -7.23
N GLU H 230 26.89 -2.61 -7.04
CA GLU H 230 26.73 -4.03 -6.70
C GLU H 230 27.07 -4.18 -5.22
N CYS H 231 26.06 -4.46 -4.40
CA CYS H 231 26.19 -4.45 -2.96
C CYS H 231 25.99 -5.86 -2.42
N ASN H 232 26.92 -6.33 -1.60
CA ASN H 232 26.87 -7.65 -1.01
C ASN H 232 27.17 -7.60 0.48
N ARG H 233 26.51 -6.68 1.17
CA ARG H 233 26.70 -6.48 2.60
C ARG H 233 25.45 -6.90 3.36
N TYR H 234 25.66 -7.47 4.54
CA TYR H 234 24.54 -7.86 5.39
C TYR H 234 23.68 -6.63 5.68
N PRO H 235 22.34 -6.76 5.72
CA PRO H 235 21.52 -7.98 5.63
C PRO H 235 21.13 -8.38 4.21
N CYS H 236 21.65 -7.71 3.19
CA CYS H 236 21.30 -8.08 1.82
C CYS H 236 21.70 -9.52 1.54
N ILE H 237 20.81 -10.26 0.89
CA ILE H 237 21.03 -11.67 0.61
C ILE H 237 22.00 -11.79 -0.56
N LYS H 238 23.19 -12.34 -0.28
CA LYS H 238 24.20 -12.51 -1.30
C LYS H 238 24.52 -11.19 -2.00
N GLU H 239 24.07 -11.03 -3.25
CA GLU H 239 24.46 -9.91 -4.08
C GLU H 239 23.20 -9.23 -4.61
N VAL H 240 23.14 -7.91 -4.46
CA VAL H 240 22.00 -7.12 -4.92
C VAL H 240 22.50 -5.94 -5.73
N GLU H 241 21.59 -5.36 -6.51
CA GLU H 241 21.89 -4.24 -7.38
C GLU H 241 21.13 -3.01 -6.89
N CYS H 242 21.86 -1.91 -6.69
CA CYS H 242 21.29 -0.66 -6.25
C CYS H 242 21.54 0.42 -7.31
N TYR H 243 20.69 1.44 -7.30
CA TYR H 243 20.69 2.46 -8.33
C TYR H 243 20.91 3.82 -7.70
N VAL H 244 21.88 4.56 -8.23
CA VAL H 244 22.31 5.82 -7.65
C VAL H 244 21.44 6.95 -8.19
N SER H 245 21.35 8.03 -7.41
CA SER H 245 20.57 9.19 -7.78
C SER H 245 21.44 10.20 -8.52
N ARG H 246 20.96 10.66 -9.67
CA ARG H 246 21.62 11.64 -10.53
C ARG H 246 23.13 11.40 -10.57
N PRO H 247 23.58 10.23 -11.05
CA PRO H 247 25.02 9.97 -11.12
C PRO H 247 25.78 10.92 -12.05
N THR H 248 25.15 11.37 -13.14
CA THR H 248 25.87 12.22 -14.10
C THR H 248 26.22 13.56 -13.50
N GLU H 249 25.29 14.18 -12.79
CA GLU H 249 25.57 15.47 -12.16
C GLU H 249 26.67 15.35 -11.14
N LYS H 250 26.66 14.28 -10.34
CA LYS H 250 27.70 14.08 -9.35
C LYS H 250 29.05 13.81 -10.01
N THR H 251 29.05 13.10 -11.14
CA THR H 251 30.29 12.90 -11.87
C THR H 251 30.85 14.23 -12.38
N VAL H 252 29.98 15.07 -12.93
CA VAL H 252 30.41 16.38 -13.40
C VAL H 252 30.97 17.20 -12.26
N PHE H 253 30.28 17.19 -11.12
CA PHE H 253 30.76 17.93 -9.96
C PHE H 253 32.12 17.42 -9.49
N LEU H 254 32.29 16.10 -9.46
CA LEU H 254 33.55 15.51 -9.03
C LEU H 254 34.68 15.94 -9.96
N VAL H 255 34.46 15.84 -11.27
CA VAL H 255 35.51 16.21 -12.22
C VAL H 255 35.84 17.69 -12.11
N PHE H 256 34.81 18.53 -11.98
CA PHE H 256 35.04 19.97 -11.87
C PHE H 256 35.84 20.31 -10.61
N MET H 257 35.48 19.69 -9.49
CA MET H 257 36.21 19.95 -8.25
C MET H 257 37.65 19.47 -8.35
N PHE H 258 37.86 18.32 -9.00
CA PHE H 258 39.22 17.84 -9.21
C PHE H 258 40.02 18.83 -10.05
N ALA H 259 39.41 19.37 -11.10
CA ALA H 259 40.10 20.33 -11.95
C ALA H 259 40.45 21.60 -11.17
N VAL H 260 39.52 22.09 -10.36
CA VAL H 260 39.78 23.30 -9.59
C VAL H 260 40.90 23.05 -8.58
N SER H 261 40.87 21.89 -7.90
CA SER H 261 41.93 21.57 -6.95
C SER H 261 43.27 21.45 -7.67
N GLY H 262 43.29 20.87 -8.86
CA GLY H 262 44.52 20.80 -9.62
C GLY H 262 45.06 22.17 -9.99
N ILE H 263 44.18 23.08 -10.36
CA ILE H 263 44.61 24.45 -10.65
C ILE H 263 45.20 25.09 -9.40
N CYS H 264 44.55 24.88 -8.25
CA CYS H 264 45.09 25.43 -7.01
C CYS H 264 46.46 24.85 -6.71
N VAL H 265 46.63 23.54 -6.92
CA VAL H 265 47.92 22.90 -6.66
C VAL H 265 48.99 23.47 -7.58
N VAL H 266 48.65 23.68 -8.85
CA VAL H 266 49.62 24.23 -9.80
C VAL H 266 50.02 25.64 -9.38
N LEU H 267 49.05 26.46 -8.98
CA LEU H 267 49.37 27.82 -8.55
C LEU H 267 50.24 27.81 -7.30
N ASN H 268 49.94 26.92 -6.35
CA ASN H 268 50.76 26.84 -5.15
C ASN H 268 52.18 26.40 -5.47
N LEU H 269 52.33 25.44 -6.39
CA LEU H 269 53.66 25.02 -6.79
C LEU H 269 54.42 26.14 -7.48
N ALA H 270 53.72 26.93 -8.30
CA ALA H 270 54.36 28.08 -8.94
C ALA H 270 54.84 29.08 -7.90
N GLU H 271 54.00 29.35 -6.89
CA GLU H 271 54.41 30.27 -5.83
C GLU H 271 55.62 29.72 -5.07
N LEU H 272 55.62 28.41 -4.79
CA LEU H 272 56.76 27.80 -4.10
C LEU H 272 58.03 27.93 -4.93
N ASN H 273 57.93 27.68 -6.23
CA ASN H 273 59.10 27.83 -7.10
C ASN H 273 59.59 29.27 -7.12
N HIS H 274 58.67 30.23 -7.15
CA HIS H 274 59.07 31.63 -7.09
C HIS H 274 59.80 31.93 -5.78
N LEU H 275 59.31 31.39 -4.67
CA LEU H 275 59.96 31.62 -3.38
C LEU H 275 61.40 31.09 -3.39
N GLY H 276 61.57 29.84 -3.80
CA GLY H 276 62.89 29.25 -3.92
C GLY H 276 63.18 28.23 -2.82
N TRP H 277 63.89 27.17 -3.20
CA TRP H 277 64.22 26.11 -2.24
C TRP H 277 65.16 26.62 -1.15
N ARG H 278 66.13 27.45 -1.51
CA ARG H 278 67.08 27.96 -0.53
C ARG H 278 66.42 28.81 0.53
N LYS H 279 65.19 29.25 0.31
CA LYS H 279 64.47 30.09 1.24
C LYS H 279 63.49 29.31 2.11
N ILE H 280 62.86 28.27 1.57
CA ILE H 280 62.08 27.36 2.40
C ILE H 280 62.99 26.57 3.32
N LYS H 281 64.16 26.18 2.83
CA LYS H 281 65.11 25.45 3.67
C LYS H 281 65.54 26.30 4.85
N LEU H 282 65.80 27.59 4.63
CA LEU H 282 66.23 28.49 5.68
C LEU H 282 65.03 29.10 6.40
N SER I 19 56.64 29.57 23.22
CA SER I 19 55.71 29.00 22.26
C SER I 19 54.26 29.25 22.69
N THR I 20 54.08 30.14 23.66
CA THR I 20 52.72 30.43 24.13
C THR I 20 51.91 31.16 23.05
N MET I 21 52.55 32.03 22.26
CA MET I 21 51.80 32.75 21.24
C MET I 21 51.32 31.81 20.16
N ILE I 22 52.19 30.91 19.68
CA ILE I 22 51.77 29.94 18.69
C ILE I 22 50.74 29.00 19.28
N GLY I 23 50.87 28.66 20.57
CA GLY I 23 49.86 27.83 21.20
C GLY I 23 48.49 28.48 21.19
N ARG I 24 48.43 29.76 21.56
CA ARG I 24 47.15 30.48 21.53
C ARG I 24 46.61 30.57 20.11
N ILE I 25 47.48 30.83 19.13
CA ILE I 25 47.03 30.93 17.75
C ILE I 25 46.43 29.60 17.30
N LEU I 26 47.13 28.50 17.59
CA LEU I 26 46.65 27.19 17.21
C LEU I 26 45.33 26.86 17.90
N LEU I 27 45.21 27.22 19.19
CA LEU I 27 43.97 26.94 19.91
C LEU I 27 42.80 27.69 19.27
N THR I 28 43.01 28.98 18.97
CA THR I 28 41.94 29.75 18.33
C THR I 28 41.58 29.16 16.98
N VAL I 29 42.59 28.79 16.19
CA VAL I 29 42.33 28.23 14.86
C VAL I 29 41.54 26.94 14.97
N VAL I 30 41.91 26.07 15.91
CA VAL I 30 41.23 24.79 16.06
C VAL I 30 39.80 25.00 16.54
N VAL I 31 39.58 25.95 17.45
CA VAL I 31 38.22 26.22 17.93
C VAL I 31 37.36 26.70 16.77
N ILE I 32 37.87 27.64 15.97
CA ILE I 32 37.11 28.14 14.83
C ILE I 32 36.86 27.01 13.84
N PHE I 33 37.85 26.15 13.63
CA PHE I 33 37.69 25.03 12.70
C PHE I 33 36.57 24.11 13.15
N ARG I 34 36.56 23.76 14.44
CA ARG I 34 35.51 22.87 14.95
C ARG I 34 34.15 23.52 14.82
N ILE I 35 34.05 24.81 15.17
CA ILE I 35 32.76 25.49 15.08
C ILE I 35 32.26 25.48 13.63
N LEU I 36 33.14 25.80 12.69
CA LEU I 36 32.75 25.84 11.29
C LEU I 36 32.30 24.47 10.81
N ILE I 37 33.09 23.43 11.11
CA ILE I 37 32.75 22.09 10.65
C ILE I 37 31.38 21.68 11.18
N VAL I 38 31.18 21.83 12.49
CA VAL I 38 29.89 21.48 13.07
C VAL I 38 28.79 22.25 12.35
N ALA I 39 28.83 23.58 12.44
CA ALA I 39 27.73 24.40 11.94
C ALA I 39 27.45 24.15 10.46
N ILE I 40 28.45 23.71 9.70
CA ILE I 40 28.26 23.58 8.26
C ILE I 40 27.75 22.20 7.87
N VAL I 41 28.32 21.12 8.43
CA VAL I 41 28.01 19.79 7.94
C VAL I 41 27.25 18.94 8.95
N GLY I 42 27.39 19.19 10.26
CA GLY I 42 26.81 18.28 11.23
C GLY I 42 25.30 18.19 11.10
N GLU I 43 24.63 19.32 10.90
CA GLU I 43 23.18 19.29 10.78
C GLU I 43 22.74 18.45 9.59
N THR I 44 23.42 18.60 8.45
CA THR I 44 23.04 17.85 7.26
C THR I 44 23.32 16.36 7.42
N VAL I 45 24.41 16.02 8.10
CA VAL I 45 24.76 14.60 8.24
C VAL I 45 23.69 13.86 9.04
N TYR I 46 23.20 14.47 10.11
CA TYR I 46 22.25 13.84 11.02
C TYR I 46 20.80 14.23 10.74
N ASP I 47 20.51 14.67 9.52
CA ASP I 47 19.15 15.12 9.23
C ASP I 47 18.16 13.96 9.21
N ASP I 48 18.51 12.88 8.51
CA ASP I 48 17.64 11.71 8.37
C ASP I 48 18.00 10.59 9.31
N GLU I 49 18.49 10.93 10.51
CA GLU I 49 18.91 9.90 11.45
C GLU I 49 17.74 8.99 11.84
N GLN I 50 16.57 9.56 12.06
CA GLN I 50 15.41 8.78 12.48
C GLN I 50 14.55 8.34 11.30
N THR I 51 14.43 9.17 10.27
CA THR I 51 13.59 8.80 9.12
C THR I 51 14.15 7.57 8.41
N MET I 52 15.47 7.48 8.29
CA MET I 52 16.11 6.35 7.64
C MET I 52 16.48 5.23 8.61
N PHE I 53 16.12 5.36 9.88
CA PHE I 53 16.31 4.29 10.85
C PHE I 53 15.15 3.33 10.75
N VAL I 54 15.43 2.06 10.46
CA VAL I 54 14.40 1.06 10.19
C VAL I 54 14.69 -0.17 11.04
N CYS I 55 13.63 -0.74 11.60
CA CYS I 55 13.72 -1.97 12.38
C CYS I 55 12.94 -3.07 11.67
N ASN I 56 13.47 -4.29 11.69
CA ASN I 56 12.85 -5.44 11.05
C ASN I 56 11.73 -5.94 11.97
N THR I 57 10.58 -5.29 11.86
CA THR I 57 9.44 -5.65 12.70
C THR I 57 8.17 -5.04 12.09
N LEU I 58 7.03 -5.53 12.57
CA LEU I 58 5.73 -5.00 12.20
C LEU I 58 5.06 -4.28 13.36
N GLN I 59 5.65 -4.30 14.54
CA GLN I 59 5.02 -3.72 15.72
C GLN I 59 5.02 -2.19 15.60
N PRO I 60 3.86 -1.54 15.64
CA PRO I 60 3.87 -0.07 15.65
C PRO I 60 4.58 0.47 16.87
N GLY I 61 5.34 1.54 16.67
CA GLY I 61 6.05 2.18 17.76
C GLY I 61 7.37 1.55 18.14
N CYS I 62 7.75 0.45 17.51
CA CYS I 62 9.02 -0.17 17.83
C CYS I 62 10.19 0.63 17.26
N ASN I 63 10.00 1.26 16.09
CA ASN I 63 11.06 2.08 15.53
C ASN I 63 11.41 3.23 16.46
N GLN I 64 10.40 3.90 17.01
CA GLN I 64 10.66 5.04 17.88
C GLN I 64 11.43 4.60 19.12
N ALA I 65 10.98 3.54 19.78
CA ALA I 65 11.65 3.08 20.99
C ALA I 65 13.07 2.62 20.70
N CYS I 66 13.26 1.87 19.62
CA CYS I 66 14.59 1.36 19.30
C CYS I 66 15.54 2.51 18.95
N TYR I 67 15.07 3.49 18.18
CA TYR I 67 15.93 4.63 17.87
C TYR I 67 16.28 5.41 19.12
N ASP I 68 15.30 5.63 20.00
CA ASP I 68 15.58 6.37 21.22
C ASP I 68 16.60 5.64 22.08
N ARG I 69 16.49 4.32 22.18
CA ARG I 69 17.48 3.56 22.95
C ARG I 69 18.85 3.61 22.29
N ALA I 70 18.90 3.48 20.97
CA ALA I 70 20.19 3.44 20.28
C ALA I 70 20.92 4.77 20.37
N PHE I 71 20.20 5.88 20.21
CA PHE I 71 20.78 7.21 20.18
C PHE I 71 20.03 8.10 21.16
N PRO I 72 20.31 7.96 22.46
CA PRO I 72 19.61 8.81 23.44
C PRO I 72 19.77 10.28 23.17
N ILE I 73 20.97 10.70 22.77
CA ILE I 73 21.25 12.07 22.38
C ILE I 73 22.02 12.03 21.08
N SER I 74 21.54 12.80 20.09
CA SER I 74 22.24 12.86 18.81
C SER I 74 23.63 13.45 19.00
N HIS I 75 24.58 12.97 18.19
CA HIS I 75 25.94 13.47 18.29
C HIS I 75 25.99 14.97 18.05
N ILE I 76 25.21 15.46 17.09
CA ILE I 76 25.26 16.88 16.73
C ILE I 76 24.84 17.74 17.91
N ARG I 77 23.77 17.35 18.62
CA ARG I 77 23.33 18.12 19.77
C ARG I 77 24.41 18.15 20.85
N TYR I 78 25.03 16.99 21.12
CA TYR I 78 26.07 16.94 22.13
C TYR I 78 27.25 17.83 21.75
N TRP I 79 27.64 17.81 20.48
CA TRP I 79 28.77 18.63 20.04
C TRP I 79 28.44 20.12 20.10
N VAL I 80 27.21 20.49 19.74
CA VAL I 80 26.81 21.90 19.84
C VAL I 80 26.87 22.35 21.30
N PHE I 81 26.32 21.53 22.20
CA PHE I 81 26.37 21.87 23.62
C PHE I 81 27.80 21.99 24.10
N GLN I 82 28.66 21.07 23.68
CA GLN I 82 30.06 21.11 24.07
C GLN I 82 30.72 22.40 23.58
N ILE I 83 30.47 22.78 22.34
CA ILE I 83 31.10 23.98 21.79
C ILE I 83 30.67 25.22 22.57
N ILE I 84 29.36 25.34 22.82
CA ILE I 84 28.89 26.51 23.56
C ILE I 84 29.48 26.53 24.96
N MET I 85 29.49 25.38 25.64
CA MET I 85 30.01 25.34 27.01
C MET I 85 31.49 25.68 27.04
N VAL I 86 32.26 25.18 26.07
CA VAL I 86 33.69 25.46 26.04
C VAL I 86 33.95 26.93 25.75
N CYS I 87 33.11 27.55 24.92
CA CYS I 87 33.26 28.97 24.66
C CYS I 87 32.77 29.85 25.81
N THR I 88 31.93 29.31 26.69
CA THR I 88 31.36 30.12 27.77
C THR I 88 32.40 30.85 28.62
N PRO I 89 33.48 30.22 29.07
CA PRO I 89 34.47 30.98 29.86
C PRO I 89 35.03 32.18 29.12
N SER I 90 35.26 32.06 27.81
CA SER I 90 35.71 33.21 27.03
C SER I 90 34.67 34.32 27.04
N LEU I 91 33.38 33.96 26.94
CA LEU I 91 32.34 34.96 27.02
C LEU I 91 32.34 35.63 28.39
N CYS I 92 32.54 34.87 29.45
CA CYS I 92 32.61 35.46 30.79
C CYS I 92 33.76 36.44 30.87
N PHE I 93 34.94 36.06 30.35
CA PHE I 93 36.08 36.95 30.39
C PHE I 93 35.82 38.22 29.60
N ILE I 94 35.22 38.10 28.42
CA ILE I 94 34.95 39.27 27.59
C ILE I 94 33.95 40.19 28.28
N THR I 95 32.91 39.63 28.89
CA THR I 95 31.93 40.45 29.60
C THR I 95 32.58 41.15 30.79
N TYR I 96 33.44 40.44 31.53
CA TYR I 96 34.14 41.07 32.64
C TYR I 96 35.02 42.21 32.16
N SER I 97 35.73 42.01 31.04
CA SER I 97 36.57 43.08 30.51
C SER I 97 35.73 44.29 30.10
N VAL I 98 34.59 44.04 29.45
CA VAL I 98 33.73 45.14 29.03
C VAL I 98 33.21 45.90 30.24
N HIS I 99 32.75 45.18 31.27
CA HIS I 99 32.22 45.83 32.46
C HIS I 99 33.30 46.59 33.22
N GLN I 100 34.54 46.11 33.18
CA GLN I 100 35.62 46.79 33.89
C GLN I 100 35.82 48.20 33.36
N SER I 101 35.79 48.35 32.04
CA SER I 101 35.98 49.66 31.42
C SER I 101 34.65 50.40 31.41
N ALA I 102 34.52 51.41 32.26
CA ALA I 102 33.30 52.18 32.36
C ALA I 102 32.11 51.28 32.68
N GLY I 194 44.74 42.76 37.88
CA GLY I 194 43.50 42.18 38.37
C GLY I 194 42.87 41.21 37.39
N ILE I 195 42.84 41.60 36.11
CA ILE I 195 42.26 40.73 35.08
C ILE I 195 43.11 39.50 34.85
N SER I 196 44.37 39.50 35.28
CA SER I 196 45.22 38.32 35.11
C SER I 196 44.67 37.14 35.90
N ARG I 197 44.16 37.39 37.11
CA ARG I 197 43.57 36.32 37.89
C ARG I 197 42.35 35.75 37.19
N PHE I 198 41.51 36.60 36.62
CA PHE I 198 40.35 36.13 35.86
C PHE I 198 40.78 35.31 34.66
N TYR I 199 41.84 35.75 33.97
CA TYR I 199 42.34 35.00 32.84
C TYR I 199 42.82 33.61 33.26
N ILE I 200 43.55 33.52 34.37
CA ILE I 200 44.02 32.22 34.85
C ILE I 200 42.82 31.34 35.19
N ILE I 201 41.83 31.91 35.88
CA ILE I 201 40.67 31.13 36.29
C ILE I 201 39.92 30.61 35.07
N GLN I 202 39.72 31.47 34.08
CA GLN I 202 38.97 31.04 32.89
C GLN I 202 39.76 30.03 32.08
N VAL I 203 41.09 30.14 32.05
CA VAL I 203 41.89 29.11 31.39
C VAL I 203 41.71 27.77 32.08
N VAL I 204 41.76 27.77 33.42
CA VAL I 204 41.59 26.53 34.17
C VAL I 204 40.21 25.94 33.89
N PHE I 205 39.18 26.78 33.92
CA PHE I 205 37.83 26.29 33.69
C PHE I 205 37.66 25.75 32.29
N ARG I 206 38.22 26.42 31.28
CA ARG I 206 38.13 25.92 29.92
C ARG I 206 38.82 24.57 29.78
N ASN I 207 39.99 24.43 30.40
CA ASN I 207 40.69 23.15 30.36
C ASN I 207 39.84 22.04 30.99
N ALA I 208 39.27 22.33 32.16
CA ALA I 208 38.46 21.32 32.84
C ALA I 208 37.24 20.95 32.01
N LEU I 209 36.57 21.95 31.43
CA LEU I 209 35.38 21.67 30.62
C LEU I 209 35.74 20.84 29.39
N GLU I 210 36.84 21.17 28.73
CA GLU I 210 37.23 20.41 27.54
C GLU I 210 37.54 18.96 27.91
N ILE I 211 38.27 18.75 28.99
CA ILE I 211 38.58 17.38 29.41
C ILE I 211 37.30 16.62 29.75
N GLY I 212 36.40 17.27 30.48
CA GLY I 212 35.16 16.61 30.85
C GLY I 212 34.32 16.24 29.65
N PHE I 213 34.23 17.14 28.67
CA PHE I 213 33.45 16.84 27.47
C PHE I 213 34.09 15.72 26.66
N LEU I 214 35.42 15.69 26.57
CA LEU I 214 36.09 14.59 25.89
C LEU I 214 35.76 13.26 26.56
N VAL I 215 35.89 13.22 27.89
CA VAL I 215 35.62 11.97 28.61
C VAL I 215 34.16 11.57 28.43
N GLY I 216 33.24 12.53 28.51
CA GLY I 216 31.84 12.22 28.34
C GLY I 216 31.54 11.68 26.95
N GLN I 217 32.13 12.29 25.93
CA GLN I 217 31.93 11.79 24.57
C GLN I 217 32.42 10.35 24.45
N TYR I 218 33.60 10.07 24.99
CA TYR I 218 34.11 8.70 24.91
C TYR I 218 33.18 7.73 25.61
N PHE I 219 32.71 8.08 26.80
CA PHE I 219 31.88 7.17 27.58
C PHE I 219 30.46 7.04 27.03
N LEU I 220 30.00 8.02 26.28
CA LEU I 220 28.62 8.04 25.78
C LEU I 220 28.50 7.45 24.38
N TYR I 221 29.47 7.67 23.50
CA TYR I 221 29.38 7.22 22.12
C TYR I 221 30.46 6.24 21.70
N GLY I 222 31.54 6.10 22.47
CA GLY I 222 32.60 5.21 22.04
C GLY I 222 33.36 5.80 20.88
N PHE I 223 33.77 4.93 19.96
CA PHE I 223 34.57 5.35 18.81
C PHE I 223 33.96 4.98 17.46
N SER I 224 32.82 4.29 17.44
CA SER I 224 32.23 3.89 16.18
C SER I 224 30.71 3.83 16.34
N VAL I 225 30.02 3.93 15.21
CA VAL I 225 28.58 3.78 15.15
C VAL I 225 28.27 2.50 14.40
N PRO I 226 27.87 1.42 15.09
CA PRO I 226 27.63 0.16 14.38
C PRO I 226 26.46 0.28 13.42
N GLY I 227 26.55 -0.47 12.32
CA GLY I 227 25.48 -0.46 11.33
C GLY I 227 24.23 -1.20 11.77
N LEU I 228 24.36 -2.13 12.72
CA LEU I 228 23.24 -2.89 13.25
C LEU I 228 23.09 -2.59 14.73
N TYR I 229 21.85 -2.54 15.19
CA TYR I 229 21.54 -2.36 16.60
C TYR I 229 20.57 -3.45 17.03
N GLU I 230 20.79 -3.99 18.22
CA GLU I 230 19.96 -5.06 18.77
C GLU I 230 19.09 -4.45 19.86
N CYS I 231 17.80 -4.28 19.55
CA CYS I 231 16.88 -3.53 20.40
C CYS I 231 15.88 -4.48 21.03
N ASN I 232 15.73 -4.41 22.34
CA ASN I 232 14.83 -5.28 23.09
C ASN I 232 14.01 -4.47 24.08
N ARG I 233 13.42 -3.38 23.60
CA ARG I 233 12.63 -2.48 24.42
C ARG I 233 11.18 -2.52 24.00
N TYR I 234 10.28 -2.41 24.97
CA TYR I 234 8.85 -2.38 24.67
C TYR I 234 8.56 -1.22 23.73
N PRO I 235 7.63 -1.39 22.76
CA PRO I 235 6.74 -2.52 22.50
C PRO I 235 7.34 -3.62 21.62
N CYS I 236 8.61 -3.53 21.27
CA CYS I 236 9.21 -4.55 20.41
C CYS I 236 9.14 -5.91 21.09
N ILE I 237 8.76 -6.93 20.32
CA ILE I 237 8.59 -8.28 20.84
C ILE I 237 9.96 -8.90 21.07
N LYS I 238 10.25 -9.24 22.32
CA LYS I 238 11.55 -9.80 22.68
C LYS I 238 12.69 -8.97 22.12
N GLU I 239 13.32 -9.44 21.04
CA GLU I 239 14.54 -8.84 20.53
C GLU I 239 14.41 -8.65 19.02
N VAL I 240 14.73 -7.46 18.53
CA VAL I 240 14.63 -7.13 17.12
C VAL I 240 15.93 -6.49 16.67
N GLU I 241 16.11 -6.46 15.35
CA GLU I 241 17.30 -5.91 14.72
C GLU I 241 16.93 -4.64 13.96
N CYS I 242 17.67 -3.57 14.21
CA CYS I 242 17.44 -2.29 13.56
C CYS I 242 18.71 -1.87 12.81
N TYR I 243 18.52 -1.06 11.78
CA TYR I 243 19.60 -0.70 10.86
C TYR I 243 19.78 0.80 10.86
N VAL I 244 21.02 1.23 11.06
CA VAL I 244 21.34 2.64 11.24
C VAL I 244 21.60 3.28 9.88
N SER I 245 21.38 4.59 9.82
CA SER I 245 21.57 5.36 8.59
C SER I 245 23.00 5.89 8.52
N ARG I 246 23.66 5.64 7.40
CA ARG I 246 25.02 6.09 7.11
C ARG I 246 25.92 5.98 8.35
N PRO I 247 26.10 4.77 8.89
CA PRO I 247 26.97 4.62 10.06
C PRO I 247 28.42 5.02 9.82
N THR I 248 28.95 4.81 8.61
CA THR I 248 30.37 5.09 8.37
C THR I 248 30.66 6.59 8.46
N GLU I 249 29.81 7.42 7.87
CA GLU I 249 30.01 8.86 7.94
C GLU I 249 29.94 9.34 9.39
N LYS I 250 29.00 8.81 10.15
CA LYS I 250 28.88 9.20 11.55
C LYS I 250 30.10 8.74 12.35
N THR I 251 30.62 7.56 12.05
CA THR I 251 31.85 7.11 12.71
C THR I 251 33.02 8.04 12.39
N VAL I 252 33.16 8.43 11.13
CA VAL I 252 34.23 9.35 10.75
C VAL I 252 34.07 10.66 11.47
N PHE I 253 32.84 11.19 11.53
CA PHE I 253 32.59 12.44 12.24
C PHE I 253 32.95 12.31 13.71
N LEU I 254 32.56 11.21 14.34
CA LEU I 254 32.85 11.00 15.75
C LEU I 254 34.34 10.98 16.01
N VAL I 255 35.08 10.22 15.19
CA VAL I 255 36.53 10.13 15.39
C VAL I 255 37.19 11.48 15.16
N PHE I 256 36.76 12.20 14.12
CA PHE I 256 37.35 13.50 13.84
C PHE I 256 37.09 14.49 14.97
N MET I 257 35.87 14.51 15.50
CA MET I 257 35.57 15.41 16.60
C MET I 257 36.36 15.04 17.85
N PHE I 258 36.53 13.74 18.11
CA PHE I 258 37.36 13.32 19.23
C PHE I 258 38.79 13.79 19.05
N ALA I 259 39.33 13.66 17.84
CA ALA I 259 40.70 14.11 17.60
C ALA I 259 40.84 15.62 17.80
N VAL I 260 39.87 16.39 17.30
CA VAL I 260 39.94 17.84 17.46
C VAL I 260 39.85 18.22 18.93
N SER I 261 38.95 17.58 19.67
CA SER I 261 38.84 17.87 21.10
C SER I 261 40.12 17.49 21.84
N GLY I 262 40.75 16.39 21.45
CA GLY I 262 42.02 16.02 22.04
C GLY I 262 43.11 17.05 21.77
N ILE I 263 43.14 17.57 20.56
CA ILE I 263 44.11 18.62 20.23
C ILE I 263 43.85 19.84 21.11
N CYS I 264 42.58 20.22 21.27
CA CYS I 264 42.25 21.35 22.13
C CYS I 264 42.69 21.10 23.56
N VAL I 265 42.48 19.88 24.06
CA VAL I 265 42.88 19.55 25.42
C VAL I 265 44.38 19.65 25.57
N VAL I 266 45.13 19.16 24.59
CA VAL I 266 46.58 19.22 24.67
C VAL I 266 47.06 20.67 24.68
N LEU I 267 46.47 21.51 23.82
CA LEU I 267 46.86 22.91 23.79
C LEU I 267 46.53 23.60 25.12
N ASN I 268 45.37 23.32 25.69
CA ASN I 268 45.00 23.92 26.97
C ASN I 268 45.96 23.47 28.07
N LEU I 269 46.34 22.18 28.07
CA LEU I 269 47.29 21.71 29.07
C LEU I 269 48.64 22.38 28.90
N ALA I 270 49.07 22.58 27.65
CA ALA I 270 50.33 23.28 27.41
C ALA I 270 50.27 24.70 27.94
N GLU I 271 49.15 25.39 27.70
CA GLU I 271 48.99 26.75 28.24
C GLU I 271 49.04 26.74 29.76
N LEU I 272 48.35 25.78 30.39
CA LEU I 272 48.35 25.68 31.84
C LEU I 272 49.76 25.46 32.37
N ASN I 273 50.52 24.56 31.72
CA ASN I 273 51.89 24.32 32.14
C ASN I 273 52.73 25.59 31.99
N HIS I 274 52.51 26.33 30.91
CA HIS I 274 53.23 27.59 30.73
C HIS I 274 52.92 28.56 31.87
N LEU I 275 51.65 28.63 32.27
CA LEU I 275 51.30 29.50 33.39
C LEU I 275 52.01 29.07 34.67
N GLY I 276 52.05 27.78 34.94
CA GLY I 276 52.77 27.26 36.08
C GLY I 276 51.85 27.00 37.26
N TRP I 277 52.20 25.97 38.04
CA TRP I 277 51.41 25.62 39.22
C TRP I 277 51.42 26.74 40.24
N ARG I 278 52.58 27.38 40.45
CA ARG I 278 52.70 28.38 41.49
C ARG I 278 51.82 29.59 41.22
N LYS I 279 51.43 29.82 39.96
CA LYS I 279 50.55 30.94 39.64
C LYS I 279 49.08 30.58 39.76
N ILE I 280 48.70 29.37 39.38
CA ILE I 280 47.31 28.96 39.53
C ILE I 280 46.97 28.71 41.00
N LYS I 281 47.96 28.32 41.80
CA LYS I 281 47.70 28.09 43.22
C LYS I 281 47.24 29.37 43.91
N LEU I 282 47.88 30.50 43.59
CA LEU I 282 47.52 31.77 44.19
C LEU I 282 46.30 32.37 43.51
N SER J 19 30.52 41.01 45.12
CA SER J 19 30.20 39.87 44.27
C SER J 19 29.03 40.16 43.34
N THR J 20 28.56 41.41 43.36
CA THR J 20 27.47 41.78 42.47
C THR J 20 27.89 41.75 41.01
N MET J 21 29.11 42.22 40.71
CA MET J 21 29.56 42.28 39.32
C MET J 21 29.65 40.89 38.72
N ILE J 22 30.22 39.93 39.47
CA ILE J 22 30.27 38.56 38.97
C ILE J 22 28.86 38.01 38.80
N GLY J 23 27.94 38.40 39.68
CA GLY J 23 26.56 37.97 39.51
C GLY J 23 25.96 38.45 38.21
N ARG J 24 26.14 39.74 37.90
CA ARG J 24 25.61 40.27 36.65
C ARG J 24 26.26 39.60 35.44
N ILE J 25 27.58 39.39 35.51
CA ILE J 25 28.28 38.75 34.40
C ILE J 25 27.75 37.34 34.18
N LEU J 26 27.58 36.58 35.27
CA LEU J 26 27.07 35.22 35.16
C LEU J 26 25.65 35.22 34.62
N LEU J 27 24.82 36.17 35.07
CA LEU J 27 23.45 36.23 34.58
C LEU J 27 23.42 36.47 33.07
N THR J 28 24.22 37.43 32.61
CA THR J 28 24.26 37.71 31.18
C THR J 28 24.76 36.50 30.40
N VAL J 29 25.80 35.84 30.92
CA VAL J 29 26.36 34.69 30.22
C VAL J 29 25.34 33.57 30.13
N VAL J 30 24.61 33.32 31.22
CA VAL J 30 23.62 32.24 31.23
C VAL J 30 22.47 32.57 30.29
N VAL J 31 22.05 33.83 30.26
CA VAL J 31 20.97 34.22 29.35
C VAL J 31 21.39 33.98 27.90
N ILE J 32 22.60 34.42 27.55
CA ILE J 32 23.09 34.22 26.19
C ILE J 32 23.21 32.73 25.89
N PHE J 33 23.69 31.95 26.86
CA PHE J 33 23.84 30.52 26.67
C PHE J 33 22.49 29.85 26.38
N ARG J 34 21.47 30.20 27.16
CA ARG J 34 20.15 29.63 26.94
C ARG J 34 19.61 30.03 25.56
N ILE J 35 19.76 31.31 25.20
CA ILE J 35 19.26 31.76 23.90
C ILE J 35 19.95 30.98 22.78
N LEU J 36 21.27 30.84 22.86
CA LEU J 36 22.00 30.14 21.82
C LEU J 36 21.56 28.69 21.73
N ILE J 37 21.48 28.00 22.87
CA ILE J 37 21.11 26.58 22.86
C ILE J 37 19.74 26.41 22.22
N VAL J 38 18.76 27.19 22.69
CA VAL J 38 17.42 27.10 22.11
C VAL J 38 17.50 27.32 20.60
N ALA J 39 17.94 28.51 20.19
CA ALA J 39 17.89 28.89 18.79
C ALA J 39 18.64 27.91 17.90
N ILE J 40 19.62 27.21 18.44
CA ILE J 40 20.45 26.34 17.60
C ILE J 40 19.89 24.92 17.51
N VAL J 41 19.50 24.32 18.64
CA VAL J 41 19.15 22.90 18.63
C VAL J 41 17.66 22.65 18.84
N GLY J 42 16.94 23.53 19.54
CA GLY J 42 15.57 23.22 19.89
C GLY J 42 14.69 22.96 18.68
N GLU J 43 14.83 23.77 17.63
CA GLU J 43 14.01 23.59 16.45
C GLU J 43 14.26 22.22 15.82
N THR J 44 15.53 21.82 15.73
CA THR J 44 15.85 20.53 15.11
C THR J 44 15.34 19.37 15.97
N VAL J 45 15.43 19.50 17.29
CA VAL J 45 15.03 18.39 18.16
C VAL J 45 13.55 18.08 18.00
N TYR J 46 12.72 19.12 17.92
CA TYR J 46 11.27 18.97 17.89
C TYR J 46 10.69 19.05 16.48
N ASP J 47 11.52 18.87 15.46
CA ASP J 47 11.04 19.02 14.08
C ASP J 47 10.02 17.93 13.73
N ASP J 48 10.35 16.66 14.01
CA ASP J 48 9.50 15.54 13.68
C ASP J 48 8.66 15.06 14.85
N GLU J 49 8.26 15.98 15.73
CA GLU J 49 7.52 15.59 16.92
C GLU J 49 6.20 14.92 16.55
N GLN J 50 5.50 15.45 15.55
CA GLN J 50 4.20 14.91 15.17
C GLN J 50 4.30 13.88 14.05
N THR J 51 5.23 14.05 13.12
CA THR J 51 5.36 13.09 12.02
C THR J 51 5.77 11.72 12.54
N MET J 52 6.60 11.65 13.57
CA MET J 52 7.05 10.40 14.15
C MET J 52 6.23 9.97 15.36
N PHE J 53 5.15 10.69 15.66
CA PHE J 53 4.22 10.30 16.70
C PHE J 53 3.20 9.34 16.11
N VAL J 54 3.21 8.09 16.57
CA VAL J 54 2.38 7.03 16.01
C VAL J 54 1.53 6.42 17.11
N CYS J 55 0.27 6.17 16.81
CA CYS J 55 -0.66 5.50 17.72
C CYS J 55 -1.05 4.15 17.14
N ASN J 56 -1.17 3.16 18.02
CA ASN J 56 -1.54 1.81 17.61
C ASN J 56 -3.04 1.76 17.39
N THR J 57 -3.47 2.12 16.19
CA THR J 57 -4.89 2.19 15.87
C THR J 57 -5.05 2.33 14.36
N LEU J 58 -6.27 2.10 13.90
CA LEU J 58 -6.64 2.31 12.51
C LEU J 58 -7.62 3.46 12.33
N GLN J 59 -8.03 4.10 13.41
CA GLN J 59 -9.02 5.16 13.33
C GLN J 59 -8.41 6.41 12.72
N PRO J 60 -8.95 6.93 11.61
CA PRO J 60 -8.44 8.22 11.11
C PRO J 60 -8.65 9.32 12.13
N GLY J 61 -7.65 10.21 12.23
CA GLY J 61 -7.73 11.33 13.14
C GLY J 61 -7.38 11.02 14.58
N CYS J 62 -7.11 9.76 14.92
CA CYS J 62 -6.70 9.44 16.28
C CYS J 62 -5.31 9.96 16.58
N ASN J 63 -4.41 9.90 15.59
CA ASN J 63 -3.05 10.41 15.79
C ASN J 63 -3.07 11.89 16.14
N GLN J 64 -3.85 12.68 15.39
CA GLN J 64 -3.89 14.12 15.63
C GLN J 64 -4.40 14.43 17.03
N ALA J 65 -5.53 13.83 17.40
CA ALA J 65 -6.11 14.10 18.70
C ALA J 65 -5.19 13.66 19.83
N CYS J 66 -4.60 12.46 19.69
CA CYS J 66 -3.74 11.96 20.75
C CYS J 66 -2.48 12.81 20.89
N TYR J 67 -1.89 13.24 19.78
CA TYR J 67 -0.72 14.11 19.88
C TYR J 67 -1.09 15.44 20.50
N ASP J 68 -2.23 16.01 20.12
CA ASP J 68 -2.65 17.27 20.70
C ASP J 68 -2.84 17.15 22.21
N ARG J 69 -3.47 16.06 22.66
CA ARG J 69 -3.65 15.87 24.09
C ARG J 69 -2.32 15.66 24.80
N ALA J 70 -1.42 14.88 24.21
CA ALA J 70 -0.14 14.58 24.85
C ALA J 70 0.72 15.84 24.98
N PHE J 71 0.77 16.65 23.93
CA PHE J 71 1.64 17.83 23.89
C PHE J 71 0.81 19.03 23.47
N PRO J 72 0.03 19.60 24.39
CA PRO J 72 -0.80 20.75 24.03
C PRO J 72 0.02 21.92 23.50
N ILE J 73 1.18 22.16 24.09
CA ILE J 73 2.12 23.18 23.63
C ILE J 73 3.49 22.54 23.55
N SER J 74 4.14 22.66 22.40
CA SER J 74 5.48 22.11 22.24
C SER J 74 6.44 22.79 23.20
N HIS J 75 7.43 22.03 23.67
CA HIS J 75 8.40 22.59 24.61
C HIS J 75 9.14 23.76 23.99
N ILE J 76 9.50 23.64 22.71
CA ILE J 76 10.30 24.68 22.07
C ILE J 76 9.54 25.99 22.02
N ARG J 77 8.24 25.95 21.70
CA ARG J 77 7.45 27.17 21.68
C ARG J 77 7.39 27.81 23.05
N TYR J 78 7.18 27.00 24.09
CA TYR J 78 7.12 27.53 25.45
C TYR J 78 8.44 28.18 25.83
N TRP J 79 9.56 27.55 25.48
CA TRP J 79 10.86 28.10 25.84
C TRP J 79 11.14 29.39 25.08
N VAL J 80 10.76 29.45 23.81
CA VAL J 80 10.96 30.68 23.04
C VAL J 80 10.15 31.81 23.66
N PHE J 81 8.88 31.53 23.99
CA PHE J 81 8.05 32.55 24.62
C PHE J 81 8.65 32.99 25.95
N GLN J 82 9.15 32.04 26.74
CA GLN J 82 9.77 32.38 28.01
C GLN J 82 10.99 33.27 27.82
N ILE J 83 11.82 32.95 26.83
CA ILE J 83 13.03 33.74 26.61
C ILE J 83 12.68 35.16 26.23
N ILE J 84 11.74 35.32 25.30
CA ILE J 84 11.36 36.67 24.88
C ILE J 84 10.75 37.44 26.04
N MET J 85 9.87 36.79 26.81
CA MET J 85 9.23 37.47 27.93
C MET J 85 10.25 37.89 28.97
N VAL J 86 11.22 37.03 29.27
CA VAL J 86 12.24 37.36 30.28
C VAL J 86 13.13 38.49 29.77
N CYS J 87 13.39 38.55 28.47
CA CYS J 87 14.17 39.64 27.92
C CYS J 87 13.39 40.94 27.81
N THR J 88 12.06 40.87 27.82
CA THR J 88 11.24 42.08 27.63
C THR J 88 11.56 43.20 28.61
N PRO J 89 11.70 42.97 29.91
CA PRO J 89 12.05 44.09 30.81
C PRO J 89 13.35 44.77 30.44
N SER J 90 14.35 44.01 29.99
CA SER J 90 15.59 44.63 29.54
C SER J 90 15.34 45.52 28.33
N LEU J 91 14.48 45.08 27.40
CA LEU J 91 14.15 45.92 26.26
C LEU J 91 13.44 47.19 26.71
N CYS J 92 12.54 47.08 27.70
CA CYS J 92 11.88 48.27 28.23
C CYS J 92 12.90 49.25 28.79
N PHE J 93 13.85 48.73 29.58
CA PHE J 93 14.87 49.60 30.16
C PHE J 93 15.73 50.25 29.09
N ILE J 94 16.12 49.48 28.07
CA ILE J 94 16.95 50.02 27.01
C ILE J 94 16.21 51.11 26.23
N THR J 95 14.93 50.86 25.93
CA THR J 95 14.14 51.88 25.23
C THR J 95 14.02 53.14 26.07
N TYR J 96 13.77 52.98 27.38
CA TYR J 96 13.68 54.14 28.26
C TYR J 96 14.98 54.93 28.27
N SER J 97 16.11 54.22 28.36
CA SER J 97 17.41 54.90 28.38
C SER J 97 17.67 55.62 27.06
N VAL J 98 17.38 54.96 25.94
CA VAL J 98 17.62 55.59 24.64
C VAL J 98 16.76 56.84 24.49
N HIS J 99 15.49 56.74 24.85
CA HIS J 99 14.59 57.87 24.70
C HIS J 99 14.92 59.01 25.65
N GLN J 100 15.40 58.70 26.86
CA GLN J 100 15.69 59.74 27.82
C GLN J 100 16.71 60.74 27.27
N SER J 101 17.74 60.24 26.59
CA SER J 101 18.75 61.09 25.98
C SER J 101 18.20 61.64 24.67
N ALA J 102 17.83 62.92 24.67
CA ALA J 102 17.27 63.57 23.49
C ALA J 102 16.02 62.84 23.03
N GLY J 194 16.98 58.83 38.84
CA GLY J 194 15.78 58.62 38.04
C GLY J 194 15.73 57.24 37.41
N ILE J 195 16.77 56.92 36.63
CA ILE J 195 16.83 55.63 35.97
C ILE J 195 17.08 54.49 36.96
N SER J 196 17.58 54.80 38.16
CA SER J 196 17.80 53.76 39.15
C SER J 196 16.49 53.12 39.57
N ARG J 197 15.43 53.92 39.72
CA ARG J 197 14.13 53.36 40.07
C ARG J 197 13.64 52.42 38.97
N PHE J 198 13.80 52.82 37.71
CA PHE J 198 13.39 51.95 36.61
C PHE J 198 14.21 50.67 36.60
N TYR J 199 15.50 50.77 36.90
CA TYR J 199 16.34 49.57 36.97
C TYR J 199 15.85 48.63 38.06
N ILE J 200 15.52 49.17 39.23
CA ILE J 200 15.02 48.33 40.32
C ILE J 200 13.70 47.67 39.91
N ILE J 201 12.81 48.44 39.28
CA ILE J 201 11.52 47.89 38.87
C ILE J 201 11.71 46.78 37.85
N GLN J 202 12.60 46.97 36.88
CA GLN J 202 12.81 45.95 35.86
C GLN J 202 13.48 44.72 36.45
N VAL J 203 14.35 44.89 37.45
CA VAL J 203 14.94 43.73 38.12
C VAL J 203 13.85 42.93 38.83
N VAL J 204 12.95 43.62 39.53
CA VAL J 204 11.86 42.94 40.22
C VAL J 204 10.99 42.19 39.22
N PHE J 205 10.65 42.85 38.10
CA PHE J 205 9.79 42.22 37.10
C PHE J 205 10.48 41.01 36.47
N ARG J 206 11.78 41.10 36.22
CA ARG J 206 12.50 39.96 35.68
C ARG J 206 12.49 38.80 36.66
N ASN J 207 12.72 39.09 37.94
CA ASN J 207 12.60 38.04 38.97
C ASN J 207 11.24 37.36 38.90
N ALA J 208 10.17 38.16 38.92
CA ALA J 208 8.83 37.60 38.94
C ALA J 208 8.57 36.76 37.69
N LEU J 209 8.96 37.26 36.52
CA LEU J 209 8.73 36.54 35.27
C LEU J 209 9.49 35.23 35.24
N GLU J 210 10.76 35.25 35.66
CA GLU J 210 11.55 34.01 35.65
C GLU J 210 10.96 32.98 36.60
N ILE J 211 10.59 33.39 37.80
CA ILE J 211 10.01 32.45 38.75
C ILE J 211 8.70 31.89 38.20
N GLY J 212 7.85 32.75 37.65
CA GLY J 212 6.59 32.28 37.11
C GLY J 212 6.78 31.30 35.98
N PHE J 213 7.73 31.57 35.08
CA PHE J 213 7.96 30.67 33.95
C PHE J 213 8.53 29.34 34.44
N LEU J 214 9.41 29.35 35.42
CA LEU J 214 9.92 28.10 35.97
C LEU J 214 8.79 27.27 36.57
N VAL J 215 7.93 27.90 37.37
CA VAL J 215 6.83 27.18 38.00
C VAL J 215 5.89 26.65 36.93
N GLY J 216 5.59 27.45 35.91
CA GLY J 216 4.72 27.00 34.85
C GLY J 216 5.29 25.83 34.08
N GLN J 217 6.60 25.87 33.81
CA GLN J 217 7.22 24.73 33.14
C GLN J 217 7.11 23.47 33.98
N TYR J 218 7.36 23.59 35.28
CA TYR J 218 7.25 22.41 36.14
C TYR J 218 5.83 21.86 36.12
N PHE J 219 4.83 22.74 36.24
CA PHE J 219 3.45 22.28 36.32
C PHE J 219 2.89 21.81 34.99
N LEU J 220 3.48 22.24 33.87
CA LEU J 220 2.98 21.90 32.55
C LEU J 220 3.65 20.68 31.94
N TYR J 221 4.95 20.49 32.18
CA TYR J 221 5.68 19.41 31.55
C TYR J 221 6.28 18.41 32.51
N GLY J 222 6.41 18.75 33.79
CA GLY J 222 7.05 17.84 34.73
C GLY J 222 8.55 17.81 34.56
N PHE J 223 9.15 16.62 34.68
CA PHE J 223 10.59 16.47 34.57
C PHE J 223 11.02 15.43 33.55
N SER J 224 10.08 14.76 32.88
CA SER J 224 10.45 13.76 31.88
C SER J 224 9.34 13.65 30.86
N VAL J 225 9.71 13.17 29.67
CA VAL J 225 8.78 12.89 28.58
C VAL J 225 8.67 11.36 28.47
N PRO J 226 7.53 10.77 28.86
CA PRO J 226 7.44 9.31 28.78
C PRO J 226 7.40 8.82 27.34
N GLY J 227 7.93 7.62 27.13
CA GLY J 227 7.95 7.04 25.80
C GLY J 227 6.59 6.54 25.33
N LEU J 228 5.68 6.27 26.26
CA LEU J 228 4.33 5.81 25.94
C LEU J 228 3.32 6.82 26.46
N TYR J 229 2.24 6.98 25.72
CA TYR J 229 1.14 7.84 26.12
C TYR J 229 -0.15 7.05 25.99
N GLU J 230 -1.03 7.19 26.98
CA GLU J 230 -2.32 6.51 27.00
C GLU J 230 -3.39 7.53 26.67
N CYS J 231 -3.94 7.43 25.45
CA CYS J 231 -4.82 8.46 24.90
C CYS J 231 -6.23 7.90 24.78
N ASN J 232 -7.21 8.62 25.32
CA ASN J 232 -8.60 8.20 25.32
C ASN J 232 -9.51 9.34 24.89
N ARG J 233 -9.15 9.98 23.78
CA ARG J 233 -9.89 11.12 23.25
C ARG J 233 -10.52 10.76 21.92
N TYR J 234 -11.70 11.30 21.68
CA TYR J 234 -12.38 11.10 20.41
C TYR J 234 -11.49 11.57 19.27
N PRO J 235 -11.46 10.86 18.13
CA PRO J 235 -12.26 9.69 17.72
C PRO J 235 -11.67 8.35 18.14
N CYS J 236 -10.61 8.34 18.92
CA CYS J 236 -10.01 7.08 19.32
C CYS J 236 -11.01 6.24 20.11
N ILE J 237 -11.04 4.94 19.79
CA ILE J 237 -12.00 4.03 20.41
C ILE J 237 -11.53 3.69 21.82
N LYS J 238 -12.31 4.09 22.82
CA LYS J 238 -11.97 3.86 24.22
C LYS J 238 -10.57 4.38 24.53
N GLU J 239 -9.58 3.49 24.56
CA GLU J 239 -8.24 3.86 25.01
C GLU J 239 -7.22 3.22 24.10
N VAL J 240 -6.24 4.01 23.66
CA VAL J 240 -5.21 3.56 22.74
C VAL J 240 -3.84 3.96 23.29
N GLU J 241 -2.81 3.30 22.77
CA GLU J 241 -1.43 3.54 23.16
C GLU J 241 -0.71 4.23 22.01
N CYS J 242 -0.03 5.33 22.32
CA CYS J 242 0.73 6.09 21.35
C CYS J 242 2.19 6.16 21.79
N TYR J 243 3.08 6.31 20.83
CA TYR J 243 4.52 6.23 21.07
C TYR J 243 5.18 7.54 20.66
N VAL J 244 5.94 8.11 21.59
CA VAL J 244 6.54 9.43 21.41
C VAL J 244 7.85 9.29 20.65
N SER J 245 8.25 10.37 19.99
CA SER J 245 9.47 10.40 19.21
C SER J 245 10.62 10.93 20.07
N ARG J 246 11.73 10.18 20.10
CA ARG J 246 12.93 10.52 20.85
C ARG J 246 12.59 11.12 22.23
N PRO J 247 11.90 10.37 23.09
CA PRO J 247 11.57 10.91 24.41
C PRO J 247 12.78 11.22 25.27
N THR J 248 13.87 10.47 25.14
CA THR J 248 15.02 10.68 26.02
C THR J 248 15.68 12.03 25.76
N GLU J 249 15.86 12.39 24.49
CA GLU J 249 16.47 13.67 24.16
C GLU J 249 15.61 14.83 24.66
N LYS J 250 14.29 14.71 24.51
CA LYS J 250 13.40 15.74 25.01
C LYS J 250 13.43 15.83 26.53
N THR J 251 13.56 14.69 27.21
CA THR J 251 13.70 14.71 28.65
C THR J 251 14.98 15.43 29.07
N VAL J 252 16.08 15.14 28.39
CA VAL J 252 17.34 15.82 28.69
C VAL J 252 17.21 17.31 28.46
N PHE J 253 16.58 17.69 27.34
CA PHE J 253 16.37 19.12 27.06
C PHE J 253 15.54 19.77 28.15
N LEU J 254 14.46 19.11 28.58
CA LEU J 254 13.61 19.64 29.63
C LEU J 254 14.39 19.87 30.91
N VAL J 255 15.14 18.85 31.34
CA VAL J 255 15.88 18.97 32.60
C VAL J 255 16.94 20.06 32.50
N PHE J 256 17.64 20.13 31.37
CA PHE J 256 18.68 21.13 31.21
C PHE J 256 18.09 22.54 31.23
N MET J 257 16.97 22.74 30.54
CA MET J 257 16.33 24.06 30.54
C MET J 257 15.84 24.42 31.93
N PHE J 258 15.30 23.45 32.66
CA PHE J 258 14.89 23.72 34.04
C PHE J 258 16.09 24.14 34.89
N ALA J 259 17.21 23.45 34.74
CA ALA J 259 18.40 23.81 35.51
C ALA J 259 18.88 25.20 35.17
N VAL J 260 18.90 25.55 33.89
CA VAL J 260 19.35 26.89 33.48
C VAL J 260 18.42 27.95 34.03
N SER J 261 17.11 27.71 33.95
CA SER J 261 16.15 28.67 34.49
C SER J 261 16.31 28.81 36.00
N GLY J 262 16.58 27.71 36.69
CA GLY J 262 16.82 27.79 38.12
C GLY J 262 18.06 28.60 38.45
N ILE J 263 19.13 28.43 37.66
CA ILE J 263 20.33 29.24 37.86
C ILE J 263 20.01 30.72 37.66
N CYS J 264 19.25 31.04 36.62
CA CYS J 264 18.86 32.42 36.38
C CYS J 264 18.05 32.97 37.55
N VAL J 265 17.13 32.17 38.06
CA VAL J 265 16.31 32.61 39.20
C VAL J 265 17.18 32.88 40.41
N VAL J 266 18.14 32.00 40.67
CA VAL J 266 19.02 32.18 41.82
C VAL J 266 19.84 33.46 41.67
N LEU J 267 20.38 33.69 40.47
CA LEU J 267 21.17 34.91 40.26
C LEU J 267 20.31 36.16 40.43
N ASN J 268 19.09 36.15 39.89
CA ASN J 268 18.22 37.30 40.04
C ASN J 268 17.85 37.54 41.50
N LEU J 269 17.61 36.46 42.24
CA LEU J 269 17.32 36.60 43.67
C LEU J 269 18.51 37.17 44.42
N ALA J 270 19.72 36.73 44.06
CA ALA J 270 20.91 37.30 44.68
C ALA J 270 21.02 38.78 44.40
N GLU J 271 20.76 39.18 43.15
CA GLU J 271 20.80 40.60 42.81
C GLU J 271 19.76 41.38 43.61
N LEU J 272 18.55 40.83 43.74
CA LEU J 272 17.50 41.49 44.52
C LEU J 272 17.92 41.65 45.97
N ASN J 273 18.50 40.60 46.56
CA ASN J 273 18.96 40.68 47.93
C ASN J 273 20.04 41.75 48.06
N HIS J 274 20.94 41.84 47.07
CA HIS J 274 21.95 42.89 47.09
C HIS J 274 21.30 44.27 47.08
N LEU J 275 20.26 44.44 46.26
CA LEU J 275 19.55 45.71 46.23
C LEU J 275 18.93 46.02 47.59
N GLY J 276 18.28 45.04 48.19
CA GLY J 276 17.74 45.19 49.53
C GLY J 276 16.27 45.53 49.53
N TRP J 277 15.58 45.15 50.61
CA TRP J 277 14.13 45.32 50.70
C TRP J 277 13.76 46.79 50.81
N ARG J 278 14.45 47.53 51.68
CA ARG J 278 14.14 48.94 51.87
C ARG J 278 14.25 49.72 50.57
N LYS J 279 15.03 49.23 49.62
CA LYS J 279 15.32 50.00 48.43
C LYS J 279 14.34 49.69 47.31
N ILE J 280 13.68 48.53 47.37
CA ILE J 280 12.58 48.23 46.46
C ILE J 280 11.26 48.73 47.01
N LYS J 281 11.14 48.86 48.34
CA LYS J 281 9.92 49.42 48.92
C LYS J 281 9.71 50.85 48.46
N LEU J 282 10.77 51.66 48.43
CA LEU J 282 10.66 53.03 47.99
C LEU J 282 10.63 53.11 46.48
N SER K 19 2.40 60.14 31.87
CA SER K 19 2.46 58.72 31.60
C SER K 19 2.57 58.45 30.10
N THR K 20 2.67 59.52 29.30
CA THR K 20 2.83 59.35 27.86
C THR K 20 4.11 58.58 27.54
N MET K 21 5.16 58.82 28.32
CA MET K 21 6.45 58.23 28.01
C MET K 21 6.43 56.72 28.20
N ILE K 22 5.92 56.28 29.35
CA ILE K 22 5.79 54.84 29.60
C ILE K 22 4.83 54.23 28.59
N GLY K 23 3.80 54.96 28.19
CA GLY K 23 2.89 54.45 27.17
C GLY K 23 3.60 54.17 25.86
N ARG K 24 4.39 55.14 25.39
CA ARG K 24 5.13 54.95 24.15
C ARG K 24 6.12 53.79 24.26
N ILE K 25 6.84 53.72 25.39
CA ILE K 25 7.81 52.66 25.58
C ILE K 25 7.13 51.30 25.55
N LEU K 26 6.02 51.18 26.27
CA LEU K 26 5.29 49.92 26.30
C LEU K 26 4.76 49.55 24.91
N LEU K 27 4.26 50.54 24.16
CA LEU K 27 3.75 50.26 22.82
C LEU K 27 4.86 49.72 21.94
N THR K 28 6.02 50.37 21.96
CA THR K 28 7.15 49.90 21.15
C THR K 28 7.57 48.49 21.56
N VAL K 29 7.65 48.24 22.87
CA VAL K 29 8.09 46.94 23.36
C VAL K 29 7.09 45.86 22.93
N VAL K 30 5.80 46.15 23.04
CA VAL K 30 4.79 45.15 22.68
C VAL K 30 4.82 44.89 21.18
N VAL K 31 5.03 45.92 20.37
CA VAL K 31 5.11 45.71 18.93
C VAL K 31 6.29 44.82 18.59
N ILE K 32 7.45 45.09 19.19
CA ILE K 32 8.62 44.26 18.93
C ILE K 32 8.37 42.84 19.41
N PHE K 33 7.70 42.70 20.56
CA PHE K 33 7.41 41.38 21.10
C PHE K 33 6.53 40.58 20.14
N ARG K 34 5.49 41.19 19.62
CA ARG K 34 4.61 40.51 18.68
C ARG K 34 5.37 40.12 17.42
N ILE K 35 6.19 41.04 16.88
CA ILE K 35 6.94 40.74 15.67
C ILE K 35 7.86 39.54 15.91
N LEU K 36 8.58 39.55 17.04
CA LEU K 36 9.51 38.46 17.32
C LEU K 36 8.77 37.14 17.46
N ILE K 37 7.67 37.13 18.23
CA ILE K 37 6.94 35.88 18.45
C ILE K 37 6.47 35.31 17.13
N VAL K 38 5.81 36.14 16.31
CA VAL K 38 5.35 35.68 15.01
C VAL K 38 6.53 35.11 14.21
N ALA K 39 7.51 35.97 13.93
CA ALA K 39 8.59 35.57 13.03
C ALA K 39 9.32 34.34 13.52
N ILE K 40 9.31 34.06 14.83
CA ILE K 40 10.10 32.95 15.35
C ILE K 40 9.30 31.66 15.39
N VAL K 41 8.04 31.68 15.86
CA VAL K 41 7.32 30.44 16.10
C VAL K 41 6.14 30.23 15.14
N GLY K 42 5.53 31.29 14.62
CA GLY K 42 4.32 31.12 13.84
C GLY K 42 4.53 30.24 12.61
N GLU K 43 5.66 30.44 11.92
CA GLU K 43 5.91 29.65 10.73
C GLU K 43 5.98 28.16 11.05
N THR K 44 6.65 27.81 12.15
CA THR K 44 6.80 26.41 12.52
C THR K 44 5.50 25.80 13.04
N VAL K 45 4.69 26.59 13.75
CA VAL K 45 3.45 26.05 14.30
C VAL K 45 2.50 25.63 13.18
N TYR K 46 2.43 26.43 12.12
CA TYR K 46 1.50 26.20 11.02
C TYR K 46 2.17 25.56 9.81
N ASP K 47 3.21 24.76 10.03
CA ASP K 47 3.92 24.17 8.90
C ASP K 47 3.18 22.98 8.31
N ASP K 48 2.73 22.05 9.17
CA ASP K 48 2.02 20.86 8.74
C ASP K 48 0.51 21.03 8.85
N GLU K 49 0.00 22.24 8.66
CA GLU K 49 -1.43 22.49 8.83
C GLU K 49 -2.24 21.64 7.86
N GLN K 50 -1.79 21.53 6.61
CA GLN K 50 -2.54 20.77 5.61
C GLN K 50 -2.06 19.33 5.48
N THR K 51 -0.77 19.07 5.67
CA THR K 51 -0.28 17.70 5.56
C THR K 51 -0.89 16.82 6.64
N MET K 52 -1.04 17.34 7.86
CA MET K 52 -1.62 16.60 8.96
C MET K 52 -3.13 16.74 9.05
N PHE K 53 -3.74 17.53 8.16
CA PHE K 53 -5.19 17.60 8.08
C PHE K 53 -5.71 16.37 7.36
N VAL K 54 -6.57 15.60 8.03
CA VAL K 54 -7.06 14.34 7.50
C VAL K 54 -8.59 14.30 7.64
N CYS K 55 -9.25 13.82 6.60
CA CYS K 55 -10.70 13.65 6.58
C CYS K 55 -11.04 12.18 6.47
N ASN K 56 -12.08 11.76 7.19
CA ASN K 56 -12.51 10.37 7.18
C ASN K 56 -13.32 10.13 5.91
N THR K 57 -12.62 9.79 4.83
CA THR K 57 -13.26 9.59 3.54
C THR K 57 -12.27 8.95 2.59
N LEU K 58 -12.80 8.40 1.50
CA LEU K 58 -11.98 7.87 0.41
C LEU K 58 -12.07 8.71 -0.85
N GLN K 59 -12.89 9.75 -0.85
CA GLN K 59 -13.08 10.56 -2.05
C GLN K 59 -11.82 11.36 -2.34
N PRO K 60 -11.19 11.21 -3.50
CA PRO K 60 -10.04 12.05 -3.83
C PRO K 60 -10.44 13.52 -3.88
N GLY K 61 -9.56 14.38 -3.38
CA GLY K 61 -9.78 15.80 -3.40
C GLY K 61 -10.67 16.32 -2.29
N CYS K 62 -11.19 15.46 -1.42
CA CYS K 62 -12.02 15.94 -0.33
C CYS K 62 -11.18 16.61 0.76
N ASN K 63 -9.96 16.12 0.99
CA ASN K 63 -9.09 16.75 1.98
C ASN K 63 -8.81 18.21 1.58
N GLN K 64 -8.49 18.44 0.31
CA GLN K 64 -8.18 19.79 -0.14
C GLN K 64 -9.36 20.72 0.07
N ALA K 65 -10.54 20.32 -0.39
CA ALA K 65 -11.71 21.17 -0.26
C ALA K 65 -12.07 21.43 1.19
N CYS K 66 -12.02 20.37 2.02
CA CYS K 66 -12.40 20.54 3.42
C CYS K 66 -11.40 21.44 4.15
N TYR K 67 -10.10 21.27 3.89
CA TYR K 67 -9.13 22.14 4.52
C TYR K 67 -9.32 23.59 4.06
N ASP K 68 -9.56 23.80 2.77
CA ASP K 68 -9.75 25.15 2.28
C ASP K 68 -10.97 25.81 2.92
N ARG K 69 -12.05 25.05 3.10
CA ARG K 69 -13.23 25.61 3.75
C ARG K 69 -12.97 25.88 5.22
N ALA K 70 -12.27 24.98 5.90
CA ALA K 70 -12.05 25.14 7.34
C ALA K 70 -11.15 26.32 7.63
N PHE K 71 -10.09 26.50 6.84
CA PHE K 71 -9.08 27.55 7.06
C PHE K 71 -8.89 28.33 5.77
N PRO K 72 -9.83 29.22 5.43
CA PRO K 72 -9.67 29.99 4.19
C PRO K 72 -8.37 30.76 4.13
N ILE K 73 -7.95 31.34 5.26
CA ILE K 73 -6.67 32.03 5.37
C ILE K 73 -5.98 31.54 6.63
N SER K 74 -4.74 31.09 6.50
CA SER K 74 -4.00 30.64 7.66
C SER K 74 -3.81 31.78 8.64
N HIS K 75 -3.84 31.45 9.93
CA HIS K 75 -3.67 32.47 10.96
C HIS K 75 -2.35 33.21 10.77
N ILE K 76 -1.29 32.48 10.42
CA ILE K 76 0.03 33.10 10.33
C ILE K 76 0.05 34.17 9.23
N ARG K 77 -0.55 33.87 8.08
CA ARG K 77 -0.59 34.85 7.01
C ARG K 77 -1.36 36.09 7.43
N TYR K 78 -2.50 35.91 8.10
CA TYR K 78 -3.28 37.04 8.56
C TYR K 78 -2.48 37.89 9.54
N TRP K 79 -1.76 37.24 10.46
CA TRP K 79 -0.99 37.99 11.46
C TRP K 79 0.17 38.72 10.82
N VAL K 80 0.83 38.11 9.85
CA VAL K 80 1.92 38.80 9.14
C VAL K 80 1.39 40.03 8.43
N PHE K 81 0.27 39.87 7.72
CA PHE K 81 -0.32 41.01 7.03
C PHE K 81 -0.70 42.10 8.01
N GLN K 82 -1.28 41.72 9.16
CA GLN K 82 -1.65 42.69 10.17
C GLN K 82 -0.43 43.44 10.67
N ILE K 83 0.66 42.73 10.94
CA ILE K 83 1.86 43.37 11.48
C ILE K 83 2.40 44.38 10.49
N ILE K 84 2.53 43.98 9.22
CA ILE K 84 3.08 44.90 8.23
C ILE K 84 2.16 46.10 8.06
N MET K 85 0.85 45.87 8.01
CA MET K 85 -0.08 47.00 7.82
C MET K 85 -0.04 47.95 9.00
N VAL K 86 0.06 47.41 10.22
CA VAL K 86 0.11 48.27 11.40
C VAL K 86 1.41 49.05 11.45
N CYS K 87 2.50 48.46 10.97
CA CYS K 87 3.77 49.19 10.91
C CYS K 87 3.82 50.20 9.77
N THR K 88 2.96 50.05 8.77
CA THR K 88 2.99 50.94 7.60
C THR K 88 2.94 52.42 7.97
N PRO K 89 2.05 52.90 8.84
CA PRO K 89 2.06 54.34 9.19
C PRO K 89 3.39 54.81 9.73
N SER K 90 4.07 53.99 10.54
CA SER K 90 5.39 54.39 11.02
C SER K 90 6.37 54.52 9.86
N LEU K 91 6.31 53.60 8.90
CA LEU K 91 7.16 53.72 7.72
C LEU K 91 6.87 54.99 6.95
N CYS K 92 5.59 55.34 6.82
CA CYS K 92 5.22 56.58 6.14
C CYS K 92 5.81 57.78 6.87
N PHE K 93 5.69 57.80 8.20
CA PHE K 93 6.23 58.92 8.97
C PHE K 93 7.74 59.02 8.82
N ILE K 94 8.44 57.88 8.88
CA ILE K 94 9.90 57.89 8.76
C ILE K 94 10.32 58.37 7.37
N THR K 95 9.63 57.90 6.33
CA THR K 95 9.96 58.33 4.98
C THR K 95 9.70 59.82 4.81
N TYR K 96 8.60 60.33 5.38
CA TYR K 96 8.32 61.76 5.31
C TYR K 96 9.41 62.55 6.01
N SER K 97 9.84 62.10 7.19
CA SER K 97 10.90 62.80 7.91
C SER K 97 12.19 62.81 7.11
N VAL K 98 12.55 61.67 6.51
CA VAL K 98 13.78 61.61 5.72
C VAL K 98 13.69 62.52 4.52
N HIS K 99 12.55 62.50 3.81
CA HIS K 99 12.40 63.34 2.62
C HIS K 99 12.44 64.81 2.97
N GLN K 100 11.83 65.20 4.09
CA GLN K 100 11.80 66.62 4.47
C GLN K 100 13.21 67.16 4.65
N SER K 101 14.08 66.41 5.31
CA SER K 101 15.46 66.83 5.54
C SER K 101 16.26 66.61 4.26
N ALA K 102 16.57 67.70 3.55
CA ALA K 102 17.33 67.62 2.31
C ALA K 102 16.63 66.70 1.32
N GLY K 194 5.07 71.42 11.79
CA GLY K 194 4.68 70.80 10.54
C GLY K 194 4.57 69.30 10.65
N ILE K 195 5.63 68.67 11.16
CA ILE K 195 5.64 67.22 11.30
C ILE K 195 4.69 66.76 12.40
N SER K 196 4.27 67.66 13.29
CA SER K 196 3.34 67.28 14.35
C SER K 196 2.01 66.84 13.76
N ARG K 197 1.53 67.51 12.71
CA ARG K 197 0.30 67.10 12.07
C ARG K 197 0.43 65.70 11.48
N PHE K 198 1.56 65.42 10.84
CA PHE K 198 1.77 64.08 10.30
C PHE K 198 1.83 63.04 11.41
N TYR K 199 2.46 63.39 12.53
CA TYR K 199 2.51 62.48 13.67
C TYR K 199 1.11 62.15 14.17
N ILE K 200 0.27 63.18 14.33
CA ILE K 200 -1.09 62.96 14.80
C ILE K 200 -1.87 62.10 13.81
N ILE K 201 -1.73 62.40 12.52
CA ILE K 201 -2.47 61.64 11.51
C ILE K 201 -2.04 60.18 11.52
N GLN K 202 -0.73 59.92 11.62
CA GLN K 202 -0.28 58.53 11.63
C GLN K 202 -0.71 57.82 12.91
N VAL K 203 -0.78 58.54 14.04
CA VAL K 203 -1.27 57.91 15.26
C VAL K 203 -2.73 57.50 15.09
N VAL K 204 -3.54 58.39 14.52
CA VAL K 204 -4.94 58.06 14.31
C VAL K 204 -5.08 56.87 13.37
N PHE K 205 -4.30 56.87 12.28
CA PHE K 205 -4.39 55.78 11.31
C PHE K 205 -3.95 54.46 11.92
N ARG K 206 -2.89 54.48 12.73
CA ARG K 206 -2.43 53.25 13.38
C ARG K 206 -3.49 52.73 14.34
N ASN K 207 -4.12 53.63 15.12
CA ASN K 207 -5.18 53.21 16.01
C ASN K 207 -6.33 52.55 15.24
N ALA K 208 -6.75 53.20 14.15
CA ALA K 208 -7.85 52.65 13.37
C ALA K 208 -7.49 51.30 12.77
N LEU K 209 -6.27 51.18 12.25
CA LEU K 209 -5.85 49.91 11.66
C LEU K 209 -5.80 48.81 12.70
N GLU K 210 -5.26 49.10 13.88
CA GLU K 210 -5.20 48.08 14.92
C GLU K 210 -6.59 47.63 15.34
N ILE K 211 -7.51 48.57 15.53
CA ILE K 211 -8.87 48.21 15.92
C ILE K 211 -9.52 47.36 14.83
N GLY K 212 -9.36 47.77 13.57
CA GLY K 212 -9.95 47.02 12.48
C GLY K 212 -9.41 45.62 12.39
N PHE K 213 -8.09 45.45 12.55
CA PHE K 213 -7.50 44.13 12.47
C PHE K 213 -7.96 43.26 13.63
N LEU K 214 -8.07 43.83 14.83
CA LEU K 214 -8.57 43.05 15.96
C LEU K 214 -9.99 42.57 15.71
N VAL K 215 -10.86 43.46 15.24
CA VAL K 215 -12.24 43.07 14.97
C VAL K 215 -12.29 42.02 13.88
N GLY K 216 -11.50 42.19 12.82
CA GLY K 216 -11.48 41.22 11.76
C GLY K 216 -11.00 39.86 12.22
N GLN K 217 -9.97 39.83 13.07
CA GLN K 217 -9.50 38.56 13.62
C GLN K 217 -10.60 37.89 14.42
N TYR K 218 -11.30 38.65 15.26
CA TYR K 218 -12.37 38.06 16.06
C TYR K 218 -13.45 37.46 15.16
N PHE K 219 -13.86 38.21 14.14
CA PHE K 219 -14.95 37.73 13.28
C PHE K 219 -14.51 36.56 12.42
N LEU K 220 -13.26 36.54 12.00
CA LEU K 220 -12.81 35.54 11.04
C LEU K 220 -12.41 34.23 11.71
N TYR K 221 -11.83 34.29 12.91
CA TYR K 221 -11.29 33.11 13.57
C TYR K 221 -11.93 32.78 14.89
N GLY K 222 -12.68 33.69 15.51
CA GLY K 222 -13.22 33.40 16.82
C GLY K 222 -12.12 33.38 17.87
N PHE K 223 -12.32 32.52 18.87
CA PHE K 223 -11.39 32.41 19.99
C PHE K 223 -10.82 31.03 20.18
N SER K 224 -11.14 30.06 19.31
CA SER K 224 -10.62 28.71 19.48
C SER K 224 -10.58 28.03 18.12
N VAL K 225 -9.73 27.01 18.03
CA VAL K 225 -9.63 26.17 16.84
C VAL K 225 -10.17 24.79 17.20
N PRO K 226 -11.38 24.42 16.80
CA PRO K 226 -11.91 23.11 17.18
C PRO K 226 -11.10 21.99 16.56
N GLY K 227 -11.00 20.87 17.31
CA GLY K 227 -10.29 19.72 16.81
C GLY K 227 -11.04 18.94 15.75
N LEU K 228 -12.34 19.16 15.63
CA LEU K 228 -13.16 18.48 14.64
C LEU K 228 -13.78 19.52 13.72
N TYR K 229 -13.91 19.18 12.44
CA TYR K 229 -14.57 20.02 11.46
C TYR K 229 -15.56 19.19 10.67
N GLU K 230 -16.75 19.74 10.43
CA GLU K 230 -17.79 19.07 9.67
C GLU K 230 -17.85 19.73 8.30
N CYS K 231 -17.39 19.02 7.28
CA CYS K 231 -17.20 19.58 5.95
C CYS K 231 -18.18 18.92 4.99
N ASN K 232 -18.95 19.75 4.28
CA ASN K 232 -19.96 19.28 3.33
C ASN K 232 -19.82 19.99 2.00
N ARG K 233 -18.59 20.03 1.49
CA ARG K 233 -18.29 20.70 0.24
C ARG K 233 -17.90 19.67 -0.82
N TYR K 234 -18.29 19.92 -2.06
CA TYR K 234 -17.92 19.04 -3.15
C TYR K 234 -16.40 18.94 -3.24
N PRO K 235 -15.83 17.76 -3.55
CA PRO K 235 -16.47 16.49 -3.93
C PRO K 235 -16.85 15.59 -2.77
N CYS K 236 -16.71 16.04 -1.53
CA CYS K 236 -17.07 15.20 -0.40
C CYS K 236 -18.54 14.81 -0.46
N ILE K 237 -18.82 13.54 -0.18
CA ILE K 237 -20.17 13.01 -0.30
C ILE K 237 -20.97 13.46 0.91
N LYS K 238 -21.99 14.28 0.67
CA LYS K 238 -22.85 14.79 1.73
C LYS K 238 -22.03 15.50 2.80
N GLU K 239 -21.72 14.82 3.89
CA GLU K 239 -21.08 15.45 5.04
C GLU K 239 -20.03 14.52 5.61
N VAL K 240 -18.83 15.05 5.84
CA VAL K 240 -17.70 14.26 6.31
C VAL K 240 -17.09 14.95 7.52
N GLU K 241 -16.32 14.18 8.28
CA GLU K 241 -15.64 14.66 9.46
C GLU K 241 -14.14 14.74 9.20
N CYS K 242 -13.54 15.88 9.52
CA CYS K 242 -12.12 16.12 9.33
C CYS K 242 -11.49 16.50 10.65
N TYR K 243 -10.21 16.18 10.80
CA TYR K 243 -9.50 16.33 12.06
C TYR K 243 -8.33 17.29 11.88
N VAL K 244 -8.28 18.29 12.74
CA VAL K 244 -7.32 19.38 12.63
C VAL K 244 -6.03 18.99 13.32
N SER K 245 -4.93 19.60 12.89
CA SER K 245 -3.62 19.33 13.45
C SER K 245 -3.33 20.29 14.60
N ARG K 246 -2.88 19.74 15.72
CA ARG K 246 -2.56 20.48 16.95
C ARG K 246 -3.49 21.66 17.16
N PRO K 247 -4.79 21.43 17.33
CA PRO K 247 -5.71 22.55 17.56
C PRO K 247 -5.43 23.33 18.83
N THR K 248 -4.94 22.67 19.89
CA THR K 248 -4.74 23.38 21.15
C THR K 248 -3.66 24.44 21.04
N GLU K 249 -2.55 24.12 20.37
CA GLU K 249 -1.48 25.10 20.21
C GLU K 249 -1.96 26.29 19.39
N LYS K 250 -2.74 26.03 18.33
CA LYS K 250 -3.26 27.11 17.52
C LYS K 250 -4.26 27.96 18.30
N THR K 251 -5.06 27.34 19.15
CA THR K 251 -5.96 28.10 20.01
C THR K 251 -5.19 29.00 20.96
N VAL K 252 -4.13 28.48 21.57
CA VAL K 252 -3.32 29.28 22.47
C VAL K 252 -2.69 30.45 21.72
N PHE K 253 -2.16 30.18 20.52
CA PHE K 253 -1.56 31.24 19.73
C PHE K 253 -2.60 32.30 19.37
N LEU K 254 -3.80 31.88 18.99
CA LEU K 254 -4.84 32.82 18.62
C LEU K 254 -5.20 33.71 19.81
N VAL K 255 -5.40 33.11 20.98
CA VAL K 255 -5.76 33.90 22.15
C VAL K 255 -4.64 34.85 22.54
N PHE K 256 -3.39 34.39 22.47
CA PHE K 256 -2.27 35.24 22.81
C PHE K 256 -2.17 36.43 21.86
N MET K 257 -2.33 36.18 20.56
CA MET K 257 -2.26 37.27 19.59
C MET K 257 -3.40 38.25 19.80
N PHE K 258 -4.60 37.74 20.12
CA PHE K 258 -5.71 38.64 20.40
C PHE K 258 -5.41 39.51 21.61
N ALA K 259 -4.83 38.92 22.67
CA ALA K 259 -4.50 39.70 23.85
C ALA K 259 -3.46 40.77 23.53
N VAL K 260 -2.43 40.42 22.76
CA VAL K 260 -1.41 41.40 22.41
C VAL K 260 -2.00 42.52 21.58
N SER K 261 -2.86 42.19 20.61
CA SER K 261 -3.50 43.22 19.81
C SER K 261 -4.39 44.11 20.67
N GLY K 262 -5.08 43.53 21.64
CA GLY K 262 -5.88 44.34 22.54
C GLY K 262 -5.04 45.29 23.37
N ILE K 263 -3.89 44.82 23.84
CA ILE K 263 -2.98 45.71 24.58
C ILE K 263 -2.52 46.85 23.69
N CYS K 264 -2.17 46.54 22.43
CA CYS K 264 -1.76 47.59 21.50
C CYS K 264 -2.89 48.60 21.29
N VAL K 265 -4.12 48.11 21.14
CA VAL K 265 -5.26 49.00 20.94
C VAL K 265 -5.45 49.90 22.14
N VAL K 266 -5.33 49.34 23.35
CA VAL K 266 -5.50 50.14 24.55
C VAL K 266 -4.43 51.22 24.63
N LEU K 267 -3.17 50.86 24.33
CA LEU K 267 -2.10 51.84 24.37
C LEU K 267 -2.32 52.95 23.34
N ASN K 268 -2.76 52.57 22.13
CA ASN K 268 -3.02 53.58 21.11
C ASN K 268 -4.15 54.50 21.52
N LEU K 269 -5.21 53.96 22.13
CA LEU K 269 -6.30 54.79 22.61
C LEU K 269 -5.83 55.73 23.71
N ALA K 270 -4.96 55.24 24.60
CA ALA K 270 -4.41 56.11 25.63
C ALA K 270 -3.61 57.25 25.02
N GLU K 271 -2.80 56.96 24.01
CA GLU K 271 -2.05 58.01 23.34
C GLU K 271 -2.98 59.01 22.68
N LEU K 272 -4.04 58.52 22.02
CA LEU K 272 -5.01 59.41 21.39
C LEU K 272 -5.66 60.33 22.42
N ASN K 273 -6.05 59.76 23.57
CA ASN K 273 -6.64 60.57 24.64
C ASN K 273 -5.64 61.62 25.12
N HIS K 274 -4.37 61.24 25.24
CA HIS K 274 -3.35 62.21 25.63
C HIS K 274 -3.29 63.35 24.62
N LEU K 275 -3.34 63.04 23.33
CA LEU K 275 -3.33 64.10 22.32
C LEU K 275 -4.58 64.97 22.43
N GLY K 276 -5.74 64.36 22.64
CA GLY K 276 -6.97 65.10 22.85
C GLY K 276 -7.75 65.30 21.55
N TRP K 277 -9.05 65.54 21.73
CA TRP K 277 -9.95 65.72 20.58
C TRP K 277 -9.58 66.98 19.80
N ARG K 278 -9.42 68.10 20.50
CA ARG K 278 -9.25 69.38 19.81
C ARG K 278 -7.99 69.44 18.96
N LYS K 279 -7.03 68.54 19.19
CA LYS K 279 -5.82 68.55 18.38
C LYS K 279 -5.97 67.71 17.12
N ILE K 280 -6.61 66.54 17.23
CA ILE K 280 -6.84 65.74 16.04
C ILE K 280 -7.89 66.40 15.14
N LYS K 281 -8.84 67.15 15.74
CA LYS K 281 -9.85 67.82 14.93
C LYS K 281 -9.20 68.83 13.99
N LEU K 282 -8.23 69.60 14.49
CA LEU K 282 -7.55 70.58 13.66
C LEU K 282 -6.51 69.92 12.78
N SER L 19 1.05 67.74 -3.68
CA SER L 19 0.90 66.37 -3.20
C SER L 19 1.91 65.45 -3.87
N THR L 20 2.97 66.02 -4.44
CA THR L 20 4.01 65.19 -5.04
C THR L 20 4.86 64.51 -3.96
N MET L 21 5.11 65.19 -2.84
CA MET L 21 5.90 64.56 -1.79
C MET L 21 5.14 63.41 -1.15
N ILE L 22 3.86 63.63 -0.82
CA ILE L 22 3.06 62.55 -0.25
C ILE L 22 2.87 61.44 -1.27
N GLY L 23 2.75 61.79 -2.55
CA GLY L 23 2.65 60.76 -3.57
C GLY L 23 3.88 59.87 -3.62
N ARG L 24 5.07 60.50 -3.61
CA ARG L 24 6.30 59.73 -3.62
C ARG L 24 6.43 58.87 -2.36
N ILE L 25 6.06 59.42 -1.20
CA ILE L 25 6.15 58.67 0.04
C ILE L 25 5.23 57.46 -0.02
N LEU L 26 3.99 57.66 -0.47
CA LEU L 26 3.05 56.57 -0.57
C LEU L 26 3.53 55.51 -1.55
N LEU L 27 4.09 55.93 -2.69
CA LEU L 27 4.60 54.96 -3.65
C LEU L 27 5.71 54.12 -3.06
N THR L 28 6.66 54.77 -2.37
CA THR L 28 7.75 54.03 -1.76
C THR L 28 7.23 53.06 -0.70
N VAL L 29 6.29 53.52 0.13
CA VAL L 29 5.75 52.68 1.18
C VAL L 29 5.03 51.48 0.58
N VAL L 30 4.26 51.70 -0.48
CA VAL L 30 3.52 50.61 -1.10
C VAL L 30 4.48 49.60 -1.72
N VAL L 31 5.54 50.09 -2.37
CA VAL L 31 6.52 49.18 -2.97
C VAL L 31 7.16 48.32 -1.89
N ILE L 32 7.57 48.95 -0.79
CA ILE L 32 8.19 48.20 0.31
C ILE L 32 7.20 47.20 0.88
N PHE L 33 5.94 47.61 1.02
CA PHE L 33 4.91 46.74 1.57
C PHE L 33 4.73 45.50 0.68
N ARG L 34 4.65 45.71 -0.63
CA ARG L 34 4.50 44.58 -1.55
C ARG L 34 5.70 43.65 -1.48
N ILE L 35 6.91 44.21 -1.46
CA ILE L 35 8.11 43.38 -1.39
C ILE L 35 8.10 42.55 -0.13
N LEU L 36 7.79 43.18 1.01
CA LEU L 36 7.78 42.46 2.27
C LEU L 36 6.75 41.34 2.26
N ILE L 37 5.52 41.65 1.82
CA ILE L 37 4.47 40.65 1.82
C ILE L 37 4.87 39.46 0.96
N VAL L 38 5.32 39.72 -0.27
CA VAL L 38 5.75 38.62 -1.12
C VAL L 38 6.84 37.81 -0.43
N ALA L 39 7.96 38.45 -0.13
CA ALA L 39 9.12 37.73 0.39
C ALA L 39 8.79 36.95 1.66
N ILE L 40 7.82 37.40 2.44
CA ILE L 40 7.54 36.75 3.72
C ILE L 40 6.56 35.60 3.57
N VAL L 41 5.42 35.82 2.91
CA VAL L 41 4.35 34.82 2.91
C VAL L 41 4.24 34.06 1.59
N GLY L 42 4.55 34.68 0.45
CA GLY L 42 4.25 34.04 -0.82
C GLY L 42 4.90 32.67 -0.96
N GLU L 43 6.16 32.55 -0.56
CA GLU L 43 6.85 31.27 -0.68
C GLU L 43 6.13 30.19 0.12
N THR L 44 5.72 30.49 1.34
CA THR L 44 5.04 29.49 2.16
C THR L 44 3.67 29.15 1.59
N VAL L 45 2.95 30.14 1.06
CA VAL L 45 1.60 29.88 0.57
C VAL L 45 1.62 28.88 -0.58
N TYR L 46 2.62 28.98 -1.45
CA TYR L 46 2.69 28.16 -2.66
C TYR L 46 3.68 27.02 -2.53
N ASP L 47 4.04 26.62 -1.30
CA ASP L 47 5.03 25.58 -1.14
C ASP L 47 4.52 24.23 -1.64
N ASP L 48 3.31 23.84 -1.23
CA ASP L 48 2.73 22.56 -1.57
C ASP L 48 1.75 22.65 -2.74
N GLU L 49 2.01 23.55 -3.68
CA GLU L 49 1.08 23.73 -4.79
C GLU L 49 0.94 22.45 -5.61
N GLN L 50 2.05 21.74 -5.85
CA GLN L 50 2.01 20.52 -6.65
C GLN L 50 1.83 19.27 -5.81
N THR L 51 2.46 19.21 -4.64
CA THR L 51 2.36 18.01 -3.81
C THR L 51 0.92 17.77 -3.35
N MET L 52 0.18 18.83 -3.09
CA MET L 52 -1.21 18.73 -2.65
C MET L 52 -2.20 18.82 -3.81
N PHE L 53 -1.71 18.88 -5.05
CA PHE L 53 -2.56 18.88 -6.23
C PHE L 53 -2.82 17.44 -6.64
N VAL L 54 -4.08 17.04 -6.66
CA VAL L 54 -4.46 15.66 -6.88
C VAL L 54 -5.51 15.60 -7.98
N CYS L 55 -5.40 14.60 -8.85
CA CYS L 55 -6.36 14.35 -9.92
C CYS L 55 -7.02 13.00 -9.70
N ASN L 56 -8.32 12.94 -9.98
CA ASN L 56 -9.08 11.71 -9.83
C ASN L 56 -8.78 10.79 -11.01
N THR L 57 -7.74 9.98 -10.87
CA THR L 57 -7.32 9.11 -11.96
C THR L 57 -6.26 8.16 -11.44
N LEU L 58 -6.01 7.10 -12.22
CA LEU L 58 -4.93 6.16 -11.95
C LEU L 58 -3.81 6.24 -12.97
N GLN L 59 -3.96 7.05 -14.01
CA GLN L 59 -2.96 7.13 -15.05
C GLN L 59 -1.69 7.78 -14.53
N PRO L 60 -0.54 7.11 -14.57
CA PRO L 60 0.70 7.77 -14.17
C PRO L 60 0.99 8.97 -15.06
N GLY L 61 1.50 10.04 -14.45
CA GLY L 61 1.85 11.23 -15.18
C GLY L 61 0.71 12.18 -15.46
N CYS L 62 -0.52 11.82 -15.11
CA CYS L 62 -1.65 12.73 -15.34
C CYS L 62 -1.60 13.90 -14.38
N ASN L 63 -1.15 13.67 -13.13
CA ASN L 63 -1.05 14.75 -12.17
C ASN L 63 -0.10 15.84 -12.67
N GLN L 64 1.07 15.44 -13.16
CA GLN L 64 2.05 16.42 -13.63
C GLN L 64 1.50 17.23 -14.79
N ALA L 65 0.93 16.55 -15.78
CA ALA L 65 0.42 17.25 -16.95
C ALA L 65 -0.72 18.19 -16.58
N CYS L 66 -1.65 17.73 -15.74
CA CYS L 66 -2.78 18.56 -15.37
C CYS L 66 -2.33 19.76 -14.54
N TYR L 67 -1.39 19.57 -13.61
CA TYR L 67 -0.90 20.70 -12.84
C TYR L 67 -0.19 21.71 -13.75
N ASP L 68 0.62 21.22 -14.68
CA ASP L 68 1.32 22.13 -15.59
C ASP L 68 0.33 22.93 -16.43
N ARG L 69 -0.73 22.27 -16.91
CA ARG L 69 -1.74 22.99 -17.68
C ARG L 69 -2.48 24.02 -16.82
N ALA L 70 -2.81 23.64 -15.58
CA ALA L 70 -3.60 24.53 -14.74
C ALA L 70 -2.81 25.75 -14.32
N PHE L 71 -1.54 25.57 -13.98
CA PHE L 71 -0.69 26.65 -13.46
C PHE L 71 0.61 26.67 -14.27
N PRO L 72 0.57 27.21 -15.49
CA PRO L 72 1.80 27.25 -16.29
C PRO L 72 2.93 27.97 -15.60
N ILE L 73 2.63 29.06 -14.90
CA ILE L 73 3.61 29.79 -14.09
C ILE L 73 2.98 30.05 -12.73
N SER L 74 3.70 29.71 -11.68
CA SER L 74 3.19 29.95 -10.33
C SER L 74 3.02 31.45 -10.11
N HIS L 75 2.01 31.81 -9.32
CA HIS L 75 1.77 33.22 -9.03
C HIS L 75 2.98 33.86 -8.38
N ILE L 76 3.63 33.13 -7.47
CA ILE L 76 4.75 33.70 -6.72
C ILE L 76 5.90 34.06 -7.65
N ARG L 77 6.21 33.17 -8.60
CA ARG L 77 7.28 33.46 -9.55
C ARG L 77 6.96 34.69 -10.38
N TYR L 78 5.73 34.79 -10.86
CA TYR L 78 5.33 35.95 -11.64
C TYR L 78 5.44 37.23 -10.84
N TRP L 79 5.01 37.20 -9.58
CA TRP L 79 5.06 38.39 -8.74
C TRP L 79 6.51 38.78 -8.44
N VAL L 80 7.38 37.80 -8.19
CA VAL L 80 8.79 38.11 -7.95
C VAL L 80 9.39 38.76 -9.18
N PHE L 81 9.13 38.19 -10.35
CA PHE L 81 9.65 38.78 -11.58
C PHE L 81 9.12 40.19 -11.78
N GLN L 82 7.84 40.40 -11.50
CA GLN L 82 7.25 41.73 -11.62
C GLN L 82 7.93 42.71 -10.69
N ILE L 83 8.17 42.31 -9.44
CA ILE L 83 8.78 43.21 -8.47
C ILE L 83 10.18 43.61 -8.92
N ILE L 84 10.98 42.63 -9.33
CA ILE L 84 12.35 42.95 -9.75
C ILE L 84 12.33 43.86 -10.98
N MET L 85 11.47 43.54 -11.96
CA MET L 85 11.43 44.36 -13.17
C MET L 85 10.98 45.78 -12.85
N VAL L 86 9.98 45.94 -11.97
CA VAL L 86 9.50 47.26 -11.62
C VAL L 86 10.57 48.05 -10.88
N CYS L 87 11.38 47.37 -10.06
CA CYS L 87 12.47 48.05 -9.37
C CYS L 87 13.65 48.36 -10.30
N THR L 88 13.76 47.66 -11.42
CA THR L 88 14.91 47.83 -12.31
C THR L 88 15.16 49.28 -12.72
N PRO L 89 14.15 50.06 -13.14
CA PRO L 89 14.44 51.47 -13.48
C PRO L 89 15.07 52.26 -12.36
N SER L 90 14.64 52.01 -11.11
CA SER L 90 15.26 52.69 -9.98
C SER L 90 16.73 52.30 -9.85
N LEU L 91 17.04 51.01 -10.07
CA LEU L 91 18.43 50.58 -10.03
C LEU L 91 19.23 51.27 -11.13
N CYS L 92 18.65 51.40 -12.33
CA CYS L 92 19.34 52.09 -13.41
C CYS L 92 19.63 53.53 -13.02
N PHE L 93 18.64 54.21 -12.44
CA PHE L 93 18.84 55.60 -12.03
C PHE L 93 19.93 55.71 -10.97
N ILE L 94 19.92 54.80 -9.98
CA ILE L 94 20.92 54.86 -8.91
C ILE L 94 22.30 54.61 -9.48
N THR L 95 22.43 53.63 -10.37
CA THR L 95 23.74 53.35 -10.97
C THR L 95 24.22 54.52 -11.80
N TYR L 96 23.32 55.16 -12.55
CA TYR L 96 23.71 56.32 -13.33
C TYR L 96 24.17 57.46 -12.43
N SER L 97 23.46 57.69 -11.32
CA SER L 97 23.86 58.73 -10.39
C SER L 97 25.23 58.43 -9.79
N VAL L 98 25.47 57.18 -9.42
CA VAL L 98 26.77 56.80 -8.85
C VAL L 98 27.88 57.02 -9.87
N HIS L 99 27.66 56.58 -11.12
CA HIS L 99 28.67 56.75 -12.15
C HIS L 99 28.91 58.22 -12.46
N GLN L 100 27.88 59.05 -12.35
CA GLN L 100 28.04 60.48 -12.65
C GLN L 100 29.05 61.12 -11.71
N SER L 101 29.00 60.77 -10.42
CA SER L 101 29.90 61.35 -9.44
C SER L 101 31.21 60.57 -9.45
N ALA L 102 32.25 61.17 -10.00
CA ALA L 102 33.56 60.54 -10.08
C ALA L 102 33.47 59.21 -10.81
N GLY L 194 20.75 67.65 -15.93
CA GLY L 194 20.98 66.48 -16.74
C GLY L 194 20.29 65.24 -16.20
N ILE L 195 20.42 65.02 -14.89
CA ILE L 195 19.80 63.87 -14.25
C ILE L 195 18.28 63.97 -14.27
N SER L 196 17.73 65.17 -14.47
CA SER L 196 16.27 65.31 -14.52
C SER L 196 15.69 64.55 -15.70
N ARG L 197 16.37 64.57 -16.85
CA ARG L 197 15.90 63.81 -18.00
C ARG L 197 15.88 62.32 -17.68
N PHE L 198 16.92 61.82 -17.03
CA PHE L 198 16.94 60.41 -16.66
C PHE L 198 15.83 60.09 -15.67
N TYR L 199 15.57 60.99 -14.73
CA TYR L 199 14.49 60.79 -13.77
C TYR L 199 13.15 60.68 -14.50
N ILE L 200 12.90 61.58 -15.45
CA ILE L 200 11.64 61.54 -16.19
C ILE L 200 11.54 60.24 -16.98
N ILE L 201 12.64 59.84 -17.63
CA ILE L 201 12.61 58.63 -18.44
C ILE L 201 12.32 57.41 -17.56
N GLN L 202 12.96 57.33 -16.40
CA GLN L 202 12.73 56.16 -15.55
C GLN L 202 11.32 56.19 -14.96
N VAL L 203 10.77 57.37 -14.69
CA VAL L 203 9.37 57.44 -14.24
C VAL L 203 8.45 56.88 -15.31
N VAL L 204 8.67 57.30 -16.57
CA VAL L 204 7.84 56.80 -17.66
C VAL L 204 7.97 55.29 -17.79
N PHE L 205 9.21 54.78 -17.72
CA PHE L 205 9.42 53.35 -17.88
C PHE L 205 8.80 52.57 -16.75
N ARG L 206 8.89 53.07 -15.51
CA ARG L 206 8.26 52.39 -14.39
C ARG L 206 6.76 52.36 -14.54
N ASN L 207 6.16 53.47 -14.98
CA ASN L 207 4.73 53.49 -15.22
C ASN L 207 4.33 52.44 -16.26
N ALA L 208 5.07 52.40 -17.38
CA ALA L 208 4.74 51.45 -18.43
C ALA L 208 4.89 50.02 -17.94
N LEU L 209 5.96 49.73 -17.21
CA LEU L 209 6.17 48.37 -16.72
C LEU L 209 5.08 47.96 -15.75
N GLU L 210 4.70 48.85 -14.84
CA GLU L 210 3.64 48.51 -13.89
C GLU L 210 2.33 48.25 -14.60
N ILE L 211 1.97 49.09 -15.56
CA ILE L 211 0.72 48.88 -16.29
C ILE L 211 0.76 47.56 -17.03
N GLY L 212 1.88 47.28 -17.70
CA GLY L 212 2.00 46.04 -18.44
C GLY L 212 1.89 44.83 -17.55
N PHE L 213 2.54 44.86 -16.39
CA PHE L 213 2.48 43.73 -15.48
C PHE L 213 1.07 43.53 -14.92
N LEU L 214 0.38 44.62 -14.61
CA LEU L 214 -1.00 44.50 -14.14
C LEU L 214 -1.88 43.86 -15.20
N VAL L 215 -1.76 44.33 -16.45
CA VAL L 215 -2.57 43.76 -17.53
C VAL L 215 -2.23 42.29 -17.73
N GLY L 216 -0.94 41.96 -17.71
CA GLY L 216 -0.54 40.58 -17.88
C GLY L 216 -1.06 39.69 -16.77
N GLN L 217 -1.02 40.16 -15.54
CA GLN L 217 -1.57 39.39 -14.43
C GLN L 217 -3.05 39.14 -14.63
N TYR L 218 -3.80 40.18 -15.03
CA TYR L 218 -5.22 39.99 -15.27
C TYR L 218 -5.47 38.96 -16.36
N PHE L 219 -4.72 39.04 -17.47
CA PHE L 219 -4.97 38.14 -18.58
C PHE L 219 -4.46 36.73 -18.31
N LEU L 220 -3.52 36.57 -17.39
CA LEU L 220 -2.92 35.26 -17.14
C LEU L 220 -3.65 34.50 -16.04
N TYR L 221 -4.04 35.18 -14.95
CA TYR L 221 -4.63 34.52 -13.80
C TYR L 221 -6.06 34.91 -13.51
N GLY L 222 -6.60 35.92 -14.16
CA GLY L 222 -7.95 36.35 -13.84
C GLY L 222 -8.00 36.93 -12.44
N PHE L 223 -9.10 36.67 -11.74
CA PHE L 223 -9.33 37.21 -10.42
C PHE L 223 -9.56 36.16 -9.35
N SER L 224 -9.59 34.88 -9.70
CA SER L 224 -9.85 33.83 -8.72
C SER L 224 -9.15 32.56 -9.14
N VAL L 225 -8.93 31.69 -8.16
CA VAL L 225 -8.34 30.38 -8.39
C VAL L 225 -9.43 29.32 -8.12
N PRO L 226 -10.01 28.70 -9.15
CA PRO L 226 -11.08 27.74 -8.89
C PRO L 226 -10.56 26.52 -8.14
N GLY L 227 -11.44 25.96 -7.31
CA GLY L 227 -11.08 24.77 -6.55
C GLY L 227 -11.02 23.51 -7.39
N LEU L 228 -11.70 23.49 -8.52
CA LEU L 228 -11.70 22.35 -9.42
C LEU L 228 -11.15 22.76 -10.77
N TYR L 229 -10.37 21.86 -11.37
CA TYR L 229 -9.82 22.07 -12.71
C TYR L 229 -10.21 20.88 -13.58
N GLU L 230 -10.61 21.17 -14.81
CA GLU L 230 -10.99 20.14 -15.77
C GLU L 230 -9.85 19.99 -16.77
N CYS L 231 -9.14 18.87 -16.69
CA CYS L 231 -7.90 18.67 -17.42
C CYS L 231 -8.09 17.56 -18.46
N ASN L 232 -7.74 17.86 -19.70
CA ASN L 232 -7.90 16.91 -20.81
C ASN L 232 -6.63 16.85 -21.64
N ARG L 233 -5.49 16.71 -20.97
CA ARG L 233 -4.19 16.66 -21.61
C ARG L 233 -3.59 15.27 -21.48
N TYR L 234 -2.89 14.83 -22.51
CA TYR L 234 -2.22 13.55 -22.46
C TYR L 234 -1.26 13.51 -21.28
N PRO L 235 -1.13 12.38 -20.57
CA PRO L 235 -1.71 11.05 -20.80
C PRO L 235 -3.08 10.83 -20.19
N CYS L 236 -3.69 11.85 -19.59
CA CYS L 236 -5.01 11.66 -19.00
C CYS L 236 -6.01 11.22 -20.06
N ILE L 237 -6.84 10.23 -19.70
CA ILE L 237 -7.79 9.66 -20.64
C ILE L 237 -8.96 10.62 -20.79
N LYS L 238 -9.15 11.15 -22.00
CA LYS L 238 -10.23 12.08 -22.28
C LYS L 238 -10.19 13.27 -21.33
N GLU L 239 -11.01 13.25 -20.28
CA GLU L 239 -11.16 14.41 -19.41
C GLU L 239 -11.24 13.94 -17.97
N VAL L 240 -10.48 14.60 -17.10
CA VAL L 240 -10.41 14.26 -15.69
C VAL L 240 -10.59 15.51 -14.85
N GLU L 241 -10.90 15.30 -13.57
CA GLU L 241 -11.10 16.36 -12.60
C GLU L 241 -9.93 16.38 -11.63
N CYS L 242 -9.38 17.57 -11.39
CA CYS L 242 -8.27 17.75 -10.47
C CYS L 242 -8.66 18.80 -9.44
N TYR L 243 -8.06 18.69 -8.26
CA TYR L 243 -8.44 19.50 -7.11
C TYR L 243 -7.24 20.31 -6.64
N VAL L 244 -7.45 21.62 -6.53
CA VAL L 244 -6.38 22.57 -6.24
C VAL L 244 -6.18 22.69 -4.75
N SER L 245 -4.97 23.04 -4.33
CA SER L 245 -4.62 23.18 -2.93
C SER L 245 -4.87 24.61 -2.47
N ARG L 246 -5.62 24.74 -1.37
CA ARG L 246 -5.96 26.02 -0.74
C ARG L 246 -6.28 27.09 -1.79
N PRO L 247 -7.32 26.87 -2.62
CA PRO L 247 -7.67 27.89 -3.63
C PRO L 247 -8.08 29.22 -3.03
N THR L 248 -8.73 29.25 -1.87
CA THR L 248 -9.21 30.51 -1.32
C THR L 248 -8.06 31.43 -0.92
N GLU L 249 -7.02 30.87 -0.28
CA GLU L 249 -5.88 31.69 0.10
C GLU L 249 -5.20 32.28 -1.13
N LYS L 250 -5.05 31.47 -2.19
CA LYS L 250 -4.43 31.97 -3.41
C LYS L 250 -5.29 33.03 -4.08
N THR L 251 -6.61 32.86 -4.03
CA THR L 251 -7.50 33.88 -4.58
C THR L 251 -7.35 35.20 -3.82
N VAL L 252 -7.31 35.13 -2.49
CA VAL L 252 -7.13 36.34 -1.69
C VAL L 252 -5.79 36.99 -2.02
N PHE L 253 -4.73 36.19 -2.12
CA PHE L 253 -3.42 36.73 -2.45
C PHE L 253 -3.44 37.41 -3.82
N LEU L 254 -4.08 36.77 -4.80
CA LEU L 254 -4.14 37.33 -6.15
C LEU L 254 -4.88 38.67 -6.15
N VAL L 255 -6.02 38.73 -5.48
CA VAL L 255 -6.80 39.97 -5.43
C VAL L 255 -6.00 41.06 -4.72
N PHE L 256 -5.34 40.71 -3.62
CA PHE L 256 -4.56 41.70 -2.88
C PHE L 256 -3.42 42.24 -3.72
N MET L 257 -2.70 41.35 -4.43
CA MET L 257 -1.60 41.81 -5.27
C MET L 257 -2.12 42.68 -6.41
N PHE L 258 -3.27 42.33 -6.99
CA PHE L 258 -3.85 43.17 -8.02
C PHE L 258 -4.18 44.56 -7.47
N ALA L 259 -4.75 44.62 -6.27
CA ALA L 259 -5.08 45.91 -5.68
C ALA L 259 -3.82 46.75 -5.42
N VAL L 260 -2.77 46.11 -4.90
CA VAL L 260 -1.53 46.85 -4.64
C VAL L 260 -0.92 47.36 -5.94
N SER L 261 -0.91 46.52 -6.98
CA SER L 261 -0.38 46.95 -8.26
C SER L 261 -1.21 48.09 -8.84
N GLY L 262 -2.53 48.04 -8.67
CA GLY L 262 -3.36 49.14 -9.13
C GLY L 262 -3.08 50.43 -8.40
N ILE L 263 -2.84 50.35 -7.08
CA ILE L 263 -2.47 51.54 -6.33
C ILE L 263 -1.15 52.09 -6.84
N CYS L 264 -0.17 51.22 -7.11
CA CYS L 264 1.10 51.67 -7.65
C CYS L 264 0.90 52.36 -9.00
N VAL L 265 0.06 51.77 -9.85
CA VAL L 265 -0.20 52.35 -11.17
C VAL L 265 -0.83 53.74 -11.03
N VAL L 266 -1.79 53.87 -10.11
CA VAL L 266 -2.44 55.16 -9.91
C VAL L 266 -1.44 56.20 -9.43
N LEU L 267 -0.57 55.83 -8.49
CA LEU L 267 0.42 56.77 -7.99
C LEU L 267 1.39 57.18 -9.09
N ASN L 268 1.83 56.21 -9.91
CA ASN L 268 2.73 56.54 -11.02
C ASN L 268 2.06 57.46 -12.02
N LEU L 269 0.79 57.22 -12.32
CA LEU L 269 0.06 58.09 -13.24
C LEU L 269 -0.08 59.50 -12.66
N ALA L 270 -0.32 59.60 -11.36
CA ALA L 270 -0.39 60.92 -10.73
C ALA L 270 0.95 61.65 -10.83
N GLU L 271 2.05 60.93 -10.59
CA GLU L 271 3.37 61.55 -10.74
C GLU L 271 3.60 62.00 -12.17
N LEU L 272 3.22 61.17 -13.15
CA LEU L 272 3.38 61.54 -14.54
C LEU L 272 2.58 62.80 -14.87
N ASN L 273 1.34 62.86 -14.40
CA ASN L 273 0.52 64.05 -14.63
C ASN L 273 1.16 65.27 -13.99
N HIS L 274 1.73 65.12 -12.80
CA HIS L 274 2.44 66.23 -12.17
C HIS L 274 3.59 66.69 -13.03
N LEU L 275 4.36 65.75 -13.60
CA LEU L 275 5.47 66.12 -14.47
C LEU L 275 4.97 66.89 -15.69
N GLY L 276 3.89 66.42 -16.30
CA GLY L 276 3.32 67.09 -17.45
C GLY L 276 3.78 66.52 -18.77
N TRP L 277 2.90 66.51 -19.76
CA TRP L 277 3.25 65.97 -21.07
C TRP L 277 4.32 66.82 -21.75
N ARG L 278 4.24 68.15 -21.59
CA ARG L 278 5.17 69.04 -22.27
C ARG L 278 6.60 68.86 -21.76
N LYS L 279 6.78 68.16 -20.65
CA LYS L 279 8.11 67.91 -20.10
C LYS L 279 8.65 66.54 -20.46
N ILE L 280 7.78 65.53 -20.51
CA ILE L 280 8.23 64.22 -20.99
C ILE L 280 8.50 64.27 -22.49
N LYS L 281 7.75 65.08 -23.23
CA LYS L 281 7.97 65.17 -24.67
C LYS L 281 9.38 65.64 -24.98
N LEU L 282 9.85 66.64 -24.26
CA LEU L 282 11.19 67.18 -24.49
C LEU L 282 12.25 66.25 -23.90
#